data_5MVL
# 
_entry.id   5MVL 
# 
_audit_conform.dict_name       mmcif_pdbx.dic 
_audit_conform.dict_version    5.391 
_audit_conform.dict_location   http://mmcif.pdb.org/dictionaries/ascii/mmcif_pdbx.dic 
# 
loop_
_database_2.database_id 
_database_2.database_code 
_database_2.pdbx_database_accession 
_database_2.pdbx_DOI 
PDB   5MVL         pdb_00005mvl 10.2210/pdb5mvl/pdb 
WWPDB D_1200003078 ?            ?                   
# 
loop_
_pdbx_audit_revision_history.ordinal 
_pdbx_audit_revision_history.data_content_type 
_pdbx_audit_revision_history.major_revision 
_pdbx_audit_revision_history.minor_revision 
_pdbx_audit_revision_history.revision_date 
1 'Structure model' 1 0 2017-05-10 
2 'Structure model' 1 1 2017-05-17 
3 'Structure model' 1 2 2017-05-24 
4 'Structure model' 1 3 2017-06-14 
5 'Structure model' 1 4 2017-08-30 
6 'Structure model' 1 5 2019-10-16 
7 'Structure model' 1 6 2024-05-08 
# 
_pdbx_audit_revision_details.ordinal             1 
_pdbx_audit_revision_details.revision_ordinal    1 
_pdbx_audit_revision_details.data_content_type   'Structure model' 
_pdbx_audit_revision_details.provider            repository 
_pdbx_audit_revision_details.type                'Initial release' 
_pdbx_audit_revision_details.description         ? 
_pdbx_audit_revision_details.details             ? 
# 
loop_
_pdbx_audit_revision_group.ordinal 
_pdbx_audit_revision_group.revision_ordinal 
_pdbx_audit_revision_group.data_content_type 
_pdbx_audit_revision_group.group 
1 2 'Structure model' 'Database references'        
2 3 'Structure model' 'Database references'        
3 4 'Structure model' 'Database references'        
4 5 'Structure model' 'Author supporting evidence' 
5 6 'Structure model' 'Data collection'            
6 7 'Structure model' 'Data collection'            
7 7 'Structure model' 'Database references'        
8 7 'Structure model' 'Derived calculations'       
# 
loop_
_pdbx_audit_revision_category.ordinal 
_pdbx_audit_revision_category.revision_ordinal 
_pdbx_audit_revision_category.data_content_type 
_pdbx_audit_revision_category.category 
1 4 'Structure model' citation               
2 5 'Structure model' pdbx_audit_support     
3 6 'Structure model' reflns_shell           
4 7 'Structure model' chem_comp_atom         
5 7 'Structure model' chem_comp_bond         
6 7 'Structure model' database_2             
7 7 'Structure model' pdbx_struct_conn_angle 
8 7 'Structure model' struct_conn            
# 
loop_
_pdbx_audit_revision_item.ordinal 
_pdbx_audit_revision_item.revision_ordinal 
_pdbx_audit_revision_item.data_content_type 
_pdbx_audit_revision_item.item 
1  4 'Structure model' '_citation.country'                         
2  4 'Structure model' '_citation.journal_volume'                  
3  4 'Structure model' '_citation.page_first'                      
4  4 'Structure model' '_citation.page_last'                       
5  5 'Structure model' '_pdbx_audit_support.funding_organization'  
6  7 'Structure model' '_database_2.pdbx_DOI'                      
7  7 'Structure model' '_database_2.pdbx_database_accession'       
8  7 'Structure model' '_pdbx_struct_conn_angle.ptnr1_auth_seq_id' 
9  7 'Structure model' '_pdbx_struct_conn_angle.ptnr3_auth_seq_id' 
10 7 'Structure model' '_pdbx_struct_conn_angle.value'             
11 7 'Structure model' '_struct_conn.pdbx_dist_value'              
12 7 'Structure model' '_struct_conn.ptnr2_auth_seq_id'            
# 
_pdbx_database_status.status_code                     REL 
_pdbx_database_status.status_code_sf                  REL 
_pdbx_database_status.status_code_mr                  ? 
_pdbx_database_status.entry_id                        5MVL 
_pdbx_database_status.recvd_initial_deposition_date   2017-01-16 
_pdbx_database_status.SG_entry                        N 
_pdbx_database_status.deposit_site                    PDBE 
_pdbx_database_status.process_site                    PDBE 
_pdbx_database_status.status_code_cs                  ? 
_pdbx_database_status.methods_development_category    ? 
_pdbx_database_status.pdb_format_compatible           Y 
_pdbx_database_status.status_code_nmr_data            ? 
# 
loop_
_audit_author.name 
_audit_author.pdbx_ordinal 
_audit_author.identifier_ORCID 
'Hardwick, J.S.'   1 0000-0002-3117-1035 
'Ptchelkine, D.'   2 ?                   
'Phillips, S.E.V.' 3 0000-0001-8922-0250 
'Brown, T.'        4 0000-0002-6538-3036 
# 
_citation.abstract                  ? 
_citation.abstract_id_CAS           ? 
_citation.book_id_ISBN              ? 
_citation.book_publisher            ? 
_citation.book_publisher_city       ? 
_citation.book_title                ? 
_citation.coordinate_linkage        ? 
_citation.country                   US 
_citation.database_id_Medline       ? 
_citation.details                   ? 
_citation.id                        primary 
_citation.journal_abbrev            'Nat. Struct. Mol. Biol.' 
_citation.journal_id_ASTM           ? 
_citation.journal_id_CSD            ? 
_citation.journal_id_ISSN           1545-9985 
_citation.journal_full              ? 
_citation.journal_issue             ? 
_citation.journal_volume            24 
_citation.language                  ? 
_citation.page_first                544 
_citation.page_last                 552 
_citation.title                     '5-Formylcytosine does not change the global structure of DNA.' 
_citation.year                      2017 
_citation.database_id_CSD           ? 
_citation.pdbx_database_id_DOI      10.1038/nsmb.3411 
_citation.pdbx_database_id_PubMed   28504696 
_citation.unpublished_flag          ? 
# 
loop_
_citation_author.citation_id 
_citation_author.name 
_citation_author.ordinal 
_citation_author.identifier_ORCID 
primary 'Hardwick, J.S.'   1 ? 
primary 'Ptchelkine, D.'   2 ? 
primary 'El-Sagheer, A.H.' 3 ? 
primary 'Tear, I.'         4 ? 
primary 'Singleton, D.'    5 ? 
primary 'Phillips, S.E.V.' 6 ? 
primary 'Lane, A.N.'       7 ? 
primary 'Brown, T.'        8 ? 
# 
loop_
_entity.id 
_entity.type 
_entity.src_method 
_entity.pdbx_description 
_entity.formula_weight 
_entity.pdbx_number_of_molecules 
_entity.pdbx_ec 
_entity.pdbx_mutation 
_entity.pdbx_fragment 
_entity.details 
1 polymer     syn 'Brominated DNA dodecamer' 3728.262 2  ? ? ? ? 
2 non-polymer syn 'MAGNESIUM ION'            24.305   1  ? ? ? ? 
3 water       nat water                      18.015   76 ? ? ? ? 
# 
_entity_poly.entity_id                      1 
_entity_poly.type                           polydeoxyribonucleotide 
_entity_poly.nstd_linkage                   no 
_entity_poly.nstd_monomer                   yes 
_entity_poly.pdbx_seq_one_letter_code       '(DC)(BRU)(DA)(DC)(DG)(DC)(DG)(DC)(DG)(DT)(DA)(DG)' 
_entity_poly.pdbx_seq_one_letter_code_can   CUACGCGCGTAG 
_entity_poly.pdbx_strand_id                 A,B 
_entity_poly.pdbx_target_identifier         ? 
# 
loop_
_pdbx_entity_nonpoly.entity_id 
_pdbx_entity_nonpoly.name 
_pdbx_entity_nonpoly.comp_id 
2 'MAGNESIUM ION' MG  
3 water           HOH 
# 
loop_
_entity_poly_seq.entity_id 
_entity_poly_seq.num 
_entity_poly_seq.mon_id 
_entity_poly_seq.hetero 
1 1  DC  n 
1 2  BRU n 
1 3  DA  n 
1 4  DC  n 
1 5  DG  n 
1 6  DC  n 
1 7  DG  n 
1 8  DC  n 
1 9  DG  n 
1 10 DT  n 
1 11 DA  n 
1 12 DG  n 
# 
_pdbx_entity_src_syn.entity_id              1 
_pdbx_entity_src_syn.pdbx_src_id            1 
_pdbx_entity_src_syn.pdbx_alt_source_flag   sample 
_pdbx_entity_src_syn.pdbx_beg_seq_num       1 
_pdbx_entity_src_syn.pdbx_end_seq_num       12 
_pdbx_entity_src_syn.organism_scientific    'synthetic construct' 
_pdbx_entity_src_syn.organism_common_name   ? 
_pdbx_entity_src_syn.ncbi_taxonomy_id       32630 
_pdbx_entity_src_syn.details                ? 
# 
loop_
_chem_comp.id 
_chem_comp.type 
_chem_comp.mon_nstd_flag 
_chem_comp.name 
_chem_comp.pdbx_synonyms 
_chem_comp.formula 
_chem_comp.formula_weight 
BRU 'DNA linking' n "5-BROMO-2'-DEOXYURIDINE-5'-MONOPHOSPHATE" ? 'C9 H12 Br N2 O8 P' 387.078 
DA  'DNA linking' y "2'-DEOXYADENOSINE-5'-MONOPHOSPHATE"       ? 'C10 H14 N5 O6 P'   331.222 
DC  'DNA linking' y "2'-DEOXYCYTIDINE-5'-MONOPHOSPHATE"        ? 'C9 H14 N3 O7 P'    307.197 
DG  'DNA linking' y "2'-DEOXYGUANOSINE-5'-MONOPHOSPHATE"       ? 'C10 H14 N5 O7 P'   347.221 
DT  'DNA linking' y "THYMIDINE-5'-MONOPHOSPHATE"               ? 'C10 H15 N2 O8 P'   322.208 
HOH non-polymer   . WATER                                      ? 'H2 O'              18.015  
MG  non-polymer   . 'MAGNESIUM ION'                            ? 'Mg 2'              24.305  
# 
loop_
_pdbx_poly_seq_scheme.asym_id 
_pdbx_poly_seq_scheme.entity_id 
_pdbx_poly_seq_scheme.seq_id 
_pdbx_poly_seq_scheme.mon_id 
_pdbx_poly_seq_scheme.ndb_seq_num 
_pdbx_poly_seq_scheme.pdb_seq_num 
_pdbx_poly_seq_scheme.auth_seq_num 
_pdbx_poly_seq_scheme.pdb_mon_id 
_pdbx_poly_seq_scheme.auth_mon_id 
_pdbx_poly_seq_scheme.pdb_strand_id 
_pdbx_poly_seq_scheme.pdb_ins_code 
_pdbx_poly_seq_scheme.hetero 
A 1 1  DC  1  1  1  DC  DC  A . n 
A 1 2  BRU 2  2  2  BRU BRU A . n 
A 1 3  DA  3  3  3  DA  DA  A . n 
A 1 4  DC  4  4  4  DC  DC  A . n 
A 1 5  DG  5  5  5  DG  DG  A . n 
A 1 6  DC  6  6  6  DC  DC  A . n 
A 1 7  DG  7  7  7  DG  DG  A . n 
A 1 8  DC  8  8  8  DC  DC  A . n 
A 1 9  DG  9  9  9  DG  DG  A . n 
A 1 10 DT  10 10 10 DT  DT  A . n 
A 1 11 DA  11 11 11 DA  DA  A . n 
A 1 12 DG  12 12 12 DG  DG  A . n 
B 1 1  DC  1  1  1  DC  DC  B . n 
B 1 2  BRU 2  2  2  BRU BRU B . n 
B 1 3  DA  3  3  3  DA  DA  B . n 
B 1 4  DC  4  4  4  DC  DC  B . n 
B 1 5  DG  5  5  5  DG  DG  B . n 
B 1 6  DC  6  6  6  DC  DC  B . n 
B 1 7  DG  7  7  7  DG  DG  B . n 
B 1 8  DC  8  8  8  DC  DC  B . n 
B 1 9  DG  9  9  9  DG  DG  B . n 
B 1 10 DT  10 10 10 DT  DT  B . n 
B 1 11 DA  11 11 11 DA  DA  B . n 
B 1 12 DG  12 12 12 DG  DG  B . n 
# 
loop_
_pdbx_nonpoly_scheme.asym_id 
_pdbx_nonpoly_scheme.entity_id 
_pdbx_nonpoly_scheme.mon_id 
_pdbx_nonpoly_scheme.ndb_seq_num 
_pdbx_nonpoly_scheme.pdb_seq_num 
_pdbx_nonpoly_scheme.auth_seq_num 
_pdbx_nonpoly_scheme.pdb_mon_id 
_pdbx_nonpoly_scheme.auth_mon_id 
_pdbx_nonpoly_scheme.pdb_strand_id 
_pdbx_nonpoly_scheme.pdb_ins_code 
C 2 MG  1  101 1  MG  MG  A . 
D 3 HOH 1  201 51 HOH HOH A . 
D 3 HOH 2  202 62 HOH HOH A . 
D 3 HOH 3  203 6  HOH HOH A . 
D 3 HOH 4  204 69 HOH HOH A . 
D 3 HOH 5  205 17 HOH HOH A . 
D 3 HOH 6  206 44 HOH HOH A . 
D 3 HOH 7  207 63 HOH HOH A . 
D 3 HOH 8  208 32 HOH HOH A . 
D 3 HOH 9  209 1  HOH HOH A . 
D 3 HOH 10 210 28 HOH HOH A . 
D 3 HOH 11 211 38 HOH HOH A . 
D 3 HOH 12 212 5  HOH HOH A . 
D 3 HOH 13 213 15 HOH HOH A . 
D 3 HOH 14 214 21 HOH HOH A . 
D 3 HOH 15 215 9  HOH HOH A . 
D 3 HOH 16 216 41 HOH HOH A . 
D 3 HOH 17 217 25 HOH HOH A . 
D 3 HOH 18 218 11 HOH HOH A . 
D 3 HOH 19 219 8  HOH HOH A . 
D 3 HOH 20 220 42 HOH HOH A . 
D 3 HOH 21 221 65 HOH HOH A . 
D 3 HOH 22 222 3  HOH HOH A . 
D 3 HOH 23 223 61 HOH HOH A . 
D 3 HOH 24 224 75 HOH HOH A . 
D 3 HOH 25 225 37 HOH HOH A . 
D 3 HOH 26 226 52 HOH HOH A . 
D 3 HOH 27 227 58 HOH HOH A . 
D 3 HOH 28 228 14 HOH HOH A . 
D 3 HOH 29 229 12 HOH HOH A . 
D 3 HOH 30 230 67 HOH HOH A . 
D 3 HOH 31 231 43 HOH HOH A . 
D 3 HOH 32 232 40 HOH HOH A . 
D 3 HOH 33 233 2  HOH HOH A . 
D 3 HOH 34 234 24 HOH HOH A . 
D 3 HOH 35 235 54 HOH HOH A . 
D 3 HOH 36 236 55 HOH HOH A . 
D 3 HOH 37 237 53 HOH HOH A . 
D 3 HOH 38 238 47 HOH HOH A . 
D 3 HOH 39 239 71 HOH HOH A . 
D 3 HOH 40 240 33 HOH HOH A . 
D 3 HOH 41 241 7  HOH HOH A . 
E 3 HOH 1  101 70 HOH HOH B . 
E 3 HOH 2  102 56 HOH HOH B . 
E 3 HOH 3  103 76 HOH HOH B . 
E 3 HOH 4  104 59 HOH HOH B . 
E 3 HOH 5  105 45 HOH HOH B . 
E 3 HOH 6  106 13 HOH HOH B . 
E 3 HOH 7  107 57 HOH HOH B . 
E 3 HOH 8  108 31 HOH HOH B . 
E 3 HOH 9  109 19 HOH HOH B . 
E 3 HOH 10 110 36 HOH HOH B . 
E 3 HOH 11 111 46 HOH HOH B . 
E 3 HOH 12 112 18 HOH HOH B . 
E 3 HOH 13 113 30 HOH HOH B . 
E 3 HOH 14 114 23 HOH HOH B . 
E 3 HOH 15 115 48 HOH HOH B . 
E 3 HOH 16 116 35 HOH HOH B . 
E 3 HOH 17 117 50 HOH HOH B . 
E 3 HOH 18 118 4  HOH HOH B . 
E 3 HOH 19 119 16 HOH HOH B . 
E 3 HOH 20 120 68 HOH HOH B . 
E 3 HOH 21 121 34 HOH HOH B . 
E 3 HOH 22 122 20 HOH HOH B . 
E 3 HOH 23 123 10 HOH HOH B . 
E 3 HOH 24 124 22 HOH HOH B . 
E 3 HOH 25 125 26 HOH HOH B . 
E 3 HOH 26 126 49 HOH HOH B . 
E 3 HOH 27 127 72 HOH HOH B . 
E 3 HOH 28 128 39 HOH HOH B . 
E 3 HOH 29 129 29 HOH HOH B . 
E 3 HOH 30 130 73 HOH HOH B . 
E 3 HOH 31 131 74 HOH HOH B . 
E 3 HOH 32 132 64 HOH HOH B . 
E 3 HOH 33 133 66 HOH HOH B . 
E 3 HOH 34 134 27 HOH HOH B . 
E 3 HOH 35 135 60 HOH HOH B . 
# 
loop_
_software.citation_id 
_software.classification 
_software.compiler_name 
_software.compiler_version 
_software.contact_author 
_software.contact_author_email 
_software.date 
_software.description 
_software.dependencies 
_software.hardware 
_software.language 
_software.location 
_software.mods 
_software.name 
_software.os 
_software.os_version 
_software.type 
_software.version 
_software.pdbx_ordinal 
? refinement       ? ? ? ? ? ? ? ? ? ? ? PHENIX  ? ? ? '(1.10.1_2155: ???)' 1 
? 'data reduction' ? ? ? ? ? ? ? ? ? ? ? XDS     ? ? ? .                    2 
? 'data scaling'   ? ? ? ? ? ? ? ? ? ? ? Aimless ? ? ? .                    3 
? phasing          ? ? ? ? ? ? ? ? ? ? ? SHELXD  ? ? ? .                    4 
# 
_cell.angle_alpha                  90.00 
_cell.angle_alpha_esd              ? 
_cell.angle_beta                   90.00 
_cell.angle_beta_esd               ? 
_cell.angle_gamma                  120.00 
_cell.angle_gamma_esd              ? 
_cell.entry_id                     5MVL 
_cell.details                      ? 
_cell.formula_units_Z              ? 
_cell.length_a                     43.517 
_cell.length_a_esd                 ? 
_cell.length_b                     43.517 
_cell.length_b_esd                 ? 
_cell.length_c                     60.850 
_cell.length_c_esd                 ? 
_cell.volume                       ? 
_cell.volume_esd                   ? 
_cell.Z_PDB                        12 
_cell.reciprocal_angle_alpha       ? 
_cell.reciprocal_angle_beta        ? 
_cell.reciprocal_angle_gamma       ? 
_cell.reciprocal_angle_alpha_esd   ? 
_cell.reciprocal_angle_beta_esd    ? 
_cell.reciprocal_angle_gamma_esd   ? 
_cell.reciprocal_length_a          ? 
_cell.reciprocal_length_b          ? 
_cell.reciprocal_length_c          ? 
_cell.reciprocal_length_a_esd      ? 
_cell.reciprocal_length_b_esd      ? 
_cell.reciprocal_length_c_esd      ? 
_cell.pdbx_unique_axis             ? 
# 
_symmetry.entry_id                         5MVL 
_symmetry.cell_setting                     ? 
_symmetry.Int_Tables_number                154 
_symmetry.space_group_name_Hall            ? 
_symmetry.space_group_name_H-M             'P 32 2 1' 
_symmetry.pdbx_full_space_group_name_H-M   ? 
# 
_exptl.absorpt_coefficient_mu     ? 
_exptl.absorpt_correction_T_max   ? 
_exptl.absorpt_correction_T_min   ? 
_exptl.absorpt_correction_type    ? 
_exptl.absorpt_process_details    ? 
_exptl.entry_id                   5MVL 
_exptl.crystals_number            1 
_exptl.details                    ? 
_exptl.method                     'X-RAY DIFFRACTION' 
_exptl.method_details             ? 
# 
_exptl_crystal.colour                      ? 
_exptl_crystal.density_diffrn              ? 
_exptl_crystal.density_Matthews            2.23 
_exptl_crystal.density_method              ? 
_exptl_crystal.density_percent_sol         44.86 
_exptl_crystal.description                 ? 
_exptl_crystal.F_000                       ? 
_exptl_crystal.id                          1 
_exptl_crystal.preparation                 ? 
_exptl_crystal.size_max                    ? 
_exptl_crystal.size_mid                    ? 
_exptl_crystal.size_min                    ? 
_exptl_crystal.size_rad                    ? 
_exptl_crystal.colour_lustre               ? 
_exptl_crystal.colour_modifier             ? 
_exptl_crystal.colour_primary              ? 
_exptl_crystal.density_meas                ? 
_exptl_crystal.density_meas_esd            ? 
_exptl_crystal.density_meas_gt             ? 
_exptl_crystal.density_meas_lt             ? 
_exptl_crystal.density_meas_temp           ? 
_exptl_crystal.density_meas_temp_esd       ? 
_exptl_crystal.density_meas_temp_gt        ? 
_exptl_crystal.density_meas_temp_lt        ? 
_exptl_crystal.pdbx_crystal_image_url      ? 
_exptl_crystal.pdbx_crystal_image_format   ? 
_exptl_crystal.pdbx_mosaicity              ? 
_exptl_crystal.pdbx_mosaicity_esd          ? 
# 
_exptl_crystal_grow.apparatus       ? 
_exptl_crystal_grow.atmosphere      ? 
_exptl_crystal_grow.crystal_id      1 
_exptl_crystal_grow.details         ? 
_exptl_crystal_grow.method          'VAPOR DIFFUSION, SITTING DROP' 
_exptl_crystal_grow.method_ref      ? 
_exptl_crystal_grow.pH              6.0 
_exptl_crystal_grow.pressure        ? 
_exptl_crystal_grow.pressure_esd    ? 
_exptl_crystal_grow.seeding         ? 
_exptl_crystal_grow.seeding_ref     ? 
_exptl_crystal_grow.temp            293 
_exptl_crystal_grow.temp_details    ? 
_exptl_crystal_grow.temp_esd        ? 
_exptl_crystal_grow.time            ? 
_exptl_crystal_grow.pdbx_details    
;Sodium chloride (80 mM)
Potassium chloride (12 mM)
Magnesium chloride (20 mM)
Spermine tetrahydrochloride (12 mM)
Sodium cacodylate (40 mM, pH 6.0)
MPD (40 % v/v)
;
_exptl_crystal_grow.pdbx_pH_range   ? 
# 
_diffrn.ambient_environment    ? 
_diffrn.ambient_temp           100 
_diffrn.ambient_temp_details   ? 
_diffrn.ambient_temp_esd       ? 
_diffrn.crystal_id             1 
_diffrn.crystal_support        ? 
_diffrn.crystal_treatment      ? 
_diffrn.details                ? 
_diffrn.id                     1 
_diffrn.ambient_pressure       ? 
_diffrn.ambient_pressure_esd   ? 
_diffrn.ambient_pressure_gt    ? 
_diffrn.ambient_pressure_lt    ? 
_diffrn.ambient_temp_gt        ? 
_diffrn.ambient_temp_lt        ? 
# 
_diffrn_detector.details                      ? 
_diffrn_detector.detector                     PIXEL 
_diffrn_detector.diffrn_id                    1 
_diffrn_detector.type                         'DECTRIS PILATUS 6M-F' 
_diffrn_detector.area_resol_mean              ? 
_diffrn_detector.dtime                        ? 
_diffrn_detector.pdbx_frames_total            ? 
_diffrn_detector.pdbx_collection_time_total   ? 
_diffrn_detector.pdbx_collection_date         2016-02-10 
# 
_diffrn_radiation.collimation                      ? 
_diffrn_radiation.diffrn_id                        1 
_diffrn_radiation.filter_edge                      ? 
_diffrn_radiation.inhomogeneity                    ? 
_diffrn_radiation.monochromator                    ? 
_diffrn_radiation.polarisn_norm                    ? 
_diffrn_radiation.polarisn_ratio                   ? 
_diffrn_radiation.probe                            ? 
_diffrn_radiation.type                             ? 
_diffrn_radiation.xray_symbol                      ? 
_diffrn_radiation.wavelength_id                    1 
_diffrn_radiation.pdbx_monochromatic_or_laue_m_l   M 
_diffrn_radiation.pdbx_wavelength_list             ? 
_diffrn_radiation.pdbx_wavelength                  ? 
_diffrn_radiation.pdbx_diffrn_protocol             MAD 
_diffrn_radiation.pdbx_analyzer                    ? 
_diffrn_radiation.pdbx_scattering_type             x-ray 
# 
loop_
_diffrn_radiation_wavelength.id 
_diffrn_radiation_wavelength.wavelength 
_diffrn_radiation_wavelength.wt 
1 0.920 1.0 
2 1.240 1.0 
# 
_diffrn_source.current                     ? 
_diffrn_source.details                     ? 
_diffrn_source.diffrn_id                   1 
_diffrn_source.power                       ? 
_diffrn_source.size                        ? 
_diffrn_source.source                      SYNCHROTRON 
_diffrn_source.target                      ? 
_diffrn_source.type                        'DIAMOND BEAMLINE I02' 
_diffrn_source.voltage                     ? 
_diffrn_source.take-off_angle              ? 
_diffrn_source.pdbx_wavelength_list        '0.920, 1.240' 
_diffrn_source.pdbx_wavelength             ? 
_diffrn_source.pdbx_synchrotron_beamline   I02 
_diffrn_source.pdbx_synchrotron_site       Diamond 
# 
_reflns.B_iso_Wilson_estimate            ? 
_reflns.entry_id                         5MVL 
_reflns.data_reduction_details           ? 
_reflns.data_reduction_method            ? 
_reflns.d_resolution_high                1.405 
_reflns.d_resolution_low                 23.673 
_reflns.details                          ? 
_reflns.limit_h_max                      ? 
_reflns.limit_h_min                      ? 
_reflns.limit_k_max                      ? 
_reflns.limit_k_min                      ? 
_reflns.limit_l_max                      ? 
_reflns.limit_l_min                      ? 
_reflns.number_all                       ? 
_reflns.number_obs                       13446 
_reflns.observed_criterion               ? 
_reflns.observed_criterion_F_max         ? 
_reflns.observed_criterion_F_min         ? 
_reflns.observed_criterion_I_max         ? 
_reflns.observed_criterion_I_min         ? 
_reflns.observed_criterion_sigma_F       ? 
_reflns.observed_criterion_sigma_I       ? 
_reflns.percent_possible_obs             99.9 
_reflns.R_free_details                   ? 
_reflns.Rmerge_F_all                     ? 
_reflns.Rmerge_F_obs                     ? 
_reflns.Friedel_coverage                 ? 
_reflns.number_gt                        ? 
_reflns.threshold_expression             ? 
_reflns.pdbx_redundancy                  9.3 
_reflns.pdbx_Rmerge_I_obs                ? 
_reflns.pdbx_Rmerge_I_all                ? 
_reflns.pdbx_Rsym_value                  ? 
_reflns.pdbx_netI_over_av_sigmaI         ? 
_reflns.pdbx_netI_over_sigmaI            23.4 
_reflns.pdbx_res_netI_over_av_sigmaI_2   ? 
_reflns.pdbx_res_netI_over_sigmaI_2      ? 
_reflns.pdbx_chi_squared                 ? 
_reflns.pdbx_scaling_rejects             ? 
_reflns.pdbx_d_res_high_opt              ? 
_reflns.pdbx_d_res_low_opt               ? 
_reflns.pdbx_d_res_opt_method            ? 
_reflns.phase_calculation_details        ? 
_reflns.pdbx_Rrim_I_all                  ? 
_reflns.pdbx_Rpim_I_all                  ? 
_reflns.pdbx_d_opt                       ? 
_reflns.pdbx_number_measured_all         ? 
_reflns.pdbx_diffrn_id                   1 
_reflns.pdbx_ordinal                     1 
_reflns.pdbx_CC_half                     ? 
_reflns.pdbx_R_split                     ? 
# 
_refine.aniso_B[1][1]                            ? 
_refine.aniso_B[1][2]                            ? 
_refine.aniso_B[1][3]                            ? 
_refine.aniso_B[2][2]                            ? 
_refine.aniso_B[2][3]                            ? 
_refine.aniso_B[3][3]                            ? 
_refine.B_iso_max                                ? 
_refine.B_iso_mean                               ? 
_refine.B_iso_min                                ? 
_refine.correlation_coeff_Fo_to_Fc               ? 
_refine.correlation_coeff_Fo_to_Fc_free          ? 
_refine.details                                  ? 
_refine.diff_density_max                         ? 
_refine.diff_density_max_esd                     ? 
_refine.diff_density_min                         ? 
_refine.diff_density_min_esd                     ? 
_refine.diff_density_rms                         ? 
_refine.diff_density_rms_esd                     ? 
_refine.entry_id                                 5MVL 
_refine.pdbx_refine_id                           'X-RAY DIFFRACTION' 
_refine.ls_abs_structure_details                 ? 
_refine.ls_abs_structure_Flack                   ? 
_refine.ls_abs_structure_Flack_esd               ? 
_refine.ls_abs_structure_Rogers                  ? 
_refine.ls_abs_structure_Rogers_esd              ? 
_refine.ls_d_res_high                            1.405 
_refine.ls_d_res_low                             23.673 
_refine.ls_extinction_coef                       ? 
_refine.ls_extinction_coef_esd                   ? 
_refine.ls_extinction_expression                 ? 
_refine.ls_extinction_method                     ? 
_refine.ls_goodness_of_fit_all                   ? 
_refine.ls_goodness_of_fit_all_esd               ? 
_refine.ls_goodness_of_fit_obs                   ? 
_refine.ls_goodness_of_fit_obs_esd               ? 
_refine.ls_hydrogen_treatment                    ? 
_refine.ls_matrix_type                           ? 
_refine.ls_number_constraints                    ? 
_refine.ls_number_parameters                     ? 
_refine.ls_number_reflns_all                     ? 
_refine.ls_number_reflns_obs                     13446 
_refine.ls_number_reflns_R_free                  771 
_refine.ls_number_reflns_R_work                  ? 
_refine.ls_number_restraints                     ? 
_refine.ls_percent_reflns_obs                    99.90 
_refine.ls_percent_reflns_R_free                 5.73 
_refine.ls_R_factor_all                          ? 
_refine.ls_R_factor_obs                          0.1584 
_refine.ls_R_factor_R_free                       0.1823 
_refine.ls_R_factor_R_free_error                 ? 
_refine.ls_R_factor_R_free_error_details         ? 
_refine.ls_R_factor_R_work                       0.1569 
_refine.ls_R_Fsqd_factor_obs                     ? 
_refine.ls_R_I_factor_obs                        ? 
_refine.ls_redundancy_reflns_all                 ? 
_refine.ls_redundancy_reflns_obs                 ? 
_refine.ls_restrained_S_all                      ? 
_refine.ls_restrained_S_obs                      ? 
_refine.ls_shift_over_esd_max                    ? 
_refine.ls_shift_over_esd_mean                   ? 
_refine.ls_structure_factor_coef                 ? 
_refine.ls_weighting_details                     ? 
_refine.ls_weighting_scheme                      ? 
_refine.ls_wR_factor_all                         ? 
_refine.ls_wR_factor_obs                         ? 
_refine.ls_wR_factor_R_free                      ? 
_refine.ls_wR_factor_R_work                      ? 
_refine.occupancy_max                            ? 
_refine.occupancy_min                            ? 
_refine.solvent_model_details                    ? 
_refine.solvent_model_param_bsol                 ? 
_refine.solvent_model_param_ksol                 ? 
_refine.ls_R_factor_gt                           ? 
_refine.ls_goodness_of_fit_gt                    ? 
_refine.ls_goodness_of_fit_ref                   ? 
_refine.ls_shift_over_su_max                     ? 
_refine.ls_shift_over_su_max_lt                  ? 
_refine.ls_shift_over_su_mean                    ? 
_refine.ls_shift_over_su_mean_lt                 ? 
_refine.pdbx_ls_sigma_I                          ? 
_refine.pdbx_ls_sigma_F                          1.36 
_refine.pdbx_ls_sigma_Fsqd                       ? 
_refine.pdbx_data_cutoff_high_absF               ? 
_refine.pdbx_data_cutoff_high_rms_absF           ? 
_refine.pdbx_data_cutoff_low_absF                ? 
_refine.pdbx_isotropic_thermal_model             ? 
_refine.pdbx_ls_cross_valid_method               'FREE R-VALUE' 
_refine.pdbx_method_to_determine_struct          MAD 
_refine.pdbx_starting_model                      ? 
_refine.pdbx_stereochemistry_target_values       ? 
_refine.pdbx_R_Free_selection_details            ? 
_refine.pdbx_stereochem_target_val_spec_case     ? 
_refine.pdbx_overall_ESU_R                       ? 
_refine.pdbx_overall_ESU_R_Free                  ? 
_refine.pdbx_solvent_vdw_probe_radii             1.11 
_refine.pdbx_solvent_ion_probe_radii             ? 
_refine.pdbx_solvent_shrinkage_radii             0.90 
_refine.pdbx_real_space_R                        ? 
_refine.pdbx_density_correlation                 ? 
_refine.pdbx_pd_number_of_powder_patterns        ? 
_refine.pdbx_pd_number_of_points                 ? 
_refine.pdbx_pd_meas_number_of_points            ? 
_refine.pdbx_pd_proc_ls_prof_R_factor            ? 
_refine.pdbx_pd_proc_ls_prof_wR_factor           ? 
_refine.pdbx_pd_Marquardt_correlation_coeff      ? 
_refine.pdbx_pd_Fsqrd_R_factor                   ? 
_refine.pdbx_pd_ls_matrix_band_width             ? 
_refine.pdbx_overall_phase_error                 20.17 
_refine.pdbx_overall_SU_R_free_Cruickshank_DPI   ? 
_refine.pdbx_overall_SU_R_free_Blow_DPI          ? 
_refine.pdbx_overall_SU_R_Blow_DPI               ? 
_refine.pdbx_TLS_residual_ADP_flag               ? 
_refine.pdbx_diffrn_id                           1 
_refine.overall_SU_B                             ? 
_refine.overall_SU_ML                            0.10 
_refine.overall_SU_R_Cruickshank_DPI             ? 
_refine.overall_SU_R_free                        ? 
_refine.overall_FOM_free_R_set                   ? 
_refine.overall_FOM_work_R_set                   ? 
_refine.pdbx_average_fsc_overall                 ? 
_refine.pdbx_average_fsc_work                    ? 
_refine.pdbx_average_fsc_free                    ? 
# 
_refine_hist.pdbx_refine_id                   'X-RAY DIFFRACTION' 
_refine_hist.cycle_id                         LAST 
_refine_hist.pdbx_number_atoms_protein        0 
_refine_hist.pdbx_number_atoms_nucleic_acid   486 
_refine_hist.pdbx_number_atoms_ligand         1 
_refine_hist.number_atoms_solvent             76 
_refine_hist.number_atoms_total               563 
_refine_hist.d_res_high                       1.405 
_refine_hist.d_res_low                        23.673 
# 
loop_
_refine_ls_restr.pdbx_refine_id 
_refine_ls_restr.criterion 
_refine_ls_restr.dev_ideal 
_refine_ls_restr.dev_ideal_target 
_refine_ls_restr.number 
_refine_ls_restr.rejects 
_refine_ls_restr.type 
_refine_ls_restr.weight 
_refine_ls_restr.pdbx_restraint_function 
'X-RAY DIFFRACTION' ? 0.009  ? 544 ? f_bond_d           ? ? 
'X-RAY DIFFRACTION' ? 1.067  ? 836 ? f_angle_d          ? ? 
'X-RAY DIFFRACTION' ? 15.645 ? 220 ? f_dihedral_angle_d ? ? 
'X-RAY DIFFRACTION' ? 0.055  ? 92  ? f_chiral_restr     ? ? 
'X-RAY DIFFRACTION' ? 0.010  ? 24  ? f_plane_restr      ? ? 
# 
loop_
_refine_ls_shell.pdbx_refine_id 
_refine_ls_shell.d_res_high 
_refine_ls_shell.d_res_low 
_refine_ls_shell.number_reflns_all 
_refine_ls_shell.number_reflns_obs 
_refine_ls_shell.number_reflns_R_free 
_refine_ls_shell.number_reflns_R_work 
_refine_ls_shell.percent_reflns_obs 
_refine_ls_shell.percent_reflns_R_free 
_refine_ls_shell.R_factor_all 
_refine_ls_shell.R_factor_obs 
_refine_ls_shell.R_factor_R_free 
_refine_ls_shell.R_factor_R_free_error 
_refine_ls_shell.R_factor_R_work 
_refine_ls_shell.redundancy_reflns_all 
_refine_ls_shell.redundancy_reflns_obs 
_refine_ls_shell.wR_factor_all 
_refine_ls_shell.wR_factor_obs 
_refine_ls_shell.wR_factor_R_free 
_refine_ls_shell.wR_factor_R_work 
_refine_ls_shell.pdbx_total_number_of_bins_used 
_refine_ls_shell.pdbx_phase_error 
_refine_ls_shell.pdbx_fsc_work 
_refine_ls_shell.pdbx_fsc_free 
'X-RAY DIFFRACTION' 1.4047 1.4927  . . 119 2065 99.00  . . . 0.2661 . 0.1978 . . . . . . . . . . 
'X-RAY DIFFRACTION' 1.4927 1.6079  . . 149 2061 100.00 . . . 0.1585 . 0.1443 . . . . . . . . . . 
'X-RAY DIFFRACTION' 1.6079 1.7697  . . 124 2081 100.00 . . . 0.1535 . 0.1199 . . . . . . . . . . 
'X-RAY DIFFRACTION' 1.7697 2.0257  . . 129 2106 100.00 . . . 0.2056 . 0.1490 . . . . . . . . . . 
'X-RAY DIFFRACTION' 2.0257 2.5516  . . 125 2132 100.00 . . . 0.2012 . 0.1991 . . . . . . . . . . 
'X-RAY DIFFRACTION' 2.5516 23.6766 . . 125 2230 100.00 . . . 0.1757 . 0.1489 . . . . . . . . . . 
# 
_struct.entry_id                     5MVL 
_struct.title                        'Crystal structure of an A-DNA dodecamer containing 5-bromouracil' 
_struct.pdbx_model_details           ? 
_struct.pdbx_formula_weight          ? 
_struct.pdbx_formula_weight_method   ? 
_struct.pdbx_model_type_details      ? 
_struct.pdbx_CASP_flag               N 
# 
_struct_keywords.entry_id        5MVL 
_struct_keywords.text            'A-DNA, 5-bromouracil, CpG, DNA' 
_struct_keywords.pdbx_keywords   DNA 
# 
loop_
_struct_asym.id 
_struct_asym.pdbx_blank_PDB_chainid_flag 
_struct_asym.pdbx_modified 
_struct_asym.entity_id 
_struct_asym.details 
A N N 1 ? 
B N N 1 ? 
C N N 2 ? 
D N N 3 ? 
E N N 3 ? 
# 
_struct_ref.id                         1 
_struct_ref.db_name                    PDB 
_struct_ref.db_code                    5MVL 
_struct_ref.pdbx_db_accession          5MVL 
_struct_ref.pdbx_db_isoform            ? 
_struct_ref.entity_id                  1 
_struct_ref.pdbx_seq_one_letter_code   ? 
_struct_ref.pdbx_align_begin           1 
# 
loop_
_struct_ref_seq.align_id 
_struct_ref_seq.ref_id 
_struct_ref_seq.pdbx_PDB_id_code 
_struct_ref_seq.pdbx_strand_id 
_struct_ref_seq.seq_align_beg 
_struct_ref_seq.pdbx_seq_align_beg_ins_code 
_struct_ref_seq.seq_align_end 
_struct_ref_seq.pdbx_seq_align_end_ins_code 
_struct_ref_seq.pdbx_db_accession 
_struct_ref_seq.db_align_beg 
_struct_ref_seq.pdbx_db_align_beg_ins_code 
_struct_ref_seq.db_align_end 
_struct_ref_seq.pdbx_db_align_end_ins_code 
_struct_ref_seq.pdbx_auth_seq_align_beg 
_struct_ref_seq.pdbx_auth_seq_align_end 
1 1 5MVL A 1 ? 12 ? 5MVL 1 ? 12 ? 1 12 
2 1 5MVL B 1 ? 12 ? 5MVL 1 ? 12 ? 1 12 
# 
_pdbx_struct_assembly.id                   1 
_pdbx_struct_assembly.details              author_and_software_defined_assembly 
_pdbx_struct_assembly.method_details       PISA 
_pdbx_struct_assembly.oligomeric_details   dimeric 
_pdbx_struct_assembly.oligomeric_count     2 
# 
loop_
_pdbx_struct_assembly_prop.biol_id 
_pdbx_struct_assembly_prop.type 
_pdbx_struct_assembly_prop.value 
_pdbx_struct_assembly_prop.details 
1 'ABSA (A^2)' 2430 ? 
1 MORE         4    ? 
1 'SSA (A^2)'  4240 ? 
# 
_pdbx_struct_assembly_gen.assembly_id       1 
_pdbx_struct_assembly_gen.oper_expression   1 
_pdbx_struct_assembly_gen.asym_id_list      A,B,C,D,E 
# 
_pdbx_struct_oper_list.id                   1 
_pdbx_struct_oper_list.type                 'identity operation' 
_pdbx_struct_oper_list.name                 1_555 
_pdbx_struct_oper_list.symmetry_operation   x,y,z 
_pdbx_struct_oper_list.matrix[1][1]         1.0000000000 
_pdbx_struct_oper_list.matrix[1][2]         0.0000000000 
_pdbx_struct_oper_list.matrix[1][3]         0.0000000000 
_pdbx_struct_oper_list.vector[1]            0.0000000000 
_pdbx_struct_oper_list.matrix[2][1]         0.0000000000 
_pdbx_struct_oper_list.matrix[2][2]         1.0000000000 
_pdbx_struct_oper_list.matrix[2][3]         0.0000000000 
_pdbx_struct_oper_list.vector[2]            0.0000000000 
_pdbx_struct_oper_list.matrix[3][1]         0.0000000000 
_pdbx_struct_oper_list.matrix[3][2]         0.0000000000 
_pdbx_struct_oper_list.matrix[3][3]         1.0000000000 
_pdbx_struct_oper_list.vector[3]            0.0000000000 
# 
loop_
_struct_conn.id 
_struct_conn.conn_type_id 
_struct_conn.pdbx_leaving_atom_flag 
_struct_conn.pdbx_PDB_id 
_struct_conn.ptnr1_label_asym_id 
_struct_conn.ptnr1_label_comp_id 
_struct_conn.ptnr1_label_seq_id 
_struct_conn.ptnr1_label_atom_id 
_struct_conn.pdbx_ptnr1_label_alt_id 
_struct_conn.pdbx_ptnr1_PDB_ins_code 
_struct_conn.pdbx_ptnr1_standard_comp_id 
_struct_conn.ptnr1_symmetry 
_struct_conn.ptnr2_label_asym_id 
_struct_conn.ptnr2_label_comp_id 
_struct_conn.ptnr2_label_seq_id 
_struct_conn.ptnr2_label_atom_id 
_struct_conn.pdbx_ptnr2_label_alt_id 
_struct_conn.pdbx_ptnr2_PDB_ins_code 
_struct_conn.ptnr1_auth_asym_id 
_struct_conn.ptnr1_auth_comp_id 
_struct_conn.ptnr1_auth_seq_id 
_struct_conn.ptnr2_auth_asym_id 
_struct_conn.ptnr2_auth_comp_id 
_struct_conn.ptnr2_auth_seq_id 
_struct_conn.ptnr2_symmetry 
_struct_conn.pdbx_ptnr3_label_atom_id 
_struct_conn.pdbx_ptnr3_label_seq_id 
_struct_conn.pdbx_ptnr3_label_comp_id 
_struct_conn.pdbx_ptnr3_label_asym_id 
_struct_conn.pdbx_ptnr3_label_alt_id 
_struct_conn.pdbx_ptnr3_PDB_ins_code 
_struct_conn.details 
_struct_conn.pdbx_dist_value 
_struct_conn.pdbx_value_order 
_struct_conn.pdbx_role 
covale1  covale both ? A DC  1  "O3'" ? ? ? 1_555 A BRU 2  P  ? ? A DC  1   A BRU 2   1_555 ? ? ? ? ? ? ?            1.602 ? ? 
covale2  covale both ? A BRU 2  "O3'" ? ? ? 1_555 A DA  3  P  ? ? A BRU 2   A DA  3   1_555 ? ? ? ? ? ? ?            1.611 ? ? 
covale3  covale both ? B DC  1  "O3'" ? ? ? 1_555 B BRU 2  P  ? ? B DC  1   B BRU 2   1_555 ? ? ? ? ? ? ?            1.603 ? ? 
covale4  covale both ? B BRU 2  "O3'" ? ? ? 1_555 B DA  3  P  ? ? B BRU 2   B DA  3   1_555 ? ? ? ? ? ? ?            1.603 ? ? 
metalc1  metalc ?    ? C MG  .  MG    ? ? ? 1_555 D HOH .  O  ? ? A MG  101 A HOH 202 1_555 ? ? ? ? ? ? ?            2.051 ? ? 
metalc2  metalc ?    ? C MG  .  MG    ? ? ? 1_555 D HOH .  O  ? ? A MG  101 A HOH 209 1_555 ? ? ? ? ? ? ?            2.048 ? ? 
metalc3  metalc ?    ? C MG  .  MG    ? ? ? 1_555 D HOH .  O  ? ? A MG  101 A HOH 218 1_555 ? ? ? ? ? ? ?            2.096 ? ? 
metalc4  metalc ?    ? C MG  .  MG    ? ? ? 1_555 D HOH .  O  ? ? A MG  101 A HOH 233 1_555 ? ? ? ? ? ? ?            2.106 ? ? 
metalc5  metalc ?    ? C MG  .  MG    ? ? ? 1_555 D HOH .  O  ? ? A MG  101 A HOH 239 1_555 ? ? ? ? ? ? ?            2.174 ? ? 
metalc6  metalc ?    ? C MG  .  MG    ? ? ? 1_555 D HOH .  O  ? ? A MG  101 A HOH 241 1_555 ? ? ? ? ? ? ?            2.104 ? ? 
hydrog1  hydrog ?    ? A DC  1  N3    ? ? ? 1_555 B DG  12 N1 ? ? A DC  1   B DG  12  1_555 ? ? ? ? ? ? WATSON-CRICK ?     ? ? 
hydrog2  hydrog ?    ? A DC  1  N4    ? ? ? 1_555 B DG  12 O6 ? ? A DC  1   B DG  12  1_555 ? ? ? ? ? ? WATSON-CRICK ?     ? ? 
hydrog3  hydrog ?    ? A DC  1  O2    ? ? ? 1_555 B DG  12 N2 ? ? A DC  1   B DG  12  1_555 ? ? ? ? ? ? WATSON-CRICK ?     ? ? 
hydrog4  hydrog ?    ? A BRU 2  N3    ? ? ? 1_555 B DA  11 N1 ? ? A BRU 2   B DA  11  1_555 ? ? ? ? ? ? WATSON-CRICK ?     ? ? 
hydrog5  hydrog ?    ? A BRU 2  O4    ? ? ? 1_555 B DA  11 N6 ? ? A BRU 2   B DA  11  1_555 ? ? ? ? ? ? WATSON-CRICK ?     ? ? 
hydrog6  hydrog ?    ? A DA  3  N1    ? ? ? 1_555 B DT  10 N3 ? ? A DA  3   B DT  10  1_555 ? ? ? ? ? ? WATSON-CRICK ?     ? ? 
hydrog7  hydrog ?    ? A DA  3  N6    ? ? ? 1_555 B DT  10 O4 ? ? A DA  3   B DT  10  1_555 ? ? ? ? ? ? WATSON-CRICK ?     ? ? 
hydrog8  hydrog ?    ? A DC  4  N3    ? ? ? 1_555 B DG  9  N1 ? ? A DC  4   B DG  9   1_555 ? ? ? ? ? ? WATSON-CRICK ?     ? ? 
hydrog9  hydrog ?    ? A DC  4  N4    ? ? ? 1_555 B DG  9  O6 ? ? A DC  4   B DG  9   1_555 ? ? ? ? ? ? WATSON-CRICK ?     ? ? 
hydrog10 hydrog ?    ? A DC  4  O2    ? ? ? 1_555 B DG  9  N2 ? ? A DC  4   B DG  9   1_555 ? ? ? ? ? ? WATSON-CRICK ?     ? ? 
hydrog11 hydrog ?    ? A DG  5  N1    ? ? ? 1_555 B DC  8  N3 ? ? A DG  5   B DC  8   1_555 ? ? ? ? ? ? WATSON-CRICK ?     ? ? 
hydrog12 hydrog ?    ? A DG  5  N2    ? ? ? 1_555 B DC  8  O2 ? ? A DG  5   B DC  8   1_555 ? ? ? ? ? ? WATSON-CRICK ?     ? ? 
hydrog13 hydrog ?    ? A DG  5  O6    ? ? ? 1_555 B DC  8  N4 ? ? A DG  5   B DC  8   1_555 ? ? ? ? ? ? WATSON-CRICK ?     ? ? 
hydrog14 hydrog ?    ? A DC  6  N3    ? ? ? 1_555 B DG  7  N1 ? ? A DC  6   B DG  7   1_555 ? ? ? ? ? ? WATSON-CRICK ?     ? ? 
hydrog15 hydrog ?    ? A DC  6  N4    ? ? ? 1_555 B DG  7  O6 ? ? A DC  6   B DG  7   1_555 ? ? ? ? ? ? WATSON-CRICK ?     ? ? 
hydrog16 hydrog ?    ? A DC  6  O2    ? ? ? 1_555 B DG  7  N2 ? ? A DC  6   B DG  7   1_555 ? ? ? ? ? ? WATSON-CRICK ?     ? ? 
hydrog17 hydrog ?    ? A DG  7  N1    ? ? ? 1_555 B DC  6  N3 ? ? A DG  7   B DC  6   1_555 ? ? ? ? ? ? WATSON-CRICK ?     ? ? 
hydrog18 hydrog ?    ? A DG  7  N2    ? ? ? 1_555 B DC  6  O2 ? ? A DG  7   B DC  6   1_555 ? ? ? ? ? ? WATSON-CRICK ?     ? ? 
hydrog19 hydrog ?    ? A DG  7  O6    ? ? ? 1_555 B DC  6  N4 ? ? A DG  7   B DC  6   1_555 ? ? ? ? ? ? WATSON-CRICK ?     ? ? 
hydrog20 hydrog ?    ? A DC  8  N3    ? ? ? 1_555 B DG  5  N1 ? ? A DC  8   B DG  5   1_555 ? ? ? ? ? ? WATSON-CRICK ?     ? ? 
hydrog21 hydrog ?    ? A DC  8  N4    ? ? ? 1_555 B DG  5  O6 ? ? A DC  8   B DG  5   1_555 ? ? ? ? ? ? WATSON-CRICK ?     ? ? 
hydrog22 hydrog ?    ? A DC  8  O2    ? ? ? 1_555 B DG  5  N2 ? ? A DC  8   B DG  5   1_555 ? ? ? ? ? ? WATSON-CRICK ?     ? ? 
hydrog23 hydrog ?    ? A DG  9  N1    ? ? ? 1_555 B DC  4  N3 ? ? A DG  9   B DC  4   1_555 ? ? ? ? ? ? WATSON-CRICK ?     ? ? 
hydrog24 hydrog ?    ? A DG  9  N2    ? ? ? 1_555 B DC  4  O2 ? ? A DG  9   B DC  4   1_555 ? ? ? ? ? ? WATSON-CRICK ?     ? ? 
hydrog25 hydrog ?    ? A DG  9  O6    ? ? ? 1_555 B DC  4  N4 ? ? A DG  9   B DC  4   1_555 ? ? ? ? ? ? WATSON-CRICK ?     ? ? 
hydrog26 hydrog ?    ? A DT  10 N3    ? ? ? 1_555 B DA  3  N1 ? ? A DT  10  B DA  3   1_555 ? ? ? ? ? ? WATSON-CRICK ?     ? ? 
hydrog27 hydrog ?    ? A DT  10 O4    ? ? ? 1_555 B DA  3  N6 ? ? A DT  10  B DA  3   1_555 ? ? ? ? ? ? WATSON-CRICK ?     ? ? 
hydrog28 hydrog ?    ? A DA  11 N1    ? ? ? 1_555 B BRU 2  N3 ? ? A DA  11  B BRU 2   1_555 ? ? ? ? ? ? WATSON-CRICK ?     ? ? 
hydrog29 hydrog ?    ? A DA  11 N6    ? ? ? 1_555 B BRU 2  O4 ? ? A DA  11  B BRU 2   1_555 ? ? ? ? ? ? WATSON-CRICK ?     ? ? 
hydrog30 hydrog ?    ? A DG  12 N1    ? ? ? 1_555 B DC  1  N3 ? ? A DG  12  B DC  1   1_555 ? ? ? ? ? ? WATSON-CRICK ?     ? ? 
hydrog31 hydrog ?    ? A DG  12 N2    ? ? ? 1_555 B DC  1  O2 ? ? A DG  12  B DC  1   1_555 ? ? ? ? ? ? WATSON-CRICK ?     ? ? 
hydrog32 hydrog ?    ? A DG  12 O6    ? ? ? 1_555 B DC  1  N4 ? ? A DG  12  B DC  1   1_555 ? ? ? ? ? ? WATSON-CRICK ?     ? ? 
# 
loop_
_struct_conn_type.id 
_struct_conn_type.criteria 
_struct_conn_type.reference 
covale ? ? 
metalc ? ? 
hydrog ? ? 
# 
loop_
_pdbx_struct_conn_angle.id 
_pdbx_struct_conn_angle.ptnr1_label_atom_id 
_pdbx_struct_conn_angle.ptnr1_label_alt_id 
_pdbx_struct_conn_angle.ptnr1_label_asym_id 
_pdbx_struct_conn_angle.ptnr1_label_comp_id 
_pdbx_struct_conn_angle.ptnr1_label_seq_id 
_pdbx_struct_conn_angle.ptnr1_auth_atom_id 
_pdbx_struct_conn_angle.ptnr1_auth_asym_id 
_pdbx_struct_conn_angle.ptnr1_auth_comp_id 
_pdbx_struct_conn_angle.ptnr1_auth_seq_id 
_pdbx_struct_conn_angle.ptnr1_PDB_ins_code 
_pdbx_struct_conn_angle.ptnr1_symmetry 
_pdbx_struct_conn_angle.ptnr2_label_atom_id 
_pdbx_struct_conn_angle.ptnr2_label_alt_id 
_pdbx_struct_conn_angle.ptnr2_label_asym_id 
_pdbx_struct_conn_angle.ptnr2_label_comp_id 
_pdbx_struct_conn_angle.ptnr2_label_seq_id 
_pdbx_struct_conn_angle.ptnr2_auth_atom_id 
_pdbx_struct_conn_angle.ptnr2_auth_asym_id 
_pdbx_struct_conn_angle.ptnr2_auth_comp_id 
_pdbx_struct_conn_angle.ptnr2_auth_seq_id 
_pdbx_struct_conn_angle.ptnr2_PDB_ins_code 
_pdbx_struct_conn_angle.ptnr2_symmetry 
_pdbx_struct_conn_angle.ptnr3_label_atom_id 
_pdbx_struct_conn_angle.ptnr3_label_alt_id 
_pdbx_struct_conn_angle.ptnr3_label_asym_id 
_pdbx_struct_conn_angle.ptnr3_label_comp_id 
_pdbx_struct_conn_angle.ptnr3_label_seq_id 
_pdbx_struct_conn_angle.ptnr3_auth_atom_id 
_pdbx_struct_conn_angle.ptnr3_auth_asym_id 
_pdbx_struct_conn_angle.ptnr3_auth_comp_id 
_pdbx_struct_conn_angle.ptnr3_auth_seq_id 
_pdbx_struct_conn_angle.ptnr3_PDB_ins_code 
_pdbx_struct_conn_angle.ptnr3_symmetry 
_pdbx_struct_conn_angle.value 
_pdbx_struct_conn_angle.value_esd 
1  O ? D HOH . ? A HOH 202 ? 1_555 MG ? C MG . ? A MG 101 ? 1_555 O ? D HOH . ? A HOH 209 ? 1_555 88.5  ? 
2  O ? D HOH . ? A HOH 202 ? 1_555 MG ? C MG . ? A MG 101 ? 1_555 O ? D HOH . ? A HOH 218 ? 1_555 87.3  ? 
3  O ? D HOH . ? A HOH 209 ? 1_555 MG ? C MG . ? A MG 101 ? 1_555 O ? D HOH . ? A HOH 218 ? 1_555 168.9 ? 
4  O ? D HOH . ? A HOH 202 ? 1_555 MG ? C MG . ? A MG 101 ? 1_555 O ? D HOH . ? A HOH 233 ? 1_555 99.0  ? 
5  O ? D HOH . ? A HOH 209 ? 1_555 MG ? C MG . ? A MG 101 ? 1_555 O ? D HOH . ? A HOH 233 ? 1_555 83.9  ? 
6  O ? D HOH . ? A HOH 218 ? 1_555 MG ? C MG . ? A MG 101 ? 1_555 O ? D HOH . ? A HOH 233 ? 1_555 86.6  ? 
7  O ? D HOH . ? A HOH 202 ? 1_555 MG ? C MG . ? A MG 101 ? 1_555 O ? D HOH . ? A HOH 239 ? 1_555 82.9  ? 
8  O ? D HOH . ? A HOH 209 ? 1_555 MG ? C MG . ? A MG 101 ? 1_555 O ? D HOH . ? A HOH 239 ? 1_555 82.8  ? 
9  O ? D HOH . ? A HOH 218 ? 1_555 MG ? C MG . ? A MG 101 ? 1_555 O ? D HOH . ? A HOH 239 ? 1_555 106.9 ? 
10 O ? D HOH . ? A HOH 233 ? 1_555 MG ? C MG . ? A MG 101 ? 1_555 O ? D HOH . ? A HOH 239 ? 1_555 166.5 ? 
11 O ? D HOH . ? A HOH 202 ? 1_555 MG ? C MG . ? A MG 101 ? 1_555 O ? D HOH . ? A HOH 241 ? 1_555 168.8 ? 
12 O ? D HOH . ? A HOH 209 ? 1_555 MG ? C MG . ? A MG 101 ? 1_555 O ? D HOH . ? A HOH 241 ? 1_555 91.0  ? 
13 O ? D HOH . ? A HOH 218 ? 1_555 MG ? C MG . ? A MG 101 ? 1_555 O ? D HOH . ? A HOH 241 ? 1_555 95.1  ? 
14 O ? D HOH . ? A HOH 233 ? 1_555 MG ? C MG . ? A MG 101 ? 1_555 O ? D HOH . ? A HOH 241 ? 1_555 92.0  ? 
15 O ? D HOH . ? A HOH 239 ? 1_555 MG ? C MG . ? A MG 101 ? 1_555 O ? D HOH . ? A HOH 241 ? 1_555 86.0  ? 
# 
loop_
_struct_site.id 
_struct_site.pdbx_evidence_code 
_struct_site.pdbx_auth_asym_id 
_struct_site.pdbx_auth_comp_id 
_struct_site.pdbx_auth_seq_id 
_struct_site.pdbx_auth_ins_code 
_struct_site.pdbx_num_residues 
_struct_site.details 
AC1 Software A MG  101 ? 6  'binding site for residue MG A 101'                 
AC2 Software B DC  1   ? 8  'binding site for Di-nucleotide DC B 1 and BRU B 2' 
AC3 Software B BRU 2   ? 12 'binding site for Di-nucleotide BRU B 2 and DA B 3' 
# 
loop_
_struct_site_gen.id 
_struct_site_gen.site_id 
_struct_site_gen.pdbx_num_res 
_struct_site_gen.label_comp_id 
_struct_site_gen.label_asym_id 
_struct_site_gen.label_seq_id 
_struct_site_gen.pdbx_auth_ins_code 
_struct_site_gen.auth_comp_id 
_struct_site_gen.auth_asym_id 
_struct_site_gen.auth_seq_id 
_struct_site_gen.label_atom_id 
_struct_site_gen.label_alt_id 
_struct_site_gen.symmetry 
_struct_site_gen.details 
1  AC1 6  HOH D .  ? HOH A 202 . ? 1_555 ? 
2  AC1 6  HOH D .  ? HOH A 209 . ? 1_555 ? 
3  AC1 6  HOH D .  ? HOH A 218 . ? 1_555 ? 
4  AC1 6  HOH D .  ? HOH A 233 . ? 1_555 ? 
5  AC1 6  HOH D .  ? HOH A 239 . ? 1_555 ? 
6  AC1 6  HOH D .  ? HOH A 241 . ? 1_555 ? 
7  AC2 8  DG  A 7  ? DG  A 7   . ? 6_664 ? 
8  AC2 8  DA  A 11 ? DA  A 11  . ? 1_555 ? 
9  AC2 8  DG  A 12 ? DG  A 12  . ? 1_555 ? 
10 AC2 8  DA  B 3  ? DA  B 3   . ? 1_555 ? 
11 AC2 8  DG  B 7  ? DG  B 7   . ? 6_664 ? 
12 AC2 8  DC  B 8  ? DC  B 8   . ? 6_664 ? 
13 AC2 8  HOH E .  ? HOH B 105 . ? 1_555 ? 
14 AC2 8  HOH E .  ? HOH B 110 . ? 1_555 ? 
15 AC3 12 DG  A 7  ? DG  A 7   . ? 6_664 ? 
16 AC3 12 DG  A 9  ? DG  A 9   . ? 1_555 ? 
17 AC3 12 DT  A 10 ? DT  A 10  . ? 1_555 ? 
18 AC3 12 DA  A 11 ? DA  A 11  . ? 1_555 ? 
19 AC3 12 DG  A 12 ? DG  A 12  . ? 1_555 ? 
20 AC3 12 DC  B 1  ? DC  B 1   . ? 1_555 ? 
21 AC3 12 DC  B 4  ? DC  B 4   . ? 1_555 ? 
22 AC3 12 DG  B 7  ? DG  B 7   . ? 6_664 ? 
23 AC3 12 HOH E .  ? HOH B 105 . ? 1_555 ? 
24 AC3 12 HOH E .  ? HOH B 109 . ? 4_545 ? 
25 AC3 12 HOH E .  ? HOH B 110 . ? 1_555 ? 
26 AC3 12 HOH E .  ? HOH B 123 . ? 1_555 ? 
# 
loop_
_pdbx_validate_rmsd_angle.id 
_pdbx_validate_rmsd_angle.PDB_model_num 
_pdbx_validate_rmsd_angle.auth_atom_id_1 
_pdbx_validate_rmsd_angle.auth_asym_id_1 
_pdbx_validate_rmsd_angle.auth_comp_id_1 
_pdbx_validate_rmsd_angle.auth_seq_id_1 
_pdbx_validate_rmsd_angle.PDB_ins_code_1 
_pdbx_validate_rmsd_angle.label_alt_id_1 
_pdbx_validate_rmsd_angle.auth_atom_id_2 
_pdbx_validate_rmsd_angle.auth_asym_id_2 
_pdbx_validate_rmsd_angle.auth_comp_id_2 
_pdbx_validate_rmsd_angle.auth_seq_id_2 
_pdbx_validate_rmsd_angle.PDB_ins_code_2 
_pdbx_validate_rmsd_angle.label_alt_id_2 
_pdbx_validate_rmsd_angle.auth_atom_id_3 
_pdbx_validate_rmsd_angle.auth_asym_id_3 
_pdbx_validate_rmsd_angle.auth_comp_id_3 
_pdbx_validate_rmsd_angle.auth_seq_id_3 
_pdbx_validate_rmsd_angle.PDB_ins_code_3 
_pdbx_validate_rmsd_angle.label_alt_id_3 
_pdbx_validate_rmsd_angle.angle_value 
_pdbx_validate_rmsd_angle.angle_target_value 
_pdbx_validate_rmsd_angle.angle_deviation 
_pdbx_validate_rmsd_angle.angle_standard_deviation 
_pdbx_validate_rmsd_angle.linker_flag 
1 1 "O4'" B DC 4  ? ? "C1'" B DC 4  ? ? N1    B DC 4  ? ? 111.92 108.30 3.62  0.30 N 
2 1 "O4'" B DC 8  ? ? "C1'" B DC 8  ? ? N1    B DC 8  ? ? 110.53 108.30 2.23  0.30 N 
3 1 "O4'" B DA 11 ? ? "C4'" B DA 11 ? ? "C3'" B DA 11 ? ? 101.97 104.50 -2.53 0.40 N 
4 1 "O4'" B DA 11 ? ? "C1'" B DA 11 ? ? N9    B DA 11 ? ? 110.32 108.30 2.02  0.30 N 
5 1 "O4'" B DG 12 ? ? "C1'" B DG 12 ? ? N9    B DG 12 ? ? 110.39 108.30 2.09  0.30 N 
# 
loop_
_chem_comp_atom.comp_id 
_chem_comp_atom.atom_id 
_chem_comp_atom.type_symbol 
_chem_comp_atom.pdbx_aromatic_flag 
_chem_comp_atom.pdbx_stereo_config 
_chem_comp_atom.pdbx_ordinal 
BRU N1     N  N N 1   
BRU C2     C  N N 2   
BRU N3     N  N N 3   
BRU C4     C  N N 4   
BRU C5     C  N N 5   
BRU C6     C  N N 6   
BRU O2     O  N N 7   
BRU O4     O  N N 8   
BRU BR     BR N N 9   
BRU "C1'"  C  N R 10  
BRU "C2'"  C  N N 11  
BRU "C3'"  C  N S 12  
BRU "C4'"  C  N R 13  
BRU "O3'"  O  N N 14  
BRU "O4'"  O  N N 15  
BRU "C5'"  C  N N 16  
BRU "O5'"  O  N N 17  
BRU P      P  N N 18  
BRU OP1    O  N N 19  
BRU OP2    O  N N 20  
BRU OP3    O  N N 21  
BRU HN3    H  N N 22  
BRU H6     H  N N 23  
BRU "H1'"  H  N N 24  
BRU "H2'"  H  N N 25  
BRU "H2''" H  N N 26  
BRU "H3'"  H  N N 27  
BRU "H4'"  H  N N 28  
BRU "HO3'" H  N N 29  
BRU "H5'"  H  N N 30  
BRU "H5''" H  N N 31  
BRU HOP2   H  N N 32  
BRU HOP3   H  N N 33  
DA  OP3    O  N N 34  
DA  P      P  N N 35  
DA  OP1    O  N N 36  
DA  OP2    O  N N 37  
DA  "O5'"  O  N N 38  
DA  "C5'"  C  N N 39  
DA  "C4'"  C  N R 40  
DA  "O4'"  O  N N 41  
DA  "C3'"  C  N S 42  
DA  "O3'"  O  N N 43  
DA  "C2'"  C  N N 44  
DA  "C1'"  C  N R 45  
DA  N9     N  Y N 46  
DA  C8     C  Y N 47  
DA  N7     N  Y N 48  
DA  C5     C  Y N 49  
DA  C6     C  Y N 50  
DA  N6     N  N N 51  
DA  N1     N  Y N 52  
DA  C2     C  Y N 53  
DA  N3     N  Y N 54  
DA  C4     C  Y N 55  
DA  HOP3   H  N N 56  
DA  HOP2   H  N N 57  
DA  "H5'"  H  N N 58  
DA  "H5''" H  N N 59  
DA  "H4'"  H  N N 60  
DA  "H3'"  H  N N 61  
DA  "HO3'" H  N N 62  
DA  "H2'"  H  N N 63  
DA  "H2''" H  N N 64  
DA  "H1'"  H  N N 65  
DA  H8     H  N N 66  
DA  H61    H  N N 67  
DA  H62    H  N N 68  
DA  H2     H  N N 69  
DC  OP3    O  N N 70  
DC  P      P  N N 71  
DC  OP1    O  N N 72  
DC  OP2    O  N N 73  
DC  "O5'"  O  N N 74  
DC  "C5'"  C  N N 75  
DC  "C4'"  C  N R 76  
DC  "O4'"  O  N N 77  
DC  "C3'"  C  N S 78  
DC  "O3'"  O  N N 79  
DC  "C2'"  C  N N 80  
DC  "C1'"  C  N R 81  
DC  N1     N  N N 82  
DC  C2     C  N N 83  
DC  O2     O  N N 84  
DC  N3     N  N N 85  
DC  C4     C  N N 86  
DC  N4     N  N N 87  
DC  C5     C  N N 88  
DC  C6     C  N N 89  
DC  HOP3   H  N N 90  
DC  HOP2   H  N N 91  
DC  "H5'"  H  N N 92  
DC  "H5''" H  N N 93  
DC  "H4'"  H  N N 94  
DC  "H3'"  H  N N 95  
DC  "HO3'" H  N N 96  
DC  "H2'"  H  N N 97  
DC  "H2''" H  N N 98  
DC  "H1'"  H  N N 99  
DC  H41    H  N N 100 
DC  H42    H  N N 101 
DC  H5     H  N N 102 
DC  H6     H  N N 103 
DG  OP3    O  N N 104 
DG  P      P  N N 105 
DG  OP1    O  N N 106 
DG  OP2    O  N N 107 
DG  "O5'"  O  N N 108 
DG  "C5'"  C  N N 109 
DG  "C4'"  C  N R 110 
DG  "O4'"  O  N N 111 
DG  "C3'"  C  N S 112 
DG  "O3'"  O  N N 113 
DG  "C2'"  C  N N 114 
DG  "C1'"  C  N R 115 
DG  N9     N  Y N 116 
DG  C8     C  Y N 117 
DG  N7     N  Y N 118 
DG  C5     C  Y N 119 
DG  C6     C  N N 120 
DG  O6     O  N N 121 
DG  N1     N  N N 122 
DG  C2     C  N N 123 
DG  N2     N  N N 124 
DG  N3     N  N N 125 
DG  C4     C  Y N 126 
DG  HOP3   H  N N 127 
DG  HOP2   H  N N 128 
DG  "H5'"  H  N N 129 
DG  "H5''" H  N N 130 
DG  "H4'"  H  N N 131 
DG  "H3'"  H  N N 132 
DG  "HO3'" H  N N 133 
DG  "H2'"  H  N N 134 
DG  "H2''" H  N N 135 
DG  "H1'"  H  N N 136 
DG  H8     H  N N 137 
DG  H1     H  N N 138 
DG  H21    H  N N 139 
DG  H22    H  N N 140 
DT  OP3    O  N N 141 
DT  P      P  N N 142 
DT  OP1    O  N N 143 
DT  OP2    O  N N 144 
DT  "O5'"  O  N N 145 
DT  "C5'"  C  N N 146 
DT  "C4'"  C  N R 147 
DT  "O4'"  O  N N 148 
DT  "C3'"  C  N S 149 
DT  "O3'"  O  N N 150 
DT  "C2'"  C  N N 151 
DT  "C1'"  C  N R 152 
DT  N1     N  N N 153 
DT  C2     C  N N 154 
DT  O2     O  N N 155 
DT  N3     N  N N 156 
DT  C4     C  N N 157 
DT  O4     O  N N 158 
DT  C5     C  N N 159 
DT  C7     C  N N 160 
DT  C6     C  N N 161 
DT  HOP3   H  N N 162 
DT  HOP2   H  N N 163 
DT  "H5'"  H  N N 164 
DT  "H5''" H  N N 165 
DT  "H4'"  H  N N 166 
DT  "H3'"  H  N N 167 
DT  "HO3'" H  N N 168 
DT  "H2'"  H  N N 169 
DT  "H2''" H  N N 170 
DT  "H1'"  H  N N 171 
DT  H3     H  N N 172 
DT  H71    H  N N 173 
DT  H72    H  N N 174 
DT  H73    H  N N 175 
DT  H6     H  N N 176 
HOH O      O  N N 177 
HOH H1     H  N N 178 
HOH H2     H  N N 179 
MG  MG     MG N N 180 
# 
loop_
_chem_comp_bond.comp_id 
_chem_comp_bond.atom_id_1 
_chem_comp_bond.atom_id_2 
_chem_comp_bond.value_order 
_chem_comp_bond.pdbx_aromatic_flag 
_chem_comp_bond.pdbx_stereo_config 
_chem_comp_bond.pdbx_ordinal 
BRU N1    C2     sing N N 1   
BRU N1    C6     sing N N 2   
BRU N1    "C1'"  sing N N 3   
BRU C2    N3     sing N N 4   
BRU C2    O2     doub N N 5   
BRU N3    C4     sing N N 6   
BRU N3    HN3    sing N N 7   
BRU C4    C5     sing N N 8   
BRU C4    O4     doub N N 9   
BRU C5    C6     doub N N 10  
BRU C5    BR     sing N N 11  
BRU C6    H6     sing N N 12  
BRU "C1'" "C2'"  sing N N 13  
BRU "C1'" "O4'"  sing N N 14  
BRU "C1'" "H1'"  sing N N 15  
BRU "C2'" "C3'"  sing N N 16  
BRU "C2'" "H2'"  sing N N 17  
BRU "C2'" "H2''" sing N N 18  
BRU "C3'" "C4'"  sing N N 19  
BRU "C3'" "O3'"  sing N N 20  
BRU "C3'" "H3'"  sing N N 21  
BRU "C4'" "O4'"  sing N N 22  
BRU "C4'" "C5'"  sing N N 23  
BRU "C4'" "H4'"  sing N N 24  
BRU "O3'" "HO3'" sing N N 25  
BRU "C5'" "O5'"  sing N N 26  
BRU "C5'" "H5'"  sing N N 27  
BRU "C5'" "H5''" sing N N 28  
BRU "O5'" P      sing N N 29  
BRU P     OP1    doub N N 30  
BRU P     OP2    sing N N 31  
BRU P     OP3    sing N N 32  
BRU OP2   HOP2   sing N N 33  
BRU OP3   HOP3   sing N N 34  
DA  OP3   P      sing N N 35  
DA  OP3   HOP3   sing N N 36  
DA  P     OP1    doub N N 37  
DA  P     OP2    sing N N 38  
DA  P     "O5'"  sing N N 39  
DA  OP2   HOP2   sing N N 40  
DA  "O5'" "C5'"  sing N N 41  
DA  "C5'" "C4'"  sing N N 42  
DA  "C5'" "H5'"  sing N N 43  
DA  "C5'" "H5''" sing N N 44  
DA  "C4'" "O4'"  sing N N 45  
DA  "C4'" "C3'"  sing N N 46  
DA  "C4'" "H4'"  sing N N 47  
DA  "O4'" "C1'"  sing N N 48  
DA  "C3'" "O3'"  sing N N 49  
DA  "C3'" "C2'"  sing N N 50  
DA  "C3'" "H3'"  sing N N 51  
DA  "O3'" "HO3'" sing N N 52  
DA  "C2'" "C1'"  sing N N 53  
DA  "C2'" "H2'"  sing N N 54  
DA  "C2'" "H2''" sing N N 55  
DA  "C1'" N9     sing N N 56  
DA  "C1'" "H1'"  sing N N 57  
DA  N9    C8     sing Y N 58  
DA  N9    C4     sing Y N 59  
DA  C8    N7     doub Y N 60  
DA  C8    H8     sing N N 61  
DA  N7    C5     sing Y N 62  
DA  C5    C6     sing Y N 63  
DA  C5    C4     doub Y N 64  
DA  C6    N6     sing N N 65  
DA  C6    N1     doub Y N 66  
DA  N6    H61    sing N N 67  
DA  N6    H62    sing N N 68  
DA  N1    C2     sing Y N 69  
DA  C2    N3     doub Y N 70  
DA  C2    H2     sing N N 71  
DA  N3    C4     sing Y N 72  
DC  OP3   P      sing N N 73  
DC  OP3   HOP3   sing N N 74  
DC  P     OP1    doub N N 75  
DC  P     OP2    sing N N 76  
DC  P     "O5'"  sing N N 77  
DC  OP2   HOP2   sing N N 78  
DC  "O5'" "C5'"  sing N N 79  
DC  "C5'" "C4'"  sing N N 80  
DC  "C5'" "H5'"  sing N N 81  
DC  "C5'" "H5''" sing N N 82  
DC  "C4'" "O4'"  sing N N 83  
DC  "C4'" "C3'"  sing N N 84  
DC  "C4'" "H4'"  sing N N 85  
DC  "O4'" "C1'"  sing N N 86  
DC  "C3'" "O3'"  sing N N 87  
DC  "C3'" "C2'"  sing N N 88  
DC  "C3'" "H3'"  sing N N 89  
DC  "O3'" "HO3'" sing N N 90  
DC  "C2'" "C1'"  sing N N 91  
DC  "C2'" "H2'"  sing N N 92  
DC  "C2'" "H2''" sing N N 93  
DC  "C1'" N1     sing N N 94  
DC  "C1'" "H1'"  sing N N 95  
DC  N1    C2     sing N N 96  
DC  N1    C6     sing N N 97  
DC  C2    O2     doub N N 98  
DC  C2    N3     sing N N 99  
DC  N3    C4     doub N N 100 
DC  C4    N4     sing N N 101 
DC  C4    C5     sing N N 102 
DC  N4    H41    sing N N 103 
DC  N4    H42    sing N N 104 
DC  C5    C6     doub N N 105 
DC  C5    H5     sing N N 106 
DC  C6    H6     sing N N 107 
DG  OP3   P      sing N N 108 
DG  OP3   HOP3   sing N N 109 
DG  P     OP1    doub N N 110 
DG  P     OP2    sing N N 111 
DG  P     "O5'"  sing N N 112 
DG  OP2   HOP2   sing N N 113 
DG  "O5'" "C5'"  sing N N 114 
DG  "C5'" "C4'"  sing N N 115 
DG  "C5'" "H5'"  sing N N 116 
DG  "C5'" "H5''" sing N N 117 
DG  "C4'" "O4'"  sing N N 118 
DG  "C4'" "C3'"  sing N N 119 
DG  "C4'" "H4'"  sing N N 120 
DG  "O4'" "C1'"  sing N N 121 
DG  "C3'" "O3'"  sing N N 122 
DG  "C3'" "C2'"  sing N N 123 
DG  "C3'" "H3'"  sing N N 124 
DG  "O3'" "HO3'" sing N N 125 
DG  "C2'" "C1'"  sing N N 126 
DG  "C2'" "H2'"  sing N N 127 
DG  "C2'" "H2''" sing N N 128 
DG  "C1'" N9     sing N N 129 
DG  "C1'" "H1'"  sing N N 130 
DG  N9    C8     sing Y N 131 
DG  N9    C4     sing Y N 132 
DG  C8    N7     doub Y N 133 
DG  C8    H8     sing N N 134 
DG  N7    C5     sing Y N 135 
DG  C5    C6     sing N N 136 
DG  C5    C4     doub Y N 137 
DG  C6    O6     doub N N 138 
DG  C6    N1     sing N N 139 
DG  N1    C2     sing N N 140 
DG  N1    H1     sing N N 141 
DG  C2    N2     sing N N 142 
DG  C2    N3     doub N N 143 
DG  N2    H21    sing N N 144 
DG  N2    H22    sing N N 145 
DG  N3    C4     sing N N 146 
DT  OP3   P      sing N N 147 
DT  OP3   HOP3   sing N N 148 
DT  P     OP1    doub N N 149 
DT  P     OP2    sing N N 150 
DT  P     "O5'"  sing N N 151 
DT  OP2   HOP2   sing N N 152 
DT  "O5'" "C5'"  sing N N 153 
DT  "C5'" "C4'"  sing N N 154 
DT  "C5'" "H5'"  sing N N 155 
DT  "C5'" "H5''" sing N N 156 
DT  "C4'" "O4'"  sing N N 157 
DT  "C4'" "C3'"  sing N N 158 
DT  "C4'" "H4'"  sing N N 159 
DT  "O4'" "C1'"  sing N N 160 
DT  "C3'" "O3'"  sing N N 161 
DT  "C3'" "C2'"  sing N N 162 
DT  "C3'" "H3'"  sing N N 163 
DT  "O3'" "HO3'" sing N N 164 
DT  "C2'" "C1'"  sing N N 165 
DT  "C2'" "H2'"  sing N N 166 
DT  "C2'" "H2''" sing N N 167 
DT  "C1'" N1     sing N N 168 
DT  "C1'" "H1'"  sing N N 169 
DT  N1    C2     sing N N 170 
DT  N1    C6     sing N N 171 
DT  C2    O2     doub N N 172 
DT  C2    N3     sing N N 173 
DT  N3    C4     sing N N 174 
DT  N3    H3     sing N N 175 
DT  C4    O4     doub N N 176 
DT  C4    C5     sing N N 177 
DT  C5    C7     sing N N 178 
DT  C5    C6     doub N N 179 
DT  C7    H71    sing N N 180 
DT  C7    H72    sing N N 181 
DT  C7    H73    sing N N 182 
DT  C6    H6     sing N N 183 
HOH O     H1     sing N N 184 
HOH O     H2     sing N N 185 
# 
loop_
_ndb_struct_conf_na.entry_id 
_ndb_struct_conf_na.feature 
5MVL 'double helix'        
5MVL 'a-form double helix' 
# 
loop_
_ndb_struct_na_base_pair.model_number 
_ndb_struct_na_base_pair.i_label_asym_id 
_ndb_struct_na_base_pair.i_label_comp_id 
_ndb_struct_na_base_pair.i_label_seq_id 
_ndb_struct_na_base_pair.i_symmetry 
_ndb_struct_na_base_pair.j_label_asym_id 
_ndb_struct_na_base_pair.j_label_comp_id 
_ndb_struct_na_base_pair.j_label_seq_id 
_ndb_struct_na_base_pair.j_symmetry 
_ndb_struct_na_base_pair.shear 
_ndb_struct_na_base_pair.stretch 
_ndb_struct_na_base_pair.stagger 
_ndb_struct_na_base_pair.buckle 
_ndb_struct_na_base_pair.propeller 
_ndb_struct_na_base_pair.opening 
_ndb_struct_na_base_pair.pair_number 
_ndb_struct_na_base_pair.pair_name 
_ndb_struct_na_base_pair.i_auth_asym_id 
_ndb_struct_na_base_pair.i_auth_seq_id 
_ndb_struct_na_base_pair.i_PDB_ins_code 
_ndb_struct_na_base_pair.j_auth_asym_id 
_ndb_struct_na_base_pair.j_auth_seq_id 
_ndb_struct_na_base_pair.j_PDB_ins_code 
_ndb_struct_na_base_pair.hbond_type_28 
_ndb_struct_na_base_pair.hbond_type_12 
1 A DC  1  1_555 B DG  12 1_555 0.143  -0.136 0.281  -4.845  -5.429  0.403  1  A_DC1:DG12_B  A 1  ? B 12 ? 19 1 
1 A BRU 2  1_555 B DA  11 1_555 -0.140 -0.183 0.220  3.421   -9.381  2.739  2  A_BRU2:DA11_B A 2  ? B 11 ? 20 1 
1 A DA  3  1_555 B DT  10 1_555 0.138  -0.148 0.164  8.411   -16.235 1.314  3  A_DA3:DT10_B  A 3  ? B 10 ? 20 1 
1 A DC  4  1_555 B DG  9  1_555 0.147  -0.082 0.066  5.841   -18.248 2.768  4  A_DC4:DG9_B   A 4  ? B 9  ? 19 1 
1 A DG  5  1_555 B DC  8  1_555 -0.223 -0.151 0.015  -2.732  -7.551  2.878  5  A_DG5:DC8_B   A 5  ? B 8  ? 19 1 
1 A DC  6  1_555 B DG  7  1_555 0.150  -0.143 -0.159 1.551   -11.439 -0.157 6  A_DC6:DG7_B   A 6  ? B 7  ? 19 1 
1 A DG  7  1_555 B DC  6  1_555 -0.078 -0.073 0.030  1.880   -2.319  0.167  7  A_DG7:DC6_B   A 7  ? B 6  ? 19 1 
1 A DC  8  1_555 B DG  5  1_555 0.182  -0.139 -0.186 7.286   -8.470  1.147  8  A_DC8:DG5_B   A 8  ? B 5  ? 19 1 
1 A DG  9  1_555 B DC  4  1_555 -0.300 -0.114 -0.421 -22.280 -16.225 1.771  9  A_DG9:DC4_B   A 9  ? B 4  ? 19 1 
1 A DT  10 1_555 B DA  3  1_555 -0.132 -0.133 -0.037 -10.900 -9.372  0.065  10 A_DT10:DA3_B  A 10 ? B 3  ? 20 1 
1 A DA  11 1_555 B BRU 2  1_555 0.143  -0.161 0.262  -4.717  -10.133 1.131  11 A_DA11:BRU2_B A 11 ? B 2  ? 20 1 
1 A DG  12 1_555 B DC  1  1_555 -0.190 -0.087 0.444  8.590   -7.197  -0.662 12 A_DG12:DC1_B  A 12 ? B 1  ? 19 1 
# 
loop_
_ndb_struct_na_base_pair_step.model_number 
_ndb_struct_na_base_pair_step.i_label_asym_id_1 
_ndb_struct_na_base_pair_step.i_label_comp_id_1 
_ndb_struct_na_base_pair_step.i_label_seq_id_1 
_ndb_struct_na_base_pair_step.i_symmetry_1 
_ndb_struct_na_base_pair_step.j_label_asym_id_1 
_ndb_struct_na_base_pair_step.j_label_comp_id_1 
_ndb_struct_na_base_pair_step.j_label_seq_id_1 
_ndb_struct_na_base_pair_step.j_symmetry_1 
_ndb_struct_na_base_pair_step.i_label_asym_id_2 
_ndb_struct_na_base_pair_step.i_label_comp_id_2 
_ndb_struct_na_base_pair_step.i_label_seq_id_2 
_ndb_struct_na_base_pair_step.i_symmetry_2 
_ndb_struct_na_base_pair_step.j_label_asym_id_2 
_ndb_struct_na_base_pair_step.j_label_comp_id_2 
_ndb_struct_na_base_pair_step.j_label_seq_id_2 
_ndb_struct_na_base_pair_step.j_symmetry_2 
_ndb_struct_na_base_pair_step.shift 
_ndb_struct_na_base_pair_step.slide 
_ndb_struct_na_base_pair_step.rise 
_ndb_struct_na_base_pair_step.tilt 
_ndb_struct_na_base_pair_step.roll 
_ndb_struct_na_base_pair_step.twist 
_ndb_struct_na_base_pair_step.x_displacement 
_ndb_struct_na_base_pair_step.y_displacement 
_ndb_struct_na_base_pair_step.helical_rise 
_ndb_struct_na_base_pair_step.inclination 
_ndb_struct_na_base_pair_step.tip 
_ndb_struct_na_base_pair_step.helical_twist 
_ndb_struct_na_base_pair_step.step_number 
_ndb_struct_na_base_pair_step.step_name 
_ndb_struct_na_base_pair_step.i_auth_asym_id_1 
_ndb_struct_na_base_pair_step.i_auth_seq_id_1 
_ndb_struct_na_base_pair_step.i_PDB_ins_code_1 
_ndb_struct_na_base_pair_step.j_auth_asym_id_1 
_ndb_struct_na_base_pair_step.j_auth_seq_id_1 
_ndb_struct_na_base_pair_step.j_PDB_ins_code_1 
_ndb_struct_na_base_pair_step.i_auth_asym_id_2 
_ndb_struct_na_base_pair_step.i_auth_seq_id_2 
_ndb_struct_na_base_pair_step.i_PDB_ins_code_2 
_ndb_struct_na_base_pair_step.j_auth_asym_id_2 
_ndb_struct_na_base_pair_step.j_auth_seq_id_2 
_ndb_struct_na_base_pair_step.j_PDB_ins_code_2 
1 A DC  1  1_555 B DG  12 1_555 A BRU 2  1_555 B DA  11 1_555 -0.667 -2.170 3.063 -1.245 1.364  28.486 -4.688 1.091  2.984 2.768  
2.527   28.545 1  AA_DC1BRU2:DA11DG12_BB A 1  ? B 12 ? A 2  ? B 11 ? 
1 A BRU 2  1_555 B DA  11 1_555 A DA  3  1_555 B DT  10 1_555 -0.659 -1.402 2.969 -1.937 10.568 27.156 -4.714 0.954  2.313 21.471 
3.935   29.167 2  AA_BRU2DA3:DT10DA11_BB A 2  ? B 11 ? A 3  ? B 10 ? 
1 A DA  3  1_555 B DT  10 1_555 A DC  4  1_555 B DG  9  1_555 0.431  -1.459 3.302 0.828  4.386  34.760 -3.072 -0.593 3.109 7.305  
-1.379  35.037 3  AA_DA3DC4:DG9DT10_BB   A 3  ? B 10 ? A 4  ? B 9  ? 
1 A DC  4  1_555 B DG  9  1_555 A DG  5  1_555 B DC  8  1_555 -0.120 -1.831 3.326 -1.059 15.155 25.548 -6.359 0.040  1.957 31.020 
2.167   29.659 4  AA_DC4DG5:DC8DG9_BB    A 4  ? B 9  ? A 5  ? B 8  ? 
1 A DG  5  1_555 B DC  8  1_555 A DC  6  1_555 B DG  7  1_555 -0.824 -1.264 3.211 -1.046 7.723  33.802 -3.241 1.231  2.885 13.067 
1.769   34.663 5  AA_DG5DC6:DG7DC8_BB    A 5  ? B 8  ? A 6  ? B 7  ? 
1 A DC  6  1_555 B DG  7  1_555 A DG  7  1_555 B DC  6  1_555 1.178  -2.137 3.249 -0.437 12.643 24.368 -7.123 -2.576 1.905 27.694 
0.957   27.412 6  AA_DC6DG7:DC6DG7_BB    A 6  ? B 7  ? A 7  ? B 6  ? 
1 A DG  7  1_555 B DC  6  1_555 A DC  8  1_555 B DG  5  1_555 -0.739 -2.675 3.179 -1.192 8.311  22.296 -8.759 1.465  2.094 20.578 
2.952   23.805 7  AA_DG7DC8:DG5DC6_BB    A 7  ? B 6  ? A 8  ? B 5  ? 
1 A DC  8  1_555 B DG  5  1_555 A DG  9  1_555 B DC  4  1_555 1.157  -1.219 3.764 9.807  19.297 37.471 -3.788 -0.494 3.020 27.423 
-13.937 43.079 8  AA_DC8DG9:DC4DG5_BB    A 8  ? B 5  ? A 9  ? B 4  ? 
1 A DG  9  1_555 B DC  4  1_555 A DT  10 1_555 B DA  3  1_555 -0.879 -1.057 3.035 -2.033 5.330  30.279 -2.937 1.293  2.863 10.091 
3.849   30.799 9  AA_DG9DT10:DA3DC4_BB   A 9  ? B 4  ? A 10 ? B 3  ? 
1 A DT  10 1_555 B DA  3  1_555 A DA  11 1_555 B BRU 2  1_555 0.811  -1.155 3.044 0.301  17.762 27.376 -4.652 -1.404 1.960 33.437 
-0.567  32.542 10 AA_DT10DA11:BRU2DA3_BB A 10 ? B 3  ? A 11 ? B 2  ? 
1 A DA  11 1_555 B BRU 2  1_555 A DG  12 1_555 B DC  1  1_555 0.442  -1.668 2.975 1.538  -0.160 31.031 -3.086 -0.555 3.001 -0.298 
-2.873  31.069 11 AA_DA11DG12:DC1BRU2_BB A 11 ? B 2  ? A 12 ? B 1  ? 
# 
_pdbx_audit_support.country                ? 
_pdbx_audit_support.funding_organization   'Biotechnology and Biological Sciences Research Council' 
_pdbx_audit_support.grant_number           BB/J001694/2 
_pdbx_audit_support.ordinal                1 
# 
_atom_sites.entry_id                    5MVL 
_atom_sites.fract_transf_matrix[1][1]   -0.00370238 
_atom_sites.fract_transf_matrix[1][2]   -0.01966075 
_atom_sites.fract_transf_matrix[1][3]   0.01743104 
_atom_sites.fract_transf_matrix[2][1]   0.02070121 
_atom_sites.fract_transf_matrix[2][2]   -0.01423573 
_atom_sites.fract_transf_matrix[2][3]   0.00853565 
_atom_sites.fract_transf_matrix[3][1]   0.00216495 
_atom_sites.fract_transf_matrix[3][2]   0.01057718 
_atom_sites.fract_transf_matrix[3][3]   0.01239002 
_atom_sites.fract_transf_vector[1]      0.547876 
_atom_sites.fract_transf_vector[2]      0.031077 
_atom_sites.fract_transf_vector[3]      -0.087421 
# 
loop_
_atom_type.symbol 
BR 
C  
H  
MG 
N  
O  
P  
# 
loop_
_atom_site.group_PDB 
_atom_site.id 
_atom_site.type_symbol 
_atom_site.label_atom_id 
_atom_site.label_alt_id 
_atom_site.label_comp_id 
_atom_site.label_asym_id 
_atom_site.label_entity_id 
_atom_site.label_seq_id 
_atom_site.pdbx_PDB_ins_code 
_atom_site.Cartn_x 
_atom_site.Cartn_y 
_atom_site.Cartn_z 
_atom_site.occupancy 
_atom_site.B_iso_or_equiv 
_atom_site.pdbx_formal_charge 
_atom_site.auth_seq_id 
_atom_site.auth_comp_id 
_atom_site.auth_asym_id 
_atom_site.auth_atom_id 
_atom_site.pdbx_PDB_model_num 
ATOM   1   O  "O5'"  . DC  A 1 1  ? 4.992   5.819   11.710  1.00 44.32 ? 1   DC  A "O5'"  1 
ATOM   2   C  "C5'"  . DC  A 1 1  ? 4.442   4.604   11.226  1.00 38.83 ? 1   DC  A "C5'"  1 
ATOM   3   C  "C4'"  . DC  A 1 1  ? 5.093   3.411   11.905  1.00 35.54 ? 1   DC  A "C4'"  1 
ATOM   4   O  "O4'"  . DC  A 1 1  ? 4.481   3.195   13.201  1.00 34.23 ? 1   DC  A "O4'"  1 
ATOM   5   C  "C3'"  . DC  A 1 1  ? 4.944   2.101   11.150  1.00 32.29 ? 1   DC  A "C3'"  1 
ATOM   6   O  "O3'"  . DC  A 1 1  ? 6.069   1.905   10.324  1.00 31.82 ? 1   DC  A "O3'"  1 
ATOM   7   C  "C2'"  . DC  A 1 1  ? 4.886   1.067   12.267  1.00 30.88 ? 1   DC  A "C2'"  1 
ATOM   8   C  "C1'"  . DC  A 1 1  ? 4.137   1.833   13.350  1.00 32.03 ? 1   DC  A "C1'"  1 
ATOM   9   N  N1     . DC  A 1 1  ? 2.658   1.716   13.271  1.00 30.33 ? 1   DC  A N1     1 
ATOM   10  C  C2     . DC  A 1 1  ? 2.062   0.470   13.449  1.00 28.66 ? 1   DC  A C2     1 
ATOM   11  O  O2     . DC  A 1 1  ? 2.776   -0.510  13.652  1.00 28.39 ? 1   DC  A O2     1 
ATOM   12  N  N3     . DC  A 1 1  ? 0.713   0.373   13.400  1.00 27.61 ? 1   DC  A N3     1 
ATOM   13  C  C4     . DC  A 1 1  ? -0.028  1.459   13.181  1.00 28.68 ? 1   DC  A C4     1 
ATOM   14  N  N4     . DC  A 1 1  ? -1.359  1.310   13.141  1.00 29.84 ? 1   DC  A N4     1 
ATOM   15  C  C5     . DC  A 1 1  ? 0.563   2.744   12.995  1.00 30.20 ? 1   DC  A C5     1 
ATOM   16  C  C6     . DC  A 1 1  ? 1.897   2.827   13.056  1.00 29.88 ? 1   DC  A C6     1 
HETATM 17  N  N1     . BRU A 1 2  ? 2.655   -3.001  10.736  1.00 22.60 ? 2   BRU A N1     1 
HETATM 18  C  C2     . BRU A 1 2  ? 1.419   -3.783  10.927  1.00 23.35 ? 2   BRU A C2     1 
HETATM 19  N  N3     . BRU A 1 2  ? 0.125   -3.106  10.765  1.00 23.40 ? 2   BRU A N3     1 
HETATM 20  C  C4     . BRU A 1 2  ? 0.035   -1.695  10.442  1.00 22.85 ? 2   BRU A C4     1 
HETATM 21  C  C5     . BRU A 1 2  ? 1.287   -0.945  10.264  1.00 23.34 ? 2   BRU A C5     1 
HETATM 22  C  C6     . BRU A 1 2  ? 2.572   -1.598  10.420  1.00 23.47 ? 2   BRU A C6     1 
HETATM 23  O  O2     . BRU A 1 2  ? 1.474   -4.902  11.187  1.00 24.12 ? 2   BRU A O2     1 
HETATM 24  O  O4     . BRU A 1 2  ? -1.018  -1.206  10.335  1.00 26.35 ? 2   BRU A O4     1 
HETATM 25  BR BR     . BRU A 1 2  ? 1.271   0.919   9.802   0.37 23.73 ? 2   BRU A BR     1 
HETATM 26  C  "C1'"  . BRU A 1 2  ? 3.847   -3.601  10.944  1.00 24.06 ? 2   BRU A "C1'"  1 
HETATM 27  C  "C2'"  . BRU A 1 2  ? 4.468   -4.279  9.741   1.00 26.54 ? 2   BRU A "C2'"  1 
HETATM 28  C  "C3'"  . BRU A 1 2  ? 5.286   -3.346  9.242   1.00 28.80 ? 2   BRU A "C3'"  1 
HETATM 29  C  "C4'"  . BRU A 1 2  ? 5.891   -2.628  10.574  1.00 26.76 ? 2   BRU A "C4'"  1 
HETATM 30  O  "O3'"  . BRU A 1 2  ? 6.332   -3.917  8.427   1.00 34.99 ? 2   BRU A "O3'"  1 
HETATM 31  O  "O4'"  . BRU A 1 2  ? 4.882   -2.497  11.388  1.00 24.09 ? 2   BRU A "O4'"  1 
HETATM 32  C  "C5'"  . BRU A 1 2  ? 6.495   -1.255  10.246  1.00 28.87 ? 2   BRU A "C5'"  1 
HETATM 33  O  "O5'"  . BRU A 1 2  ? 5.544   -0.493  9.528   1.00 28.18 ? 2   BRU A "O5'"  1 
HETATM 34  P  P      . BRU A 1 2  ? 5.923   1.040   8.983   1.00 31.24 ? 2   BRU A P      1 
HETATM 35  O  OP1    . BRU A 1 2  ? 7.229   1.050   8.214   1.00 33.99 ? 2   BRU A OP1    1 
HETATM 36  O  OP2    . BRU A 1 2  ? 4.729   1.524   8.206   1.00 31.71 ? 2   BRU A OP2    1 
HETATM 37  H  HN3    . BRU A 1 2  ? -0.600  -3.557  10.873  1.00 28.07 ? 2   BRU A HN3    1 
HETATM 38  H  H6     . BRU A 1 2  ? 3.352   -1.103  10.310  1.00 28.17 ? 2   BRU A H6     1 
HETATM 39  H  "H1'"  . BRU A 1 2  ? 3.756   -4.252  11.657  1.00 28.87 ? 2   BRU A "H1'"  1 
HETATM 40  H  "H2'"  . BRU A 1 2  ? 4.972   -5.062  10.012  1.00 31.85 ? 2   BRU A "H2'"  1 
HETATM 41  H  "H2''" . BRU A 1 2  ? 3.786   -4.514  9.092   1.00 31.85 ? 2   BRU A "H2''" 1 
HETATM 42  H  "H3'"  . BRU A 1 2  ? 4.775   -2.704  8.724   1.00 34.56 ? 2   BRU A "H3'"  1 
HETATM 43  H  "H4'"  . BRU A 1 2  ? 6.563   -3.199  10.977  1.00 32.11 ? 2   BRU A "H4'"  1 
HETATM 44  H  "H5'"  . BRU A 1 2  ? 7.295   -1.368  9.710   1.00 34.65 ? 2   BRU A "H5'"  1 
HETATM 45  H  "H5''" . BRU A 1 2  ? 6.720   -0.797  11.072  1.00 34.65 ? 2   BRU A "H5''" 1 
ATOM   46  P  P      . DA  A 1 3  ? 6.151   -3.973  6.827   1.00 38.20 ? 3   DA  A P      1 
ATOM   47  O  OP1    . DA  A 1 3  ? 7.446   -4.310  6.197   1.00 41.89 ? 3   DA  A OP1    1 
ATOM   48  O  OP2    . DA  A 1 3  ? 5.398   -2.754  6.452   1.00 39.32 ? 3   DA  A OP2    1 
ATOM   49  O  "O5'"  . DA  A 1 3  ? 5.128   -5.182  6.610   1.00 34.23 ? 3   DA  A "O5'"  1 
ATOM   50  C  "C5'"  . DA  A 1 3  ? 5.486   -6.478  7.017   1.00 31.27 ? 3   DA  A "C5'"  1 
ATOM   51  C  "C4'"  . DA  A 1 3  ? 4.269   -7.363  7.129   1.00 27.70 ? 3   DA  A "C4'"  1 
ATOM   52  O  "O4'"  . DA  A 1 3  ? 3.362   -6.851  8.140   1.00 28.47 ? 3   DA  A "O4'"  1 
ATOM   53  C  "C3'"  . DA  A 1 3  ? 3.405   -7.436  5.896   1.00 27.12 ? 3   DA  A "C3'"  1 
ATOM   54  O  "O3'"  . DA  A 1 3  ? 3.963   -8.276  4.941   1.00 29.05 ? 3   DA  A "O3'"  1 
ATOM   55  C  "C2'"  . DA  A 1 3  ? 2.118   -7.977  6.472   1.00 27.41 ? 3   DA  A "C2'"  1 
ATOM   56  C  "C1'"  . DA  A 1 3  ? 2.035   -7.238  7.798   1.00 25.95 ? 3   DA  A "C1'"  1 
ATOM   57  N  N9     . DA  A 1 3  ? 1.183   -6.055  7.751   1.00 25.48 ? 3   DA  A N9     1 
ATOM   58  C  C8     . DA  A 1 3  ? 1.565   -4.753  7.576   1.00 25.91 ? 3   DA  A C8     1 
ATOM   59  N  N7     . DA  A 1 3  ? 0.560   -3.903  7.596   1.00 24.72 ? 3   DA  A N7     1 
ATOM   60  C  C5     . DA  A 1 3  ? -0.553  -4.713  7.787   1.00 24.68 ? 3   DA  A C5     1 
ATOM   61  C  C6     . DA  A 1 3  ? -1.928  -4.429  7.896   1.00 24.75 ? 3   DA  A C6     1 
ATOM   62  N  N6     . DA  A 1 3  ? -2.432  -3.198  7.831   1.00 23.93 ? 3   DA  A N6     1 
ATOM   63  N  N1     . DA  A 1 3  ? -2.769  -5.467  8.080   1.00 24.58 ? 3   DA  A N1     1 
ATOM   64  C  C2     . DA  A 1 3  ? -2.263  -6.699  8.148   1.00 25.75 ? 3   DA  A C2     1 
ATOM   65  N  N3     . DA  A 1 3  ? -0.992  -7.087  8.061   1.00 25.22 ? 3   DA  A N3     1 
ATOM   66  C  C4     . DA  A 1 3  ? -0.183  -6.036  7.879   1.00 24.56 ? 3   DA  A C4     1 
ATOM   67  H  "H5'"  . DA  A 1 3  ? 5.927   -6.430  7.879   1.00 37.53 ? 3   DA  A "H5'"  1 
ATOM   68  H  "H5''" . DA  A 1 3  ? 6.097   -6.858  6.367   1.00 37.53 ? 3   DA  A "H5''" 1 
ATOM   69  H  "H4'"  . DA  A 1 3  ? 4.548   -8.258  7.377   1.00 33.24 ? 3   DA  A "H4'"  1 
ATOM   70  H  "H3'"  . DA  A 1 3  ? 3.265   -6.550  5.530   1.00 32.54 ? 3   DA  A "H3'"  1 
ATOM   71  H  "H2'"  . DA  A 1 3  ? 1.364   -7.754  5.904   1.00 32.89 ? 3   DA  A "H2'"  1 
ATOM   72  H  "H2''" . DA  A 1 3  ? 2.177   -8.935  6.614   1.00 32.89 ? 3   DA  A "H2''" 1 
ATOM   73  H  "H1'"  . DA  A 1 3  ? 1.698   -7.844  8.476   1.00 31.13 ? 3   DA  A "H1'"  1 
ATOM   74  H  H8     . DA  A 1 3  ? 2.451   -4.492  7.472   1.00 31.10 ? 3   DA  A H8     1 
ATOM   75  H  H61    . DA  A 1 3  ? -3.279  -3.075  7.906   1.00 28.72 ? 3   DA  A H61    1 
ATOM   76  H  H62    . DA  A 1 3  ? -1.908  -2.526  7.715   1.00 28.72 ? 3   DA  A H62    1 
ATOM   77  H  H2     . DA  A 1 3  ? -2.883  -7.380  8.280   1.00 30.89 ? 3   DA  A H2     1 
ATOM   78  P  P      . DC  A 1 4  ? 3.615   -8.049  3.394   1.00 30.14 ? 4   DC  A P      1 
ATOM   79  O  OP1    . DC  A 1 4  ? 4.521   -8.935  2.632   1.00 33.03 ? 4   DC  A OP1    1 
ATOM   80  O  OP2    . DC  A 1 4  ? 3.556   -6.598  3.107   1.00 32.45 ? 4   DC  A OP2    1 
ATOM   81  O  "O5'"  . DC  A 1 4  ? 2.112   -8.532  3.266   1.00 28.72 ? 4   DC  A "O5'"  1 
ATOM   82  C  "C5'"  . DC  A 1 4  ? 1.768   -9.861  3.535   1.00 28.28 ? 4   DC  A "C5'"  1 
ATOM   83  C  "C4'"  . DC  A 1 4  ? 0.265   -10.009 3.571   1.00 28.68 ? 4   DC  A "C4'"  1 
ATOM   84  O  "O4'"  . DC  A 1 4  ? -0.273  -9.253  4.690   1.00 27.41 ? 4   DC  A "O4'"  1 
ATOM   85  C  "C3'"  . DC  A 1 4  ? -0.482  -9.440  2.378   1.00 30.89 ? 4   DC  A "C3'"  1 
ATOM   86  O  "O3'"  . DC  A 1 4  ? -0.419  -10.287 1.242   1.00 34.93 ? 4   DC  A "O3'"  1 
ATOM   87  C  "C2'"  . DC  A 1 4  ? -1.878  -9.323  2.959   1.00 29.25 ? 4   DC  A "C2'"  1 
ATOM   88  C  "C1'"  . DC  A 1 4  ? -1.577  -8.794  4.356   1.00 26.77 ? 4   DC  A "C1'"  1 
ATOM   89  N  N1     . DC  A 1 4  ? -1.614  -7.314  4.424   1.00 24.57 ? 4   DC  A N1     1 
ATOM   90  C  C2     . DC  A 1 4  ? -2.843  -6.689  4.606   1.00 24.14 ? 4   DC  A C2     1 
ATOM   91  O  O2     . DC  A 1 4  ? -3.846  -7.391  4.731   1.00 25.91 ? 4   DC  A O2     1 
ATOM   92  N  N3     . DC  A 1 4  ? -2.896  -5.336  4.644   1.00 22.53 ? 4   DC  A N3     1 
ATOM   93  C  C4     . DC  A 1 4  ? -1.785  -4.625  4.498   1.00 23.23 ? 4   DC  A C4     1 
ATOM   94  N  N4     . DC  A 1 4  ? -1.893  -3.300  4.536   1.00 23.13 ? 4   DC  A N4     1 
ATOM   95  C  C5     . DC  A 1 4  ? -0.520  -5.244  4.280   1.00 23.61 ? 4   DC  A C5     1 
ATOM   96  C  C6     . DC  A 1 4  ? -0.477  -6.579  4.252   1.00 24.02 ? 4   DC  A C6     1 
ATOM   97  H  "H5'"  . DC  A 1 4  ? 2.137   -10.121 4.393   1.00 33.94 ? 4   DC  A "H5'"  1 
ATOM   98  H  "H5''" . DC  A 1 4  ? 2.131   -10.434 2.842   1.00 33.94 ? 4   DC  A "H5''" 1 
ATOM   99  H  "H4'"  . DC  A 1 4  ? 0.036   -10.946 3.678   1.00 34.42 ? 4   DC  A "H4'"  1 
ATOM   100 H  "H3'"  . DC  A 1 4  ? -0.138  -8.560  2.160   1.00 37.07 ? 4   DC  A "H3'"  1 
ATOM   101 H  "H2'"  . DC  A 1 4  ? -2.411  -8.688  2.455   1.00 35.11 ? 4   DC  A "H2'"  1 
ATOM   102 H  "H2''" . DC  A 1 4  ? -2.310  -10.189 3.002   1.00 35.11 ? 4   DC  A "H2''" 1 
ATOM   103 H  "H1'"  . DC  A 1 4  ? -2.219  -9.162  4.984   1.00 32.13 ? 4   DC  A "H1'"  1 
ATOM   104 H  H41    . DC  A 1 4  ? -1.192  -2.809  4.444   1.00 27.76 ? 4   DC  A H41    1 
ATOM   105 H  H42    . DC  A 1 4  ? -2.663  -2.934  4.651   1.00 27.76 ? 4   DC  A H42    1 
ATOM   106 H  H5     . DC  A 1 4  ? 0.254   -4.736  4.185   1.00 28.33 ? 4   DC  A H5     1 
ATOM   107 H  H6     . DC  A 1 4  ? 0.336   -7.012  4.120   1.00 28.83 ? 4   DC  A H6     1 
ATOM   108 P  P      . DG  A 1 5  ? -0.495  -9.649  -0.236  1.00 37.77 ? 5   DG  A P      1 
ATOM   109 O  OP1    . DG  A 1 5  ? -0.177  -10.728 -1.197  1.00 41.07 ? 5   DG  A OP1    1 
ATOM   110 O  OP2    . DG  A 1 5  ? 0.270   -8.383  -0.265  1.00 39.51 ? 5   DG  A OP2    1 
ATOM   111 O  "O5'"  . DG  A 1 5  ? -2.023  -9.233  -0.394  1.00 34.38 ? 5   DG  A "O5'"  1 
ATOM   112 C  "C5'"  . DG  A 1 5  ? -3.033  -10.207 -0.298  1.00 31.44 ? 5   DG  A "C5'"  1 
ATOM   113 C  "C4'"  . DG  A 1 5  ? -4.390  -9.540  -0.316  1.00 29.99 ? 5   DG  A "C4'"  1 
ATOM   114 O  "O4'"  . DG  A 1 5  ? -4.507  -8.685  0.838   1.00 28.73 ? 5   DG  A "O4'"  1 
ATOM   115 C  "C3'"  . DG  A 1 5  ? -4.627  -8.614  -1.492  1.00 30.95 ? 5   DG  A "C3'"  1 
ATOM   116 O  "O3'"  . DG  A 1 5  ? -5.091  -9.353  -2.599  1.00 34.63 ? 5   DG  A "O3'"  1 
ATOM   117 C  "C2'"  . DG  A 1 5  ? -5.714  -7.699  -0.957  1.00 30.17 ? 5   DG  A "C2'"  1 
ATOM   118 C  "C1'"  . DG  A 1 5  ? -5.354  -7.595  0.524   1.00 27.17 ? 5   DG  A "C1'"  1 
ATOM   119 N  N9     . DG  A 1 5  ? -4.698  -6.336  0.900   1.00 24.71 ? 5   DG  A N9     1 
ATOM   120 C  C8     . DG  A 1 5  ? -3.358  -6.114  1.149   1.00 24.36 ? 5   DG  A C8     1 
ATOM   121 N  N7     . DG  A 1 5  ? -3.095  -4.873  1.481   1.00 22.12 ? 5   DG  A N7     1 
ATOM   122 C  C5     . DG  A 1 5  ? -4.347  -4.243  1.454   1.00 22.26 ? 5   DG  A C5     1 
ATOM   123 C  C6     . DG  A 1 5  ? -4.724  -2.898  1.735   1.00 21.09 ? 5   DG  A C6     1 
ATOM   124 O  O6     . DG  A 1 5  ? -4.008  -1.945  2.073   1.00 22.42 ? 5   DG  A O6     1 
ATOM   125 N  N1     . DG  A 1 5  ? -6.096  -2.705  1.578   1.00 21.83 ? 5   DG  A N1     1 
ATOM   126 C  C2     . DG  A 1 5  ? -6.985  -3.680  1.207   1.00 22.02 ? 5   DG  A C2     1 
ATOM   127 N  N2     . DG  A 1 5  ? -8.270  -3.314  1.085   1.00 23.66 ? 5   DG  A N2     1 
ATOM   128 N  N3     . DG  A 1 5  ? -6.648  -4.925  0.960   1.00 23.77 ? 5   DG  A N3     1 
ATOM   129 C  C4     . DG  A 1 5  ? -5.326  -5.137  1.097   1.00 22.95 ? 5   DG  A C4     1 
ATOM   130 P  P      . DC  A 1 6  ? -5.034  -8.717  -4.072  1.00 36.37 ? 6   DC  A P      1 
ATOM   131 O  OP1    . DC  A 1 6  ? -5.346  -9.803  -5.028  1.00 40.09 ? 6   DC  A OP1    1 
ATOM   132 O  OP2    . DC  A 1 6  ? -3.797  -7.920  -4.209  1.00 37.97 ? 6   DC  A OP2    1 
ATOM   133 O  "O5'"  . DC  A 1 6  ? -6.216  -7.658  -4.088  1.00 33.08 ? 6   DC  A "O5'"  1 
ATOM   134 C  "C5'"  . DC  A 1 6  ? -7.562  -8.078  -4.095  1.00 29.86 ? 6   DC  A "C5'"  1 
ATOM   135 C  "C4'"  . DC  A 1 6  ? -8.463  -6.870  -4.152  1.00 27.04 ? 6   DC  A "C4'"  1 
ATOM   136 O  "O4'"  . DC  A 1 6  ? -8.335  -6.118  -2.924  1.00 26.17 ? 6   DC  A "O4'"  1 
ATOM   137 C  "C3'"  . DC  A 1 6  ? -8.110  -5.870  -5.234  1.00 27.00 ? 6   DC  A "C3'"  1 
ATOM   138 O  "O3'"  . DC  A 1 6  ? -8.661  -6.238  -6.460  1.00 27.33 ? 6   DC  A "O3'"  1 
ATOM   139 C  "C2'"  . DC  A 1 6  ? -8.702  -4.585  -4.695  1.00 25.81 ? 6   DC  A "C2'"  1 
ATOM   140 C  "C1'"  . DC  A 1 6  ? -8.483  -4.729  -3.199  1.00 23.97 ? 6   DC  A "C1'"  1 
ATOM   141 N  N1     . DC  A 1 6  ? -7.284  -4.002  -2.700  1.00 23.39 ? 6   DC  A N1     1 
ATOM   142 C  C2     . DC  A 1 6  ? -7.426  -2.681  -2.283  1.00 22.32 ? 6   DC  A C2     1 
ATOM   143 O  O2     . DC  A 1 6  ? -8.537  -2.150  -2.373  1.00 22.61 ? 6   DC  A O2     1 
ATOM   144 N  N3     . DC  A 1 6  ? -6.344  -2.016  -1.804  1.00 21.60 ? 6   DC  A N3     1 
ATOM   145 C  C4     . DC  A 1 6  ? -5.168  -2.627  -1.729  1.00 21.87 ? 6   DC  A C4     1 
ATOM   146 N  N4     . DC  A 1 6  ? -4.137  -1.931  -1.240  1.00 21.62 ? 6   DC  A N4     1 
ATOM   147 C  C5     . DC  A 1 6  ? -4.997  -3.980  -2.157  1.00 22.77 ? 6   DC  A C5     1 
ATOM   148 C  C6     . DC  A 1 6  ? -6.077  -4.626  -2.624  1.00 23.30 ? 6   DC  A C6     1 
ATOM   149 H  "H5'"  . DC  A 1 6  ? -7.747  -8.583  -3.288  1.00 35.83 ? 6   DC  A "H5'"  1 
ATOM   150 H  "H5''" . DC  A 1 6  ? -7.722  -8.637  -4.871  1.00 35.83 ? 6   DC  A "H5''" 1 
ATOM   151 H  "H4'"  . DC  A 1 6  ? -9.383  -7.156  -4.262  1.00 32.45 ? 6   DC  A "H4'"  1 
ATOM   152 H  "H3'"  . DC  A 1 6  ? -7.147  -5.789  -5.310  1.00 32.41 ? 6   DC  A "H3'"  1 
ATOM   153 H  "H2'"  . DC  A 1 6  ? -8.224  -3.815  -5.041  1.00 30.97 ? 6   DC  A "H2'"  1 
ATOM   154 H  "H2''" . DC  A 1 6  ? -9.648  -4.529  -4.902  1.00 30.97 ? 6   DC  A "H2''" 1 
ATOM   155 H  "H1'"  . DC  A 1 6  ? -9.268  -4.398  -2.735  1.00 28.77 ? 6   DC  A "H1'"  1 
ATOM   156 H  H41    . DC  A 1 6  ? -3.361  -2.298  -1.178  1.00 25.94 ? 6   DC  A H41    1 
ATOM   157 H  H42    . DC  A 1 6  ? -4.249  -1.117  -0.987  1.00 25.94 ? 6   DC  A H42    1 
ATOM   158 H  H5     . DC  A 1 6  ? -4.173  -4.404  -2.095  1.00 27.32 ? 6   DC  A H5     1 
ATOM   159 H  H6     . DC  A 1 6  ? -5.999  -5.511  -2.898  1.00 27.96 ? 6   DC  A H6     1 
ATOM   160 P  P      . DG  A 1 7  ? -7.952  -5.756  -7.803  1.00 28.92 ? 7   DG  A P      1 
ATOM   161 O  OP1    . DG  A 1 7  ? -8.784  -6.224  -8.932  1.00 30.84 ? 7   DG  A OP1    1 
ATOM   162 O  OP2    . DG  A 1 7  ? -6.532  -6.128  -7.746  1.00 29.83 ? 7   DG  A OP2    1 
ATOM   163 O  "O5'"  . DG  A 1 7  ? -8.081  -4.177  -7.714  1.00 26.79 ? 7   DG  A "O5'"  1 
ATOM   164 C  "C5'"  . DG  A 1 7  ? -7.004  -3.341  -8.028  1.00 26.35 ? 7   DG  A "C5'"  1 
ATOM   165 C  "C4'"  . DG  A 1 7  ? -7.413  -1.919  -7.754  1.00 25.38 ? 7   DG  A "C4'"  1 
ATOM   166 O  "O4'"  . DG  A 1 7  ? -7.515  -1.703  -6.318  1.00 24.36 ? 7   DG  A "O4'"  1 
ATOM   167 C  "C3'"  . DG  A 1 7  ? -6.444  -0.874  -8.214  1.00 26.69 ? 7   DG  A "C3'"  1 
ATOM   168 O  "O3'"  . DG  A 1 7  ? -6.604  -0.665  -9.592  1.00 27.74 ? 7   DG  A "O3'"  1 
ATOM   169 C  "C2'"  . DG  A 1 7  ? -6.921  0.308   -7.382  1.00 26.16 ? 7   DG  A "C2'"  1 
ATOM   170 C  "C1'"  . DG  A 1 7  ? -7.123  -0.375  -6.022  1.00 24.02 ? 7   DG  A "C1'"  1 
ATOM   171 N  N9     . DG  A 1 7  ? -5.893  -0.408  -5.233  1.00 21.51 ? 7   DG  A N9     1 
ATOM   172 C  C8     . DG  A 1 7  ? -5.043  -1.473  -5.040  1.00 22.47 ? 7   DG  A C8     1 
ATOM   173 N  N7     . DG  A 1 7  ? -3.984  -1.160  -4.328  1.00 20.55 ? 7   DG  A N7     1 
ATOM   174 C  C5     . DG  A 1 7  ? -4.156  0.191   -4.042  1.00 20.54 ? 7   DG  A C5     1 
ATOM   175 C  C6     . DG  A 1 7  ? -3.334  1.087   -3.309  1.00 21.64 ? 7   DG  A C6     1 
ATOM   176 O  O6     . DG  A 1 7  ? -2.263  0.852   -2.743  1.00 20.95 ? 7   DG  A O6     1 
ATOM   177 N  N1     . DG  A 1 7  ? -3.868  2.377   -3.287  1.00 21.06 ? 7   DG  A N1     1 
ATOM   178 C  C2     . DG  A 1 7  ? -5.049  2.748   -3.882  1.00 20.56 ? 7   DG  A C2     1 
ATOM   179 N  N2     . DG  A 1 7  ? -5.403  4.027   -3.745  1.00 22.13 ? 7   DG  A N2     1 
ATOM   180 N  N3     . DG  A 1 7  ? -5.820  1.924   -4.575  1.00 21.78 ? 7   DG  A N3     1 
ATOM   181 C  C4     . DG  A 1 7  ? -5.318  0.663   -4.601  1.00 21.22 ? 7   DG  A C4     1 
ATOM   182 P  P      . DC  A 1 8  ? -5.363  -0.169  -10.476 1.00 29.38 ? 8   DC  A P      1 
ATOM   183 O  OP1    . DC  A 1 8  ? -5.794  -0.212  -11.886 1.00 32.54 ? 8   DC  A OP1    1 
ATOM   184 O  OP2    . DC  A 1 8  ? -4.125  -0.868  -10.057 1.00 30.62 ? 8   DC  A OP2    1 
ATOM   185 O  "O5'"  . DC  A 1 8  ? -5.200  1.348   -10.035 1.00 28.91 ? 8   DC  A "O5'"  1 
ATOM   186 C  "C5'"  . DC  A 1 8  ? -6.268  2.244   -10.264 1.00 27.69 ? 8   DC  A "C5'"  1 
ATOM   187 C  "C4'"  . DC  A 1 8  ? -5.942  3.601   -9.702  1.00 27.62 ? 8   DC  A "C4'"  1 
ATOM   188 O  "O4'"  . DC  A 1 8  ? -5.795  3.520   -8.264  1.00 26.46 ? 8   DC  A "O4'"  1 
ATOM   189 C  "C3'"  . DC  A 1 8  ? -4.625  4.187   -10.152 1.00 27.78 ? 8   DC  A "C3'"  1 
ATOM   190 O  "O3'"  . DC  A 1 8  ? -4.693  4.692   -11.472 1.00 29.41 ? 8   DC  A "O3'"  1 
ATOM   191 C  "C2'"  . DC  A 1 8  ? -4.441  5.264   -9.105  1.00 26.68 ? 8   DC  A "C2'"  1 
ATOM   192 C  "C1'"  . DC  A 1 8  ? -4.914  4.547   -7.840  1.00 25.46 ? 8   DC  A "C1'"  1 
ATOM   193 N  N1     . DC  A 1 8  ? -3.790  3.964   -7.069  1.00 23.71 ? 8   DC  A N1     1 
ATOM   194 C  C2     . DC  A 1 8  ? -3.011  4.822   -6.308  1.00 22.79 ? 8   DC  A C2     1 
ATOM   195 O  O2     . DC  A 1 8  ? -3.317  6.014   -6.273  1.00 24.25 ? 8   DC  A O2     1 
ATOM   196 N  N3     . DC  A 1 8  ? -1.954  4.333   -5.629  1.00 22.22 ? 8   DC  A N3     1 
ATOM   197 C  C4     . DC  A 1 8  ? -1.666  3.033   -5.697  1.00 21.66 ? 8   DC  A C4     1 
ATOM   198 N  N4     . DC  A 1 8  ? -0.622  2.590   -4.990  1.00 21.98 ? 8   DC  A N4     1 
ATOM   199 C  C5     . DC  A 1 8  ? -2.437  2.132   -6.491  1.00 22.96 ? 8   DC  A C5     1 
ATOM   200 C  C6     . DC  A 1 8  ? -3.480  2.641   -7.168  1.00 22.05 ? 8   DC  A C6     1 
ATOM   201 H  "H5'"  . DC  A 1 8  ? -7.070  1.904   -9.836  1.00 33.23 ? 8   DC  A "H5'"  1 
ATOM   202 H  "H5''" . DC  A 1 8  ? -6.423  2.322   -11.218 1.00 33.23 ? 8   DC  A "H5''" 1 
ATOM   203 H  "H4'"  . DC  A 1 8  ? -6.659  4.220   -9.918  1.00 33.14 ? 8   DC  A "H4'"  1 
ATOM   204 H  "H3'"  . DC  A 1 8  ? -3.921  3.524   -10.078 1.00 33.34 ? 8   DC  A "H3'"  1 
ATOM   205 H  "H2'"  . DC  A 1 8  ? -3.509  5.520   -9.030  1.00 32.01 ? 8   DC  A "H2'"  1 
ATOM   206 H  "H2''" . DC  A 1 8  ? -5.001  6.033   -9.297  1.00 32.01 ? 8   DC  A "H2''" 1 
ATOM   207 H  "H1'"  . DC  A 1 8  ? -5.397  5.173   -7.277  1.00 30.56 ? 8   DC  A "H1'"  1 
ATOM   208 H  H41    . DC  A 1 8  ? -0.410  1.757   -5.013  1.00 26.37 ? 8   DC  A H41    1 
ATOM   209 H  H42    . DC  A 1 8  ? -0.163  3.138   -4.513  1.00 26.37 ? 8   DC  A H42    1 
ATOM   210 H  H5     . DC  A 1 8  ? -2.230  1.227   -6.533  1.00 27.56 ? 8   DC  A H5     1 
ATOM   211 H  H6     . DC  A 1 8  ? -4.005  2.082   -7.693  1.00 26.46 ? 8   DC  A H6     1 
ATOM   212 P  P      . DG  A 1 9  ? -3.433  4.571   -12.466 1.00 30.74 ? 9   DG  A P      1 
ATOM   213 O  OP1    . DG  A 1 9  ? -3.914  5.028   -13.787 1.00 33.90 ? 9   DG  A OP1    1 
ATOM   214 O  OP2    . DG  A 1 9  ? -2.805  3.238   -12.312 1.00 32.60 ? 9   DG  A OP2    1 
ATOM   215 O  "O5'"  . DG  A 1 9  ? -2.388  5.644   -11.919 1.00 28.65 ? 9   DG  A "O5'"  1 
ATOM   216 C  "C5'"  . DG  A 1 9  ? -2.664  7.022   -12.048 1.00 27.19 ? 9   DG  A "C5'"  1 
ATOM   217 C  "C4'"  . DG  A 1 9  ? -1.739  7.836   -11.169 1.00 23.75 ? 9   DG  A "C4'"  1 
ATOM   218 O  "O4'"  . DG  A 1 9  ? -1.843  7.377   -9.797  1.00 23.19 ? 9   DG  A "O4'"  1 
ATOM   219 C  "C3'"  . DG  A 1 9  ? -0.262  7.721   -11.502 1.00 24.50 ? 9   DG  A "C3'"  1 
ATOM   220 O  "O3'"  . DG  A 1 9  ? 0.055   8.637   -12.555 1.00 25.73 ? 9   DG  A "O3'"  1 
ATOM   221 C  "C2'"  . DG  A 1 9  ? 0.375   8.138   -10.183 1.00 24.65 ? 9   DG  A "C2'"  1 
ATOM   222 C  "C1'"  . DG  A 1 9  ? -0.578  7.504   -9.167  1.00 21.93 ? 9   DG  A "C1'"  1 
ATOM   223 N  N9     . DG  A 1 9  ? -0.123  6.195   -8.696  1.00 20.66 ? 9   DG  A N9     1 
ATOM   224 C  C8     . DG  A 1 9  ? -0.600  4.942   -9.030  1.00 21.12 ? 9   DG  A C8     1 
ATOM   225 N  N7     . DG  A 1 9  ? 0.045   3.968   -8.440  1.00 20.90 ? 9   DG  A N7     1 
ATOM   226 C  C5     . DG  A 1 9  ? 1.013   4.617   -7.678  1.00 20.45 ? 9   DG  A C5     1 
ATOM   227 C  C6     . DG  A 1 9  ? 2.016   4.100   -6.812  1.00 20.60 ? 9   DG  A C6     1 
ATOM   228 O  O6     . DG  A 1 9  ? 2.265   2.910   -6.532  1.00 21.30 ? 9   DG  A O6     1 
ATOM   229 N  N1     . DG  A 1 9  ? 2.773   5.128   -6.240  1.00 19.44 ? 9   DG  A N1     1 
ATOM   230 C  C2     . DG  A 1 9  ? 2.590   6.478   -6.485  1.00 19.07 ? 9   DG  A C2     1 
ATOM   231 N  N2     . DG  A 1 9  ? 3.422   7.330   -5.865  1.00 20.21 ? 9   DG  A N2     1 
ATOM   232 N  N3     . DG  A 1 9  ? 1.656   6.960   -7.273  1.00 19.84 ? 9   DG  A N3     1 
ATOM   233 C  C4     . DG  A 1 9  ? 0.909   5.984   -7.832  1.00 20.04 ? 9   DG  A C4     1 
ATOM   234 P  P      . DT  A 1 10 ? 1.346   8.417   -13.483 1.00 27.46 ? 10  DT  A P      1 
ATOM   235 O  OP1    . DT  A 1 10 ? 1.216   9.373   -14.611 1.00 29.28 ? 10  DT  A OP1    1 
ATOM   236 O  OP2    . DT  A 1 10 ? 1.502   6.968   -13.748 1.00 28.60 ? 10  DT  A OP2    1 
ATOM   237 O  "O5'"  . DT  A 1 10 ? 2.560   8.827   -12.536 1.00 26.50 ? 10  DT  A "O5'"  1 
ATOM   238 C  "C5'"  . DT  A 1 10 ? 2.768   10.181  -12.157 1.00 25.66 ? 10  DT  A "C5'"  1 
ATOM   239 C  "C4'"  . DT  A 1 10 ? 4.017   10.289  -11.302 1.00 25.54 ? 10  DT  A "C4'"  1 
ATOM   240 O  "O4'"  . DT  A 1 10 ? 3.794   9.614   -10.041 1.00 23.89 ? 10  DT  A "O4'"  1 
ATOM   241 C  "C3'"  . DT  A 1 10 ? 5.233   9.587   -11.869 1.00 27.48 ? 10  DT  A "C3'"  1 
ATOM   242 O  "O3'"  . DT  A 1 10 ? 5.882   10.409  -12.800 1.00 32.82 ? 10  DT  A "O3'"  1 
ATOM   243 C  "C2'"  . DT  A 1 10 ? 6.075   9.394   -10.621 1.00 23.90 ? 10  DT  A "C2'"  1 
ATOM   244 C  "C1'"  . DT  A 1 10 ? 5.010   9.033   -9.594  1.00 23.22 ? 10  DT  A "C1'"  1 
ATOM   245 N  N1     . DT  A 1 10 ? 4.822   7.564   -9.439  1.00 22.11 ? 10  DT  A N1     1 
ATOM   246 C  C2     . DT  A 1 10 ? 5.615   6.903   -8.537  1.00 21.85 ? 10  DT  A C2     1 
ATOM   247 O  O2     . DT  A 1 10 ? 6.451   7.464   -7.860  1.00 22.93 ? 10  DT  A O2     1 
ATOM   248 N  N3     . DT  A 1 10 ? 5.389   5.557   -8.453  1.00 21.37 ? 10  DT  A N3     1 
ATOM   249 C  C4     . DT  A 1 10 ? 4.472   4.818   -9.182  1.00 21.25 ? 10  DT  A C4     1 
ATOM   250 O  O4     . DT  A 1 10 ? 4.336   3.607   -9.024  1.00 21.45 ? 10  DT  A O4     1 
ATOM   251 C  C5     . DT  A 1 10 ? 3.687   5.566   -10.129 1.00 22.49 ? 10  DT  A C5     1 
ATOM   252 C  C7     . DT  A 1 10 ? 2.670   4.867   -10.973 1.00 22.49 ? 10  DT  A C7     1 
ATOM   253 C  C6     . DT  A 1 10 ? 3.896   6.892   -10.215 1.00 23.08 ? 10  DT  A C6     1 
ATOM   254 P  P      . DA  A 1 11 ? 6.545   9.755   -14.108 1.00 38.54 ? 11  DA  A P      1 
ATOM   255 O  OP1    . DA  A 1 11 ? 7.204   10.857  -14.844 1.00 42.24 ? 11  DA  A OP1    1 
ATOM   256 O  OP2    . DA  A 1 11 ? 5.542   8.910   -14.781 1.00 40.45 ? 11  DA  A OP2    1 
ATOM   257 O  "O5'"  . DA  A 1 11 ? 7.672   8.765   -13.532 1.00 38.00 ? 11  DA  A "O5'"  1 
ATOM   258 C  "C5'"  . DA  A 1 11 ? 8.938   9.275   -13.205 1.00 36.20 ? 11  DA  A "C5'"  1 
ATOM   259 C  "C4'"  . DA  A 1 11 ? 9.714   8.361   -12.266 1.00 31.22 ? 11  DA  A "C4'"  1 
ATOM   260 O  "O4'"  . DA  A 1 11 ? 8.870   7.855   -11.205 1.00 30.62 ? 11  DA  A "O4'"  1 
ATOM   261 C  "C3'"  . DA  A 1 11 ? 10.304  7.101   -12.855 1.00 31.00 ? 11  DA  A "C3'"  1 
ATOM   262 O  "O3'"  . DA  A 1 11 ? 11.429  7.399   -13.682 1.00 32.15 ? 11  DA  A "O3'"  1 
ATOM   263 C  "C2'"  . DA  A 1 11 ? 10.714  6.410   -11.561 1.00 30.79 ? 11  DA  A "C2'"  1 
ATOM   264 C  "C1'"  . DA  A 1 11 ? 9.488   6.686   -10.676 1.00 29.09 ? 11  DA  A "C1'"  1 
ATOM   265 N  N9     . DA  A 1 11 ? 8.547   5.583   -10.710 1.00 26.91 ? 11  DA  A N9     1 
ATOM   266 C  C8     . DA  A 1 11 ? 7.422   5.467   -11.477 1.00 27.26 ? 11  DA  A C8     1 
ATOM   267 N  N7     . DA  A 1 11 ? 6.787   4.327   -11.316 1.00 25.32 ? 11  DA  A N7     1 
ATOM   268 C  C5     . DA  A 1 11 ? 7.577   3.641   -10.400 1.00 23.25 ? 11  DA  A C5     1 
ATOM   269 C  C6     . DA  A 1 11 ? 7.472   2.367   -9.814  1.00 23.47 ? 11  DA  A C6     1 
ATOM   270 N  N6     . DA  A 1 11 ? 6.478   1.514   -10.075 1.00 25.23 ? 11  DA  A N6     1 
ATOM   271 N  N1     . DA  A 1 11 ? 8.434   1.996   -8.940  1.00 24.45 ? 11  DA  A N1     1 
ATOM   272 C  C2     . DA  A 1 11 ? 9.426   2.842   -8.676  1.00 24.84 ? 11  DA  A C2     1 
ATOM   273 N  N3     . DA  A 1 11 ? 9.635   4.061   -9.162  1.00 24.90 ? 11  DA  A N3     1 
ATOM   274 C  C4     . DA  A 1 11 ? 8.665   4.402   -10.028 1.00 25.52 ? 11  DA  A C4     1 
ATOM   275 P  P      . DG  A 1 12 ? 11.970  6.328   -14.757 1.00 33.08 ? 12  DG  A P      1 
ATOM   276 O  OP1    . DG  A 1 12 ? 13.026  7.019   -15.527 1.00 35.90 ? 12  DG  A OP1    1 
ATOM   277 O  OP2    . DG  A 1 12 ? 10.837  5.697   -15.472 1.00 33.26 ? 12  DG  A OP2    1 
ATOM   278 O  "O5'"  . DG  A 1 12 ? 12.643  5.196   -13.861 1.00 30.82 ? 12  DG  A "O5'"  1 
ATOM   279 C  "C5'"  . DG  A 1 12 ? 13.776  5.505   -13.071 1.00 29.68 ? 12  DG  A "C5'"  1 
ATOM   280 C  "C4'"  . DG  A 1 12 ? 14.131  4.330   -12.186 1.00 27.07 ? 12  DG  A "C4'"  1 
ATOM   281 O  "O4'"  . DG  A 1 12 ? 12.985  3.976   -11.385 1.00 26.13 ? 12  DG  A "O4'"  1 
ATOM   282 C  "C3'"  . DG  A 1 12 ? 14.478  3.052   -12.932 1.00 28.78 ? 12  DG  A "C3'"  1 
ATOM   283 O  "O3'"  . DG  A 1 12 ? 15.857  3.056   -13.319 1.00 30.02 ? 12  DG  A "O3'"  1 
ATOM   284 C  "C2'"  . DG  A 1 12 ? 14.190  1.988   -11.878 1.00 26.98 ? 12  DG  A "C2'"  1 
ATOM   285 C  "C1'"  . DG  A 1 12 ? 12.993  2.586   -11.126 1.00 25.19 ? 12  DG  A "C1'"  1 
ATOM   286 N  N9     . DG  A 1 12 ? 11.714  2.025   -11.550 1.00 24.00 ? 12  DG  A N9     1 
ATOM   287 C  C8     . DG  A 1 12 ? 10.871  2.505   -12.526 1.00 24.44 ? 12  DG  A C8     1 
ATOM   288 N  N7     . DG  A 1 12 ? 9.795   1.781   -12.685 1.00 23.56 ? 12  DG  A N7     1 
ATOM   289 C  C5     . DG  A 1 12 ? 9.940   0.750   -11.769 1.00 23.92 ? 12  DG  A C5     1 
ATOM   290 C  C6     . DG  A 1 12 ? 9.090   -0.341  -11.485 1.00 22.83 ? 12  DG  A C6     1 
ATOM   291 O  O6     . DG  A 1 12 ? 8.012   -0.625  -12.013 1.00 24.06 ? 12  DG  A O6     1 
ATOM   292 N  N1     . DG  A 1 12 ? 9.603   -1.145  -10.471 1.00 22.47 ? 12  DG  A N1     1 
ATOM   293 C  C2     . DG  A 1 12 ? 10.791  -0.928  -9.826  1.00 22.50 ? 12  DG  A C2     1 
ATOM   294 N  N2     . DG  A 1 12 ? 11.120  -1.812  -8.881  1.00 22.87 ? 12  DG  A N2     1 
ATOM   295 N  N3     . DG  A 1 12 ? 11.598  0.093   -10.080 1.00 23.21 ? 12  DG  A N3     1 
ATOM   296 C  C4     . DG  A 1 12 ? 11.110  0.889   -11.057 1.00 23.22 ? 12  DG  A C4     1 
ATOM   297 O  "O5'"  . DC  B 1 1  ? 5.017   -7.704  -6.917  1.00 41.01 ? 1   DC  B "O5'"  1 
ATOM   298 C  "C5'"  . DC  B 1 1  ? 5.967   -8.687  -6.510  1.00 36.95 ? 1   DC  B "C5'"  1 
ATOM   299 C  "C4'"  . DC  B 1 1  ? 7.369   -8.110  -6.487  1.00 33.38 ? 1   DC  B "C4'"  1 
ATOM   300 O  "O4'"  . DC  B 1 1  ? 7.784   -7.790  -7.832  1.00 31.51 ? 1   DC  B "O4'"  1 
ATOM   301 C  "C3'"  . DC  B 1 1  ? 7.523   -6.813  -5.711  1.00 31.82 ? 1   DC  B "C3'"  1 
ATOM   302 O  "O3'"  . DC  B 1 1  ? 7.773   -7.100  -4.357  1.00 33.08 ? 1   DC  B "O3'"  1 
ATOM   303 C  "C2'"  . DC  B 1 1  ? 8.746   -6.196  -6.368  1.00 28.90 ? 1   DC  B "C2'"  1 
ATOM   304 C  "C1'"  . DC  B 1 1  ? 8.558   -6.610  -7.820  1.00 28.45 ? 1   DC  B "C1'"  1 
ATOM   305 N  N1     . DC  B 1 1  ? 7.881   -5.584  -8.651  1.00 27.52 ? 1   DC  B N1     1 
ATOM   306 C  C2     . DC  B 1 1  ? 8.537   -4.391  -8.897  1.00 25.53 ? 1   DC  B C2     1 
ATOM   307 O  O2     . DC  B 1 1  ? 9.647   -4.217  -8.386  1.00 24.38 ? 1   DC  B O2     1 
ATOM   308 N  N3     . DC  B 1 1  ? 7.944   -3.461  -9.682  1.00 25.65 ? 1   DC  B N3     1 
ATOM   309 C  C4     . DC  B 1 1  ? 6.749   -3.705  -10.212 1.00 26.63 ? 1   DC  B C4     1 
ATOM   310 N  N4     . DC  B 1 1  ? 6.202   -2.758  -10.976 1.00 26.29 ? 1   DC  B N4     1 
ATOM   311 C  C5     . DC  B 1 1  ? 6.054   -4.925  -9.968  1.00 28.48 ? 1   DC  B C5     1 
ATOM   312 C  C6     . DC  B 1 1  ? 6.660   -5.839  -9.201  1.00 28.17 ? 1   DC  B C6     1 
HETATM 313 N  N1     . BRU B 1 2  ? 9.517   -1.718  -5.744  1.00 24.27 ? 2   BRU B N1     1 
HETATM 314 C  C2     . BRU B 1 2  ? 9.526   -0.487  -6.564  1.00 23.49 ? 2   BRU B C2     1 
HETATM 315 N  N3     . BRU B 1 2  ? 8.353   -0.145  -7.394  1.00 24.90 ? 2   BRU B N3     1 
HETATM 316 C  C4     . BRU B 1 2  ? 7.183   -0.994  -7.411  1.00 24.53 ? 2   BRU B C4     1 
HETATM 317 C  C5     . BRU B 1 2  ? 7.205   -2.195  -6.572  1.00 24.27 ? 2   BRU B C5     1 
HETATM 318 C  C6     . BRU B 1 2  ? 8.360   -2.573  -5.768  1.00 24.79 ? 2   BRU B C6     1 
HETATM 319 O  O2     . BRU B 1 2  ? 10.465  0.185   -6.551  1.00 25.93 ? 2   BRU B O2     1 
HETATM 320 O  O4     . BRU B 1 2  ? 6.257   -0.714  -8.058  1.00 25.90 ? 2   BRU B O4     1 
HETATM 321 BR BR     . BRU B 1 2  ? 5.664   -3.329  -6.547  0.38 24.10 ? 2   BRU B BR     1 
HETATM 322 C  "C1'"  . BRU B 1 2  ? 10.619  -2.056  -5.055  1.00 24.86 ? 2   BRU B "C1'"  1 
HETATM 323 C  "C2'"  . BRU B 1 2  ? 10.702  -1.522  -3.639  1.00 26.89 ? 2   BRU B "C2'"  1 
HETATM 324 C  "C3'"  . BRU B 1 2  ? 10.211  -2.518  -2.897  1.00 28.04 ? 2   BRU B "C3'"  1 
HETATM 325 C  "C4'"  . BRU B 1 2  ? 10.736  -3.861  -3.646  1.00 27.94 ? 2   BRU B "C4'"  1 
HETATM 326 O  "O3'"  . BRU B 1 2  ? 10.708  -2.479  -1.552  1.00 30.14 ? 2   BRU B "O3'"  1 
HETATM 327 O  "O4'"  . BRU B 1 2  ? 10.596  -3.623  -4.913  1.00 26.85 ? 2   BRU B "O4'"  1 
HETATM 328 C  "C5'"  . BRU B 1 2  ? 9.910   -5.076  -3.226  1.00 29.79 ? 2   BRU B "C5'"  1 
HETATM 329 O  "O5'"  . BRU B 1 2  ? 8.548   -4.794  -3.471  1.00 30.05 ? 2   BRU B "O5'"  1 
HETATM 330 P  P      . BRU B 1 2  ? 7.435   -6.011  -3.230  1.00 34.09 ? 2   BRU B P      1 
HETATM 331 O  OP1    . BRU B 1 2  ? 7.617   -6.651  -1.863  1.00 37.03 ? 2   BRU B OP1    1 
HETATM 332 O  OP2    . BRU B 1 2  ? 6.060   -5.457  -3.472  1.00 35.38 ? 2   BRU B OP2    1 
HETATM 333 H  HN3    . BRU B 1 2  ? 8.361   0.574   -7.865  1.00 29.88 ? 2   BRU B HN3    1 
HETATM 334 H  H6     . BRU B 1 2  ? 8.338   -3.349  -5.256  1.00 29.75 ? 2   BRU B H6     1 
HETATM 335 H  "H1'"  . BRU B 1 2  ? 11.411  -1.788  -5.548  1.00 29.84 ? 2   BRU B "H1'"  1 
HETATM 336 H  "H2'"  . BRU B 1 2  ? 10.156  -0.726  -3.543  1.00 32.27 ? 2   BRU B "H2'"  1 
HETATM 337 H  "H2''" . BRU B 1 2  ? 11.623  -1.341  -3.398  1.00 32.27 ? 2   BRU B "H2''" 1 
HETATM 338 H  "H3'"  . BRU B 1 2  ? 9.241   -2.489  -2.899  1.00 33.65 ? 2   BRU B "H3'"  1 
HETATM 339 H  "H4'"  . BRU B 1 2  ? 11.673  -4.008  -3.440  1.00 33.52 ? 2   BRU B "H4'"  1 
HETATM 340 H  "H5'"  . BRU B 1 2  ? 10.042  -5.258  -2.282  1.00 35.75 ? 2   BRU B "H5'"  1 
HETATM 341 H  "H5''" . BRU B 1 2  ? 10.181  -5.848  -3.748  1.00 35.75 ? 2   BRU B "H5''" 1 
ATOM   342 P  P      . DA  B 1 3  ? 9.935   -1.621  -0.439  1.00 33.31 ? 3   DA  B P      1 
ATOM   343 O  OP1    . DA  B 1 3  ? 10.557  -1.888  0.872   1.00 36.00 ? 3   DA  B OP1    1 
ATOM   344 O  OP2    . DA  B 1 3  ? 8.479   -1.831  -0.609  1.00 37.59 ? 3   DA  B OP2    1 
ATOM   345 O  "O5'"  . DA  B 1 3  ? 10.219  -0.110  -0.864  1.00 29.31 ? 3   DA  B "O5'"  1 
ATOM   346 C  "C5'"  . DA  B 1 3  ? 11.549  0.378   -0.935  1.00 28.16 ? 3   DA  B "C5'"  1 
ATOM   347 C  "C4'"  . DA  B 1 3  ? 11.529  1.839   -1.287  1.00 27.59 ? 3   DA  B "C4'"  1 
ATOM   348 O  "O4'"  . DA  B 1 3  ? 10.973  1.988   -2.623  1.00 26.75 ? 3   DA  B "O4'"  1 
ATOM   349 C  "C3'"  . DA  B 1 3  ? 10.653  2.679   -0.350  1.00 28.84 ? 3   DA  B "C3'"  1 
ATOM   350 O  "O3'"  . DA  B 1 3  ? 11.296  3.874   0.032   1.00 31.66 ? 3   DA  B "O3'"  1 
ATOM   351 C  "C2'"  . DA  B 1 3  ? 9.399   2.947   -1.161  1.00 27.58 ? 3   DA  B "C2'"  1 
ATOM   352 C  "C1'"  . DA  B 1 3  ? 9.892   2.887   -2.594  1.00 25.76 ? 3   DA  B "C1'"  1 
ATOM   353 N  N9     . DA  B 1 3  ? 8.864   2.432   -3.512  1.00 23.58 ? 3   DA  B N9     1 
ATOM   354 C  C8     . DA  B 1 3  ? 8.199   1.237   -3.489  1.00 22.78 ? 3   DA  B C8     1 
ATOM   355 N  N7     . DA  B 1 3  ? 7.284   1.125   -4.429  1.00 21.93 ? 3   DA  B N7     1 
ATOM   356 C  C5     . DA  B 1 3  ? 7.363   2.334   -5.110  1.00 21.53 ? 3   DA  B C5     1 
ATOM   357 C  C6     . DA  B 1 3  ? 6.663   2.844   -6.215  1.00 21.11 ? 3   DA  B C6     1 
ATOM   358 N  N6     . DA  B 1 3  ? 5.706   2.171   -6.843  1.00 21.07 ? 3   DA  B N6     1 
ATOM   359 N  N1     . DA  B 1 3  ? 6.971   4.087   -6.638  1.00 20.88 ? 3   DA  B N1     1 
ATOM   360 C  C2     . DA  B 1 3  ? 7.934   4.763   -6.003  1.00 23.44 ? 3   DA  B C2     1 
ATOM   361 N  N3     . DA  B 1 3  ? 8.669   4.382   -4.959  1.00 23.64 ? 3   DA  B N3     1 
ATOM   362 C  C4     . DA  B 1 3  ? 8.325   3.148   -4.555  1.00 23.42 ? 3   DA  B C4     1 
ATOM   363 H  "H5'"  . DA  B 1 3  ? 12.037  -0.112  -1.616  1.00 33.79 ? 3   DA  B "H5'"  1 
ATOM   364 H  "H5''" . DA  B 1 3  ? 11.983  0.258   -0.076  1.00 33.79 ? 3   DA  B "H5''" 1 
ATOM   365 H  "H4'"  . DA  B 1 3  ? 12.435  2.185   -1.276  1.00 33.11 ? 3   DA  B "H4'"  1 
ATOM   366 H  "H3'"  . DA  B 1 3  ? 10.427  2.161   0.438   1.00 34.60 ? 3   DA  B "H3'"  1 
ATOM   367 H  "H2'"  . DA  B 1 3  ? 8.735   2.260   -0.999  1.00 33.10 ? 3   DA  B "H2'"  1 
ATOM   368 H  "H2''" . DA  B 1 3  ? 9.043   3.826   -0.958  1.00 33.10 ? 3   DA  B "H2''" 1 
ATOM   369 H  "H1'"  . DA  B 1 3  ? 10.199  3.766   -2.865  1.00 30.91 ? 3   DA  B "H1'"  1 
ATOM   370 H  H8     . DA  B 1 3  ? 8.372   0.570   -2.864  1.00 27.34 ? 3   DA  B H8     1 
ATOM   371 H  H61    . DA  B 1 3  ? 5.294   2.528   -7.508  1.00 25.29 ? 3   DA  B H61    1 
ATOM   372 H  H62    . DA  B 1 3  ? 5.498   1.378   -6.585  1.00 25.29 ? 3   DA  B H62    1 
ATOM   373 H  H2     . DA  B 1 3  ? 8.117   5.611   -6.335  1.00 28.13 ? 3   DA  B H2     1 
ATOM   374 P  P      . DC  B 1 4  ? 10.707  4.745   1.245   1.00 34.85 ? 4   DC  B P      1 
ATOM   375 O  OP1    . DC  B 1 4  ? 11.784  5.668   1.675   1.00 38.03 ? 4   DC  B OP1    1 
ATOM   376 O  OP2    . DC  B 1 4  ? 10.072  3.827   2.220   1.00 38.26 ? 4   DC  B OP2    1 
ATOM   377 O  "O5'"  . DC  B 1 4  ? 9.544   5.585   0.559   1.00 30.98 ? 4   DC  B "O5'"  1 
ATOM   378 C  "C5'"  . DC  B 1 4  ? 9.871   6.553   -0.400  1.00 29.89 ? 4   DC  B "C5'"  1 
ATOM   379 C  "C4'"  . DC  B 1 4  ? 8.623   7.106   -1.027  1.00 28.19 ? 4   DC  B "C4'"  1 
ATOM   380 O  "O4'"  . DC  B 1 4  ? 8.041   6.112   -1.915  1.00 25.98 ? 4   DC  B "O4'"  1 
ATOM   381 C  "C3'"  . DC  B 1 4  ? 7.514   7.470   -0.024  1.00 29.12 ? 4   DC  B "C3'"  1 
ATOM   382 O  "O3'"  . DC  B 1 4  ? 7.070   8.800   -0.241  1.00 31.64 ? 4   DC  B "O3'"  1 
ATOM   383 C  "C2'"  . DC  B 1 4  ? 6.433   6.447   -0.332  1.00 27.52 ? 4   DC  B "C2'"  1 
ATOM   384 C  "C1'"  . DC  B 1 4  ? 6.666   6.258   -1.813  1.00 25.65 ? 4   DC  B "C1'"  1 
ATOM   385 N  N1     . DC  B 1 4  ? 5.941   5.115   -2.422  1.00 22.90 ? 4   DC  B N1     1 
ATOM   386 C  C2     . DC  B 1 4  ? 5.331   5.310   -3.659  1.00 20.73 ? 4   DC  B C2     1 
ATOM   387 O  O2     . DC  B 1 4  ? 5.491   6.387   -4.239  1.00 21.44 ? 4   DC  B O2     1 
ATOM   388 N  N3     . DC  B 1 4  ? 4.603   4.318   -4.196  1.00 20.82 ? 4   DC  B N3     1 
ATOM   389 C  C4     . DC  B 1 4  ? 4.475   3.162   -3.561  1.00 21.97 ? 4   DC  B C4     1 
ATOM   390 N  N4     . DC  B 1 4  ? 3.745   2.211   -4.157  1.00 22.78 ? 4   DC  B N4     1 
ATOM   391 C  C5     . DC  B 1 4  ? 5.083   2.933   -2.291  1.00 23.51 ? 4   DC  B C5     1 
ATOM   392 C  C6     . DC  B 1 4  ? 5.788   3.940   -1.753  1.00 24.43 ? 4   DC  B C6     1 
ATOM   393 H  "H5'"  . DC  B 1 4  ? 10.424  6.150   -1.088  1.00 35.87 ? 4   DC  B "H5'"  1 
ATOM   394 H  "H5''" . DC  B 1 4  ? 10.363  7.273   0.024   1.00 35.87 ? 4   DC  B "H5''" 1 
ATOM   395 H  "H4'"  . DC  B 1 4  ? 8.852   7.894   -1.543  1.00 33.82 ? 4   DC  B "H4'"  1 
ATOM   396 H  "H3'"  . DC  B 1 4  ? 7.833   7.361   0.886   1.00 34.95 ? 4   DC  B "H3'"  1 
ATOM   397 H  "H2'"  . DC  B 1 4  ? 6.581   5.622   0.155   1.00 33.02 ? 4   DC  B "H2'"  1 
ATOM   398 H  "H2''" . DC  B 1 4  ? 5.549   6.809   -0.159  1.00 33.02 ? 4   DC  B "H2''" 1 
ATOM   399 H  "H1'"  . DC  B 1 4  ? 6.405   7.071   -2.275  1.00 30.78 ? 4   DC  B "H1'"  1 
ATOM   400 H  H41    . DC  B 1 4  ? 3.640   1.447   -3.775  1.00 27.33 ? 4   DC  B H41    1 
ATOM   401 H  H42    . DC  B 1 4  ? 3.382   2.363   -4.921  1.00 27.33 ? 4   DC  B H42    1 
ATOM   402 H  H5     . DC  B 1 4  ? 4.970   2.127   -1.840  1.00 28.21 ? 4   DC  B H5     1 
ATOM   403 H  H6     . DC  B 1 4  ? 6.180   3.832   -0.916  1.00 29.32 ? 4   DC  B H6     1 
ATOM   404 P  P      . DG  B 1 5  ? 6.310   9.615   0.915   1.00 32.77 ? 5   DG  B P      1 
ATOM   405 O  OP1    . DG  B 1 5  ? 7.154   10.797  1.215   1.00 36.58 ? 5   DG  B OP1    1 
ATOM   406 O  OP2    . DG  B 1 5  ? 5.907   8.682   1.995   1.00 33.71 ? 5   DG  B OP2    1 
ATOM   407 O  "O5'"  . DG  B 1 5  ? 4.950   10.073  0.220   1.00 31.39 ? 5   DG  B "O5'"  1 
ATOM   408 C  "C5'"  . DG  B 1 5  ? 4.854   11.345  -0.367  1.00 29.37 ? 5   DG  B "C5'"  1 
ATOM   409 C  "C4'"  . DG  B 1 5  ? 3.546   11.474  -1.107  1.00 26.65 ? 5   DG  B "C4'"  1 
ATOM   410 O  "O4'"  . DG  B 1 5  ? 3.586   10.682  -2.307  1.00 26.04 ? 5   DG  B "O4'"  1 
ATOM   411 C  "C3'"  . DG  B 1 5  ? 2.335   10.947  -0.372  1.00 24.88 ? 5   DG  B "C3'"  1 
ATOM   412 O  "O3'"  . DG  B 1 5  ? 1.922   11.896  0.577   1.00 24.60 ? 5   DG  B "O3'"  1 
ATOM   413 C  "C2'"  . DG  B 1 5  ? 1.357   10.823  -1.529  1.00 23.28 ? 5   DG  B "C2'"  1 
ATOM   414 C  "C1'"  . DG  B 1 5  ? 2.272   10.264  -2.627  1.00 23.05 ? 5   DG  B "C1'"  1 
ATOM   415 N  N9     . DG  B 1 5  ? 2.246   8.812   -2.670  1.00 21.38 ? 5   DG  B N9     1 
ATOM   416 C  C8     . DG  B 1 5  ? 3.104   7.935   -2.047  1.00 22.35 ? 5   DG  B C8     1 
ATOM   417 N  N7     . DG  B 1 5  ? 2.788   6.688   -2.248  1.00 22.57 ? 5   DG  B N7     1 
ATOM   418 C  C5     . DG  B 1 5  ? 1.649   6.750   -3.053  1.00 20.22 ? 5   DG  B C5     1 
ATOM   419 C  C6     . DG  B 1 5  ? 0.854   5.717   -3.613  1.00 20.01 ? 5   DG  B C6     1 
ATOM   420 O  O6     . DG  B 1 5  ? 1.006   4.502   -3.509  1.00 22.29 ? 5   DG  B O6     1 
ATOM   421 N  N1     . DG  B 1 5  ? -0.221  6.228   -4.361  1.00 20.29 ? 5   DG  B N1     1 
ATOM   422 C  C2     . DG  B 1 5  ? -0.471  7.569   -4.550  1.00 19.82 ? 5   DG  B C2     1 
ATOM   423 N  N2     . DG  B 1 5  ? -1.543  7.893   -5.306  1.00 21.26 ? 5   DG  B N2     1 
ATOM   424 N  N3     . DG  B 1 5  ? 0.283   8.528   -4.043  1.00 20.84 ? 5   DG  B N3     1 
ATOM   425 C  C4     . DG  B 1 5  ? 1.305   8.048   -3.303  1.00 20.83 ? 5   DG  B C4     1 
ATOM   426 P  P      . DC  B 1 6  ? 0.974   11.469  1.794   1.00 25.55 ? 6   DC  B P      1 
ATOM   427 O  OP1    . DC  B 1 6  ? 0.704   12.695  2.573   1.00 28.23 ? 6   DC  B OP1    1 
ATOM   428 O  OP2    . DC  B 1 6  ? 1.561   10.283  2.468   1.00 27.76 ? 6   DC  B OP2    1 
ATOM   429 O  "O5'"  . DC  B 1 6  ? -0.348  10.997  1.041   1.00 25.07 ? 6   DC  B "O5'"  1 
ATOM   430 C  "C5'"  . DC  B 1 6  ? -1.062  9.856   1.450   1.00 25.39 ? 6   DC  B "C5'"  1 
ATOM   431 C  "C4'"  . DC  B 1 6  ? -2.216  9.617   0.502   1.00 25.33 ? 6   DC  B "C4'"  1 
ATOM   432 O  "O4'"  . DC  B 1 6  ? -1.723  9.034   -0.736  1.00 24.10 ? 6   DC  B "O4'"  1 
ATOM   433 C  "C3'"  . DC  B 1 6  ? -3.251  8.635   0.983   1.00 23.73 ? 6   DC  B "C3'"  1 
ATOM   434 O  "O3'"  . DC  B 1 6  ? -4.149  9.244   1.905   1.00 27.08 ? 6   DC  B "O3'"  1 
ATOM   435 C  "C2'"  . DC  B 1 6  ? -3.905  8.244   -0.333  1.00 23.10 ? 6   DC  B "C2'"  1 
ATOM   436 C  "C1'"  . DC  B 1 6  ? -2.690  8.131   -1.250  1.00 22.72 ? 6   DC  B "C1'"  1 
ATOM   437 N  N1     . DC  B 1 6  ? -2.136  6.760   -1.268  1.00 21.42 ? 6   DC  B N1     1 
ATOM   438 C  C2     . DC  B 1 6  ? -2.855  5.754   -1.911  1.00 22.19 ? 6   DC  B C2     1 
ATOM   439 O  O2     . DC  B 1 6  ? -3.900  6.052   -2.488  1.00 24.44 ? 6   DC  B O2     1 
ATOM   440 N  N3     . DC  B 1 6  ? -2.381  4.485   -1.891  1.00 21.08 ? 6   DC  B N3     1 
ATOM   441 C  C4     . DC  B 1 6  ? -1.241  4.206   -1.261  1.00 21.18 ? 6   DC  B C4     1 
ATOM   442 N  N4     . DC  B 1 6  ? -0.815  2.935   -1.272  1.00 22.87 ? 6   DC  B N4     1 
ATOM   443 C  C5     . DC  B 1 6  ? -0.492  5.219   -0.584  1.00 22.20 ? 6   DC  B C5     1 
ATOM   444 C  C6     . DC  B 1 6  ? -0.981  6.469   -0.601  1.00 22.54 ? 6   DC  B C6     1 
ATOM   445 H  "H5'"  . DC  B 1 6  ? -1.405  9.992   2.347   1.00 30.46 ? 6   DC  B "H5'"  1 
ATOM   446 H  "H5''" . DC  B 1 6  ? -0.473  9.085   1.443   1.00 30.46 ? 6   DC  B "H5''" 1 
ATOM   447 H  "H4'"  . DC  B 1 6  ? -2.648  10.463  0.305   1.00 30.39 ? 6   DC  B "H4'"  1 
ATOM   448 H  "H3'"  . DC  B 1 6  ? -2.822  7.866   1.387   1.00 28.48 ? 6   DC  B "H3'"  1 
ATOM   449 H  "H2'"  . DC  B 1 6  ? -4.360  7.392   -0.254  1.00 27.72 ? 6   DC  B "H2'"  1 
ATOM   450 H  "H2''" . DC  B 1 6  ? -4.508  8.937   -0.640  1.00 27.72 ? 6   DC  B "H2''" 1 
ATOM   451 H  "H1'"  . DC  B 1 6  ? -2.936  8.396   -2.152  1.00 27.26 ? 6   DC  B "H1'"  1 
ATOM   452 H  H41    . DC  B 1 6  ? -0.082  2.723   -0.875  1.00 27.45 ? 6   DC  B H41    1 
ATOM   453 H  H42    . DC  B 1 6  ? -1.274  2.331   -1.678  1.00 27.45 ? 6   DC  B H42    1 
ATOM   454 H  H5     . DC  B 1 6  ? 0.299   5.017   -0.138  1.00 26.64 ? 6   DC  B H5     1 
ATOM   455 H  H6     . DC  B 1 6  ? -0.519  7.148   -0.166  1.00 27.05 ? 6   DC  B H6     1 
ATOM   456 P  P      . DG  B 1 7  ? -4.961  8.343   2.964   1.00 29.78 ? 7   DG  B P      1 
ATOM   457 O  OP1    . DG  B 1 7  ? -5.617  9.292   3.890   1.00 33.43 ? 7   DG  B OP1    1 
ATOM   458 O  OP2    . DG  B 1 7  ? -4.106  7.252   3.482   1.00 31.90 ? 7   DG  B OP2    1 
ATOM   459 O  "O5'"  . DG  B 1 7  ? -6.079  7.644   2.080   1.00 28.14 ? 7   DG  B "O5'"  1 
ATOM   460 C  "C5'"  . DG  B 1 7  ? -7.108  8.433   1.515   1.00 27.34 ? 7   DG  B "C5'"  1 
ATOM   461 C  "C4'"  . DG  B 1 7  ? -8.111  7.555   0.812   1.00 26.90 ? 7   DG  B "C4'"  1 
ATOM   462 O  "O4'"  . DG  B 1 7  ? -7.469  6.895   -0.303  1.00 26.22 ? 7   DG  B "O4'"  1 
ATOM   463 C  "C3'"  . DG  B 1 7  ? -8.643  6.414   1.651   1.00 27.95 ? 7   DG  B "C3'"  1 
ATOM   464 O  "O3'"  . DG  B 1 7  ? -9.673  6.877   2.510   1.00 29.79 ? 7   DG  B "O3'"  1 
ATOM   465 C  "C2'"  . DG  B 1 7  ? -9.157  5.478   0.568   1.00 27.43 ? 7   DG  B "C2'"  1 
ATOM   466 C  "C1'"  . DG  B 1 7  ? -8.038  5.603   -0.470  1.00 25.89 ? 7   DG  B "C1'"  1 
ATOM   467 N  N9     . DG  B 1 7  ? -6.982  4.621   -0.293  1.00 23.01 ? 7   DG  B N9     1 
ATOM   468 C  C8     . DG  B 1 7  ? -5.773  4.801   0.333   1.00 22.23 ? 7   DG  B C8     1 
ATOM   469 N  N7     . DG  B 1 7  ? -5.037  3.725   0.350   1.00 22.90 ? 7   DG  B N7     1 
ATOM   470 C  C5     . DG  B 1 7  ? -5.816  2.775   -0.303  1.00 21.45 ? 7   DG  B C5     1 
ATOM   471 C  C6     . DG  B 1 7  ? -5.548  1.416   -0.588  1.00 21.14 ? 7   DG  B C6     1 
ATOM   472 O  O6     . DG  B 1 7  ? -4.533  0.768   -0.323  1.00 22.03 ? 7   DG  B O6     1 
ATOM   473 N  N1     . DG  B 1 7  ? -6.607  0.809   -1.255  1.00 20.89 ? 7   DG  B N1     1 
ATOM   474 C  C2     . DG  B 1 7  ? -7.774  1.440   -1.606  1.00 21.21 ? 7   DG  B C2     1 
ATOM   475 N  N2     . DG  B 1 7  ? -8.684  0.693   -2.245  1.00 21.46 ? 7   DG  B N2     1 
ATOM   476 N  N3     . DG  B 1 7  ? -8.035  2.715   -1.343  1.00 22.47 ? 7   DG  B N3     1 
ATOM   477 C  C4     . DG  B 1 7  ? -7.013  3.315   -0.697  1.00 22.62 ? 7   DG  B C4     1 
ATOM   478 P  P      . DC  B 1 8  ? -9.809  6.281   3.997   1.00 32.14 ? 8   DC  B P      1 
ATOM   479 O  OP1    . DC  B 1 8  ? -10.882 7.029   4.692   1.00 34.41 ? 8   DC  B OP1    1 
ATOM   480 O  OP2    . DC  B 1 8  ? -8.469  6.169   4.619   1.00 34.07 ? 8   DC  B OP2    1 
ATOM   481 O  "O5'"  . DC  B 1 8  ? -10.334 4.806   3.740   1.00 30.19 ? 8   DC  B "O5'"  1 
ATOM   482 C  "C5'"  . DC  B 1 8  ? -11.600 4.612   3.159   1.00 29.12 ? 8   DC  B "C5'"  1 
ATOM   483 C  "C4'"  . DC  B 1 8  ? -11.769 3.170   2.767   1.00 27.27 ? 8   DC  B "C4'"  1 
ATOM   484 O  "O4'"  . DC  B 1 8  ? -10.788 2.818   1.760   1.00 26.14 ? 8   DC  B "O4'"  1 
ATOM   485 C  "C3'"  . DC  B 1 8  ? -11.509 2.169   3.875   1.00 27.34 ? 8   DC  B "C3'"  1 
ATOM   486 O  "O3'"  . DC  B 1 8  ? -12.597 2.056   4.764   1.00 29.17 ? 8   DC  B "O3'"  1 
ATOM   487 C  "C2'"  . DC  B 1 8  ? -11.281 0.913   3.072   1.00 25.45 ? 8   DC  B "C2'"  1 
ATOM   488 C  "C1'"  . DC  B 1 8  ? -10.446 1.442   1.920   1.00 24.33 ? 8   DC  B "C1'"  1 
ATOM   489 N  N1     . DC  B 1 8  ? -9.009  1.296   2.176   1.00 22.91 ? 8   DC  B N1     1 
ATOM   490 C  C2     . DC  B 1 8  ? -8.430  0.075   1.894   1.00 23.85 ? 8   DC  B C2     1 
ATOM   491 O  O2     . DC  B 1 8  ? -9.137  -0.809  1.411   1.00 25.61 ? 8   DC  B O2     1 
ATOM   492 N  N3     . DC  B 1 8  ? -7.113  -0.104  2.137   1.00 22.80 ? 8   DC  B N3     1 
ATOM   493 C  C4     . DC  B 1 8  ? -6.397  0.877   2.679   1.00 22.84 ? 8   DC  B C4     1 
ATOM   494 N  N4     . DC  B 1 8  ? -5.101  0.646   2.900   1.00 23.29 ? 8   DC  B N4     1 
ATOM   495 C  C5     . DC  B 1 8  ? -6.977  2.144   2.993   1.00 23.72 ? 8   DC  B C5     1 
ATOM   496 C  C6     . DC  B 1 8  ? -8.283  2.304   2.740   1.00 24.33 ? 8   DC  B C6     1 
ATOM   497 H  "H5'"  . DC  B 1 8  ? -11.680 5.171   2.371   1.00 34.94 ? 8   DC  B "H5'"  1 
ATOM   498 H  "H5''" . DC  B 1 8  ? -12.288 4.856   3.798   1.00 34.94 ? 8   DC  B "H5''" 1 
ATOM   499 H  "H4'"  . DC  B 1 8  ? -12.660 3.034   2.411   1.00 32.73 ? 8   DC  B "H4'"  1 
ATOM   500 H  "H3'"  . DC  B 1 8  ? -10.702 2.408   4.358   1.00 32.81 ? 8   DC  B "H3'"  1 
ATOM   501 H  "H2'"  . DC  B 1 8  ? -10.786 0.257   3.586   1.00 30.54 ? 8   DC  B "H2'"  1 
ATOM   502 H  "H2''" . DC  B 1 8  ? -12.121 0.548   2.753   1.00 30.54 ? 8   DC  B "H2''" 1 
ATOM   503 H  "H1'"  . DC  B 1 8  ? -10.678 0.961   1.110   1.00 29.20 ? 8   DC  B "H1'"  1 
ATOM   504 H  H41    . DC  B 1 8  ? -4.608  1.259   3.249   1.00 27.95 ? 8   DC  B H41    1 
ATOM   505 H  H42    . DC  B 1 8  ? -4.758  -0.115  2.693   1.00 27.95 ? 8   DC  B H42    1 
ATOM   506 H  H5     . DC  B 1 8  ? -6.469  2.831   3.362   1.00 28.46 ? 8   DC  B H5     1 
ATOM   507 H  H6     . DC  B 1 8  ? -8.693  3.116   2.933   1.00 29.20 ? 8   DC  B H6     1 
ATOM   508 P  P      . DG  B 1 9  ? -12.343 1.554   6.272   1.00 29.60 ? 9   DG  B P      1 
ATOM   509 O  OP1    . DG  B 1 9  ? -13.607 1.730   7.011   1.00 32.42 ? 9   DG  B OP1    1 
ATOM   510 O  OP2    . DG  B 1 9  ? -11.113 2.200   6.784   1.00 31.57 ? 9   DG  B OP2    1 
ATOM   511 O  "O5'"  . DG  B 1 9  ? -12.033 -0.006  6.132   1.00 26.88 ? 9   DG  B "O5'"  1 
ATOM   512 C  "C5'"  . DG  B 1 9  ? -13.043 -0.876  5.684   1.00 25.88 ? 9   DG  B "C5'"  1 
ATOM   513 C  "C4'"  . DG  B 1 9  ? -12.452 -2.205  5.282   1.00 24.63 ? 9   DG  B "C4'"  1 
ATOM   514 O  "O4'"  . DG  B 1 9  ? -11.362 -1.975  4.367   1.00 23.73 ? 9   DG  B "O4'"  1 
ATOM   515 C  "C3'"  . DG  B 1 9  ? -11.807 -3.004  6.403   1.00 25.95 ? 9   DG  B "C3'"  1 
ATOM   516 O  "O3'"  . DG  B 1 9  ? -12.798 -3.715  7.122   1.00 27.01 ? 9   DG  B "O3'"  1 
ATOM   517 C  "C2'"  . DG  B 1 9  ? -10.935 -3.949  5.601   1.00 23.70 ? 9   DG  B "C2'"  1 
ATOM   518 C  "C1'"  . DG  B 1 9  ? -10.422 -3.020  4.501   1.00 23.11 ? 9   DG  B "C1'"  1 
ATOM   519 N  N9     . DG  B 1 9  ? -9.103  -2.466  4.784   1.00 22.97 ? 9   DG  B N9     1 
ATOM   520 C  C8     . DG  B 1 9  ? -8.768  -1.176  5.130   1.00 21.98 ? 9   DG  B C8     1 
ATOM   521 N  N7     . DG  B 1 9  ? -7.480  -1.009  5.315   1.00 22.86 ? 9   DG  B N7     1 
ATOM   522 C  C5     . DG  B 1 9  ? -6.939  -2.272  5.076   1.00 21.84 ? 9   DG  B C5     1 
ATOM   523 C  C6     . DG  B 1 9  ? -5.594  -2.733  5.123   1.00 21.57 ? 9   DG  B C6     1 
ATOM   524 O  O6     . DG  B 1 9  ? -4.558  -2.099  5.393   1.00 23.01 ? 9   DG  B O6     1 
ATOM   525 N  N1     . DG  B 1 9  ? -5.509  -4.092  4.820   1.00 22.41 ? 9   DG  B N1     1 
ATOM   526 C  C2     . DG  B 1 9  ? -6.580  -4.896  4.522   1.00 22.22 ? 9   DG  B C2     1 
ATOM   527 N  N2     . DG  B 1 9  ? -6.310  -6.178  4.258   1.00 22.76 ? 9   DG  B N2     1 
ATOM   528 N  N3     . DG  B 1 9  ? -7.825  -4.475  4.466   1.00 23.48 ? 9   DG  B N3     1 
ATOM   529 C  C4     . DG  B 1 9  ? -7.933  -3.167  4.759   1.00 22.54 ? 9   DG  B C4     1 
ATOM   530 P  P      . DT  B 1 10 ? -12.491 -4.252  8.605   1.00 28.61 ? 10  DT  B P      1 
ATOM   531 O  OP1    . DT  B 1 10 ? -13.769 -4.783  9.124   1.00 31.52 ? 10  DT  B OP1    1 
ATOM   532 O  OP2    . DT  B 1 10 ? -11.751 -3.219  9.359   1.00 30.61 ? 10  DT  B OP2    1 
ATOM   533 O  "O5'"  . DT  B 1 10 ? -11.467 -5.447  8.380   1.00 29.89 ? 10  DT  B "O5'"  1 
ATOM   534 C  "C5'"  . DT  B 1 10 ? -11.899 -6.654  7.803   1.00 28.72 ? 10  DT  B "C5'"  1 
ATOM   535 C  "C4'"  . DT  B 1 10 ? -10.752 -7.640  7.757   1.00 27.85 ? 10  DT  B "C4'"  1 
ATOM   536 O  "O4'"  . DT  B 1 10 ? -9.692  -7.094  6.940   1.00 28.80 ? 10  DT  B "O4'"  1 
ATOM   537 C  "C3'"  . DT  B 1 10 ? -10.082 -7.884  9.095   1.00 30.23 ? 10  DT  B "C3'"  1 
ATOM   538 O  "O3'"  . DT  B 1 10 ? -10.790 -8.849  9.843   1.00 33.37 ? 10  DT  B "O3'"  1 
ATOM   539 C  "C2'"  . DT  B 1 10 ? -8.723  -8.400  8.667   1.00 29.05 ? 10  DT  B "C2'"  1 
ATOM   540 C  "C1'"  . DT  B 1 10 ? -8.438  -7.513  7.464   1.00 26.96 ? 10  DT  B "C1'"  1 
ATOM   541 N  N1     . DT  B 1 10 ? -7.605  -6.308  7.768   1.00 25.72 ? 10  DT  B N1     1 
ATOM   542 C  C2     . DT  B 1 10 ? -6.239  -6.444  7.800   1.00 25.51 ? 10  DT  B C2     1 
ATOM   543 O  O2     . DT  B 1 10 ? -5.673  -7.503  7.632   1.00 27.35 ? 10  DT  B O2     1 
ATOM   544 N  N3     . DT  B 1 10 ? -5.553  -5.292  8.050   1.00 24.46 ? 10  DT  B N3     1 
ATOM   545 C  C4     . DT  B 1 10 ? -6.077  -4.036  8.265   1.00 24.26 ? 10  DT  B C4     1 
ATOM   546 O  O4     . DT  B 1 10 ? -5.364  -3.057  8.473   1.00 26.00 ? 10  DT  B O4     1 
ATOM   547 C  C5     . DT  B 1 10 ? -7.519  -3.953  8.224   1.00 23.75 ? 10  DT  B C5     1 
ATOM   548 C  C7     . DT  B 1 10 ? -8.198  -2.633  8.443   1.00 25.14 ? 10  DT  B C7     1 
ATOM   549 C  C6     . DT  B 1 10 ? -8.210  -5.081  7.971   1.00 25.18 ? 10  DT  B C6     1 
ATOM   550 P  P      . DA  B 1 11 ? -10.807 -8.734  11.441  1.00 37.14 ? 11  DA  B P      1 
ATOM   551 O  OP1    . DA  B 1 11 ? -11.512 -9.924  11.976  1.00 38.61 ? 11  DA  B OP1    1 
ATOM   552 O  OP2    . DA  B 1 11 ? -11.310 -7.379  11.753  1.00 39.72 ? 11  DA  B OP2    1 
ATOM   553 O  "O5'"  . DA  B 1 11 ? -9.254  -8.716  11.857  1.00 38.27 ? 11  DA  B "O5'"  1 
ATOM   554 C  "C5'"  . DA  B 1 11 ? -8.594  -9.907  12.209  1.00 38.61 ? 11  DA  B "C5'"  1 
ATOM   555 C  "C4'"  . DA  B 1 11 ? -7.079  -9.747  12.174  1.00 34.64 ? 11  DA  B "C4'"  1 
ATOM   556 O  "O4'"  . DA  B 1 11 ? -6.670  -8.791  11.169  1.00 32.14 ? 11  DA  B "O4'"  1 
ATOM   557 C  "C3'"  . DA  B 1 11 ? -6.431  -9.190  13.420  1.00 35.57 ? 11  DA  B "C3'"  1 
ATOM   558 O  "O3'"  . DA  B 1 11 ? -6.401  -10.149 14.448  1.00 39.32 ? 11  DA  B "O3'"  1 
ATOM   559 C  "C2'"  . DA  B 1 11 ? -5.034  -8.918  12.884  1.00 33.14 ? 11  DA  B "C2'"  1 
ATOM   560 C  "C1'"  . DA  B 1 11 ? -5.336  -8.397  11.481  1.00 31.39 ? 11  DA  B "C1'"  1 
ATOM   561 N  N9     . DA  B 1 11 ? -5.204  -6.955  11.393  1.00 28.65 ? 11  DA  B N9     1 
ATOM   562 C  C8     . DA  B 1 11 ? -6.195  -6.020  11.378  1.00 28.91 ? 11  DA  B C8     1 
ATOM   563 N  N7     . DA  B 1 11 ? -5.751  -4.786  11.299  1.00 27.88 ? 11  DA  B N7     1 
ATOM   564 C  C5     . DA  B 1 11 ? -4.378  -4.927  11.268  1.00 26.06 ? 11  DA  B C5     1 
ATOM   565 C  C6     . DA  B 1 11 ? -3.332  -3.990  11.184  1.00 24.73 ? 11  DA  B C6     1 
ATOM   566 N  N6     . DA  B 1 11 ? -3.529  -2.670  11.121  1.00 25.65 ? 11  DA  B N6     1 
ATOM   567 N  N1     . DA  B 1 11 ? -2.065  -4.463  11.181  1.00 22.66 ? 11  DA  B N1     1 
ATOM   568 C  C2     . DA  B 1 11 ? -1.871  -5.785  11.246  1.00 22.34 ? 11  DA  B C2     1 
ATOM   569 N  N3     . DA  B 1 11 ? -2.771  -6.761  11.333  1.00 23.94 ? 11  DA  B N3     1 
ATOM   570 C  C4     . DA  B 1 11 ? -4.022  -6.257  11.330  1.00 25.48 ? 11  DA  B C4     1 
ATOM   571 P  P      . DG  B 1 12 ? -6.147  -9.682  15.965  1.00 41.09 ? 12  DG  B P      1 
ATOM   572 O  OP1    . DG  B 1 12 ? -6.199  -10.910 16.791  1.00 46.82 ? 12  DG  B OP1    1 
ATOM   573 O  OP2    . DG  B 1 12 ? -7.029  -8.539  16.270  1.00 44.25 ? 12  DG  B OP2    1 
ATOM   574 O  "O5'"  . DG  B 1 12 ? -4.681  -9.036  15.969  1.00 37.32 ? 12  DG  B "O5'"  1 
ATOM   575 C  "C5'"  . DG  B 1 12 ? -3.565  -9.841  16.062  1.00 35.03 ? 12  DG  B "C5'"  1 
ATOM   576 C  "C4'"  . DG  B 1 12 ? -2.303  -9.026  15.850  1.00 28.37 ? 12  DG  B "C4'"  1 
ATOM   577 O  "O4'"  . DG  B 1 12 ? -2.503  -8.037  14.819  1.00 26.59 ? 12  DG  B "O4'"  1 
ATOM   578 C  "C3'"  . DG  B 1 12 ? -1.844  -8.188  17.025  1.00 27.50 ? 12  DG  B "C3'"  1 
ATOM   579 O  "O3'"  . DG  B 1 12 ? -1.202  -8.998  17.970  1.00 28.77 ? 12  DG  B "O3'"  1 
ATOM   580 C  "C2'"  . DG  B 1 12 ? -0.851  -7.255  16.341  1.00 26.53 ? 12  DG  B "C2'"  1 
ATOM   581 C  "C1'"  . DG  B 1 12 ? -1.501  -7.043  14.976  1.00 24.51 ? 12  DG  B "C1'"  1 
ATOM   582 N  N9     . DG  B 1 12 ? -2.074  -5.713  14.799  1.00 22.62 ? 12  DG  B N9     1 
ATOM   583 C  C8     . DG  B 1 12 ? -3.400  -5.342  14.831  1.00 22.75 ? 12  DG  B C8     1 
ATOM   584 N  N7     . DG  B 1 12 ? -3.583  -4.063  14.616  1.00 24.26 ? 12  DG  B N7     1 
ATOM   585 C  C5     . DG  B 1 12 ? -2.297  -3.564  14.416  1.00 22.35 ? 12  DG  B C5     1 
ATOM   586 C  C6     . DG  B 1 12 ? -1.841  -2.240  14.140  1.00 22.69 ? 12  DG  B C6     1 
ATOM   587 O  O6     . DG  B 1 12 ? -2.513  -1.204  14.005  1.00 25.10 ? 12  DG  B O6     1 
ATOM   588 N  N1     . DG  B 1 12 ? -0.443  -2.183  14.020  1.00 21.94 ? 12  DG  B N1     1 
ATOM   589 C  C2     . DG  B 1 12 ? 0.394   -3.262  14.150  1.00 21.59 ? 12  DG  B C2     1 
ATOM   590 N  N2     . DG  B 1 12 ? 1.703   -3.024  14.004  1.00 22.21 ? 12  DG  B N2     1 
ATOM   591 N  N3     . DG  B 1 12 ? -0.022  -4.490  14.420  1.00 22.15 ? 12  DG  B N3     1 
ATOM   592 C  C4     . DG  B 1 12 ? -1.366  -4.569  14.536  1.00 21.87 ? 12  DG  B C4     1 
HETATM 593 MG MG     . MG  C 2 .  ? -0.226  -2.234  -0.015  0.51 23.00 ? 101 MG  A MG     1 
HETATM 594 O  O      . HOH D 3 .  ? -8.765  -5.170  -11.295 1.00 52.22 ? 201 HOH A O      1 
HETATM 595 O  O      . HOH D 3 .  ? -1.723  -1.263  0.996   0.42 20.41 ? 202 HOH A O      1 
HETATM 596 O  O      . HOH D 3 .  ? 5.215   3.241   -13.129 1.00 37.89 ? 203 HOH A O      1 
HETATM 597 O  O      . HOH D 3 .  ? 3.765   3.975   8.369   1.00 50.51 ? 204 HOH A O      1 
HETATM 598 O  O      . HOH D 3 .  ? -2.782  -1.204  -7.745  0.96 38.12 ? 205 HOH A O      1 
HETATM 599 O  O      . HOH D 3 .  ? 6.102   0.272   -13.690 0.94 35.81 ? 206 HOH A O      1 
HETATM 600 O  O      . HOH D 3 .  ? -5.484  7.661   -5.959  0.47 23.58 ? 207 HOH A O      1 
HETATM 601 O  O      . HOH D 3 .  ? 0.183   1.311   -9.121  0.93 28.65 ? 208 HOH A O      1 
HETATM 602 O  O      . HOH D 3 .  ? -0.542  -3.862  1.186   0.82 22.64 ? 209 HOH A O      1 
HETATM 603 O  O      . HOH D 3 .  ? -0.697  -9.797  8.519   0.92 29.25 ? 210 HOH A O      1 
HETATM 604 O  O      . HOH D 3 .  ? 3.477   -0.463  6.736   0.53 27.56 ? 211 HOH A O      1 
HETATM 605 O  O      . HOH D 3 .  ? 2.836   1.373   -9.798  0.86 29.90 ? 212 HOH A O      1 
HETATM 606 O  O      . HOH D 3 .  ? -1.459  -2.366  -4.048  0.76 24.72 ? 213 HOH A O      1 
HETATM 607 O  O      . HOH D 3 .  ? 8.901   8.833   -8.087  0.85 29.79 ? 214 HOH A O      1 
HETATM 608 O  O      . HOH D 3 .  ? -4.575  -5.156  -5.962  0.97 32.10 ? 215 HOH A O      1 
HETATM 609 O  O      . HOH D 3 .  ? 4.184   6.139   -14.060 0.75 34.71 ? 216 HOH A O      1 
HETATM 610 O  O      . HOH D 3 .  ? 3.019   -3.996  4.114   0.82 35.28 ? 217 HOH A O      1 
HETATM 611 O  O      . HOH D 3 .  ? -0.268  -0.656  -1.394  0.75 29.16 ? 218 HOH A O      1 
HETATM 612 O  O      . HOH D 3 .  ? -2.381  1.243   9.746   0.92 40.98 ? 219 HOH A O      1 
HETATM 613 O  O      . HOH D 3 .  ? 0.775   -1.201  6.660   0.70 26.16 ? 220 HOH A O      1 
HETATM 614 O  O      . HOH D 3 .  ? 7.639   2.549   -14.438 0.85 33.16 ? 221 HOH A O      1 
HETATM 615 O  O      . HOH D 3 .  ? -8.182  3.113   -5.732  0.84 27.58 ? 222 HOH A O      1 
HETATM 616 O  O      . HOH D 3 .  ? -1.952  0.908   -10.737 1.00 44.62 ? 223 HOH A O      1 
HETATM 617 O  O      . HOH D 3 .  ? -4.799  -5.639  -10.030 1.00 50.98 ? 224 HOH A O      1 
HETATM 618 O  O      . HOH D 3 .  ? -5.109  -9.956  4.196   0.97 39.41 ? 225 HOH A O      1 
HETATM 619 O  O      . HOH D 3 .  ? 16.672  5.107   -15.229 0.96 39.44 ? 226 HOH A O      1 
HETATM 620 O  O      . HOH D 3 .  ? 11.891  5.689   -8.275  0.76 32.97 ? 227 HOH A O      1 
HETATM 621 O  O      . HOH D 3 .  ? 1.279   -5.890  1.065   0.74 25.93 ? 228 HOH A O      1 
HETATM 622 O  O      . HOH D 3 .  ? 0.256   -0.281  -4.994  1.00 33.43 ? 229 HOH A O      1 
HETATM 623 O  O      . HOH D 3 .  ? -2.972  3.887   13.187  1.00 46.54 ? 230 HOH A O      1 
HETATM 624 O  O      . HOH D 3 .  ? -5.862  -9.091  -7.945  1.00 48.35 ? 231 HOH A O      1 
HETATM 625 O  O      . HOH D 3 .  ? 0.333   -1.295  3.989   0.71 33.01 ? 232 HOH A O      1 
HETATM 626 O  O      . HOH D 3 .  ? -1.402  -3.306  -1.395  0.89 27.91 ? 233 HOH A O      1 
HETATM 627 O  O      . HOH D 3 .  ? -1.374  -0.343  7.279   0.64 27.23 ? 234 HOH A O      1 
HETATM 628 O  O      . HOH D 3 .  ? -8.976  4.114   -8.136  0.64 31.93 ? 235 HOH A O      1 
HETATM 629 O  O      . HOH D 3 .  ? -1.495  -5.968  -1.867  0.57 33.86 ? 236 HOH A O      1 
HETATM 630 O  O      . HOH D 3 .  ? -2.927  -4.042  -7.166  0.90 40.86 ? 237 HOH A O      1 
HETATM 631 O  O      . HOH D 3 .  ? 1.910   -12.784 5.625   1.00 43.36 ? 238 HOH A O      1 
HETATM 632 O  O      . HOH D 3 .  ? 0.975   -1.567  1.670   0.82 36.06 ? 239 HOH A O      1 
HETATM 633 O  O      . HOH D 3 .  ? -0.224  -0.855  -7.838  0.80 35.43 ? 240 HOH A O      1 
HETATM 634 O  O      . HOH D 3 .  ? 1.552   -3.082  -0.757  0.64 28.98 ? 241 HOH A O      1 
HETATM 635 O  O      . HOH E 3 .  ? -1.785  7.379   4.516   0.92 42.09 ? 101 HOH B O      1 
HETATM 636 O  O      . HOH E 3 .  ? -3.618  0.203   6.048   1.00 40.10 ? 102 HOH B O      1 
HETATM 637 O  O      . HOH E 3 .  ? -14.119 0.399   9.171   0.99 47.88 ? 103 HOH B O      1 
HETATM 638 O  O      . HOH E 3 .  ? -1.021  13.282  4.417   0.92 44.07 ? 104 HOH B O      1 
HETATM 639 O  O      . HOH E 3 .  ? 5.785   -3.017  -2.475  0.81 39.10 ? 105 HOH B O      1 
HETATM 640 O  O      . HOH E 3 .  ? -2.301  1.272   1.081   0.65 21.86 ? 106 HOH B O      1 
HETATM 641 O  O      . HOH E 3 .  ? -2.933  4.265   1.980   0.80 34.57 ? 107 HOH B O      1 
HETATM 642 O  O      . HOH E 3 .  ? -5.349  -0.367  8.846   0.83 33.84 ? 108 HOH B O      1 
HETATM 643 O  O      . HOH E 3 .  ? -2.204  -10.327 20.118  0.56 24.91 ? 109 HOH B O      1 
HETATM 644 O  O      . HOH E 3 .  ? 3.750   -1.246  -8.972  0.78 30.13 ? 110 HOH B O      1 
HETATM 645 O  O      . HOH E 3 .  ? -6.116  -3.046  14.823  0.99 36.01 ? 111 HOH B O      1 
HETATM 646 O  O      . HOH E 3 .  ? 3.197   5.039   -0.082  0.79 26.34 ? 112 HOH B O      1 
HETATM 647 O  O      . HOH E 3 .  ? -2.025  -9.403  11.105  0.97 34.46 ? 113 HOH B O      1 
HETATM 648 O  O      . HOH E 3 .  ? -5.833  7.869   -3.262  0.86 34.70 ? 114 HOH B O      1 
HETATM 649 O  O      . HOH E 3 .  ? -5.654  11.905  2.937   0.96 42.59 ? 115 HOH B O      1 
HETATM 650 O  O      . HOH E 3 .  ? -5.230  -10.261 7.657   1.00 43.75 ? 116 HOH B O      1 
HETATM 651 O  O      . HOH E 3 .  ? -5.795  5.244   4.529   0.80 33.01 ? 117 HOH B O      1 
HETATM 652 O  O      . HOH E 3 .  ? -6.294  1.242   6.583   1.00 34.01 ? 118 HOH B O      1 
HETATM 653 O  O      . HOH E 3 .  ? -5.217  -0.383  13.670  0.73 35.08 ? 119 HOH B O      1 
HETATM 654 O  O      . HOH E 3 .  ? 6.073   6.155   3.376   0.79 40.88 ? 120 HOH B O      1 
HETATM 655 O  O      . HOH E 3 .  ? 2.975   14.480  2.356   0.96 33.48 ? 121 HOH B O      1 
HETATM 656 O  O      . HOH E 3 .  ? 2.083   2.916   -1.189  0.46 21.41 ? 122 HOH B O      1 
HETATM 657 O  O      . HOH E 3 .  ? 5.079   -0.682  -3.836  0.92 28.82 ? 123 HOH B O      1 
HETATM 658 O  O      . HOH E 3 .  ? -6.800  -2.148  12.025  0.91 35.49 ? 124 HOH B O      1 
HETATM 659 O  O      . HOH E 3 .  ? -8.527  3.732   6.385   0.92 46.28 ? 125 HOH B O      1 
HETATM 660 O  O      . HOH E 3 .  ? -3.809  3.035   4.301   0.87 39.87 ? 126 HOH B O      1 
HETATM 661 O  O      . HOH E 3 .  ? 6.531   0.502   0.153   0.97 47.38 ? 127 HOH B O      1 
HETATM 662 O  O      . HOH E 3 .  ? 1.524   7.293   1.462   0.80 35.87 ? 128 HOH B O      1 
HETATM 663 O  O      . HOH E 3 .  ? 2.335   0.153   -2.203  0.84 30.15 ? 129 HOH B O      1 
HETATM 664 O  O      . HOH E 3 .  ? 3.547   -0.500  -6.199  1.00 52.60 ? 130 HOH B O      1 
HETATM 665 O  O      . HOH E 3 .  ? 7.086   2.504   1.286   0.89 43.79 ? 131 HOH B O      1 
HETATM 666 O  O      . HOH E 3 .  ? -16.236 -2.272  6.995   1.00 49.90 ? 132 HOH B O      1 
HETATM 667 O  O      . HOH E 3 .  ? -6.123  -5.252  17.805  0.85 38.47 ? 133 HOH B O      1 
HETATM 668 O  O      . HOH E 3 .  ? -4.251  -8.679  20.337  0.72 29.02 ? 134 HOH B O      1 
HETATM 669 O  O      . HOH E 3 .  ? 5.033   13.026  3.886   1.00 42.86 ? 135 HOH B O      1 
# 
loop_
_atom_site_anisotrop.id 
_atom_site_anisotrop.type_symbol 
_atom_site_anisotrop.pdbx_label_atom_id 
_atom_site_anisotrop.pdbx_label_alt_id 
_atom_site_anisotrop.pdbx_label_comp_id 
_atom_site_anisotrop.pdbx_label_asym_id 
_atom_site_anisotrop.pdbx_label_seq_id 
_atom_site_anisotrop.pdbx_PDB_ins_code 
_atom_site_anisotrop.U[1][1] 
_atom_site_anisotrop.U[2][2] 
_atom_site_anisotrop.U[3][3] 
_atom_site_anisotrop.U[1][2] 
_atom_site_anisotrop.U[1][3] 
_atom_site_anisotrop.U[2][3] 
_atom_site_anisotrop.pdbx_auth_seq_id 
_atom_site_anisotrop.pdbx_auth_comp_id 
_atom_site_anisotrop.pdbx_auth_asym_id 
_atom_site_anisotrop.pdbx_auth_atom_id 
1   O  "O5'" . DC  A 1  ? 0.5045 0.6344 0.5451 -0.0814 0.0445  -0.0623 1  DC  A "O5'" 
2   C  "C5'" . DC  A 1  ? 0.5097 0.4759 0.4897 -0.0705 0.0290  0.0083  1  DC  A "C5'" 
3   C  "C4'" . DC  A 1  ? 0.4744 0.4319 0.4440 -0.0772 0.0383  0.0349  1  DC  A "C4'" 
4   O  "O4'" . DC  A 1  ? 0.4663 0.3676 0.4668 -0.0763 0.0329  0.0351  1  DC  A "O4'" 
5   C  "C3'" . DC  A 1  ? 0.4521 0.4061 0.3689 -0.0744 0.0258  0.0901  1  DC  A "C3'" 
6   O  "O3'" . DC  A 1  ? 0.4107 0.4266 0.3717 -0.1015 0.0332  0.0886  1  DC  A "O3'" 
7   C  "C2'" . DC  A 1  ? 0.4521 0.3691 0.3520 -0.0600 -0.0001 0.1027  1  DC  A "C2'" 
8   C  "C1'" . DC  A 1  ? 0.4443 0.3791 0.3937 -0.0607 0.0161  0.0628  1  DC  A "C1'" 
9   N  N1    . DC  A 1  ? 0.4260 0.3486 0.3778 -0.0351 -0.0028 0.0675  1  DC  A N1    
10  C  C2    . DC  A 1  ? 0.4002 0.3442 0.3446 -0.0415 -0.0095 0.0738  1  DC  A C2    
11  O  O2    . DC  A 1  ? 0.3756 0.3880 0.3150 -0.0616 -0.0160 0.0642  1  DC  A O2    
12  N  N3    . DC  A 1  ? 0.3762 0.3281 0.3447 0.0001  -0.0253 0.0842  1  DC  A N3    
13  C  C4    . DC  A 1  ? 0.3847 0.3382 0.3667 0.0107  -0.0118 0.0807  1  DC  A C4    
14  N  N4    . DC  A 1  ? 0.3781 0.3845 0.3712 0.0133  -0.0119 0.0736  1  DC  A N4    
15  C  C5    . DC  A 1  ? 0.4082 0.3419 0.3973 -0.0055 0.0045  0.0699  1  DC  A C5    
16  C  C6    . DC  A 1  ? 0.4049 0.3367 0.3938 -0.0225 0.0122  0.0651  1  DC  A C6    
17  N  N1    . BRU A 2  ? 0.2437 0.3491 0.2657 -0.0500 -0.0245 0.0741  2  BRU A N1    
18  C  C2    . BRU A 2  ? 0.2634 0.3998 0.2242 -0.0412 -0.0284 0.0587  2  BRU A C2    
19  N  N3    . BRU A 2  ? 0.2473 0.3764 0.2653 -0.0171 -0.0368 0.0553  2  BRU A N3    
20  C  C4    . BRU A 2  ? 0.2589 0.3511 0.2581 -0.0530 -0.0469 0.0836  2  BRU A C4    
21  C  C5    . BRU A 2  ? 0.3032 0.3088 0.2750 -0.0439 -0.0365 0.0859  2  BRU A C5    
22  C  C6    . BRU A 2  ? 0.2292 0.3934 0.2692 -0.0338 -0.0222 0.0497  2  BRU A C6    
23  O  O2    . BRU A 2  ? 0.2928 0.3542 0.2692 -0.0368 -0.0331 0.0518  2  BRU A O2    
24  O  O4    . BRU A 2  ? 0.2724 0.4086 0.3203 -0.0249 -0.0419 0.0488  2  BRU A O4    
25  BR BR    . BRU A 2  ? 0.2891 0.3374 0.2753 -0.0394 -0.0477 0.0760  2  BRU A BR    
26  C  "C1'" . BRU A 2  ? 0.2349 0.4091 0.2700 -0.0505 -0.0246 0.0726  2  BRU A "C1'" 
27  C  "C2'" . BRU A 2  ? 0.3075 0.4186 0.2825 -0.0613 0.0233  0.0634  2  BRU A "C2'" 
28  C  "C3'" . BRU A 2  ? 0.3647 0.4232 0.3065 -0.0671 0.0419  0.0691  2  BRU A "C3'" 
29  C  "C4'" . BRU A 2  ? 0.3096 0.4258 0.2813 -0.0760 0.0221  0.0890  2  BRU A "C4'" 
30  O  "O3'" . BRU A 2  ? 0.4429 0.4977 0.3888 -0.0687 0.0416  0.0071  2  BRU A "O3'" 
31  O  "O4'" . BRU A 2  ? 0.2581 0.4094 0.2476 -0.0397 -0.0087 0.0869  2  BRU A "O4'" 
32  C  "C5'" . BRU A 2  ? 0.3143 0.4551 0.3276 -0.0768 0.0079  0.0838  2  BRU A "C5'" 
33  O  "O5'" . BRU A 2  ? 0.3646 0.3985 0.3077 -0.0707 -0.0127 0.1240  2  BRU A "O5'" 
34  P  P     . BRU A 2  ? 0.3911 0.4508 0.3450 -0.0924 0.0008  0.1061  2  BRU A P     
35  O  OP1   . BRU A 2  ? 0.4238 0.4703 0.3972 -0.0776 0.0307  0.0927  2  BRU A OP1   
36  O  OP2   . BRU A 2  ? 0.3944 0.4678 0.3426 -0.0864 -0.0087 0.1168  2  BRU A OP2   
46  P  P     . DA  A 3  ? 0.5131 0.5325 0.4059 -0.0648 0.0915  -0.0178 3  DA  A P     
47  O  OP1   . DA  A 3  ? 0.4331 0.6399 0.5187 -0.1175 0.0946  -0.1018 3  DA  A OP1   
48  O  OP2   . DA  A 3  ? 0.5976 0.5474 0.3489 -0.0701 0.0648  0.0092  3  DA  A OP2   
49  O  "O5'" . DA  A 3  ? 0.3839 0.5915 0.3250 -0.0353 0.0396  -0.0261 3  DA  A "O5'" 
50  C  "C5'" . DA  A 3  ? 0.3281 0.5578 0.3024 -0.0114 0.0471  -0.0217 3  DA  A "C5'" 
51  C  "C4'" . DA  A 3  ? 0.2900 0.5155 0.2470 0.0053  -0.0096 0.0107  3  DA  A "C4'" 
52  O  "O4'" . DA  A 3  ? 0.2765 0.5332 0.2720 0.0141  -0.0177 -0.0103 3  DA  A "O4'" 
53  C  "C3'" . DA  A 3  ? 0.2820 0.5141 0.2343 0.0032  -0.0232 0.0092  3  DA  A "C3'" 
54  O  "O3'" . DA  A 3  ? 0.2671 0.5666 0.2699 -0.0015 -0.0311 -0.0348 3  DA  A "O3'" 
55  C  "C2'" . DA  A 3  ? 0.2898 0.4673 0.2843 0.0036  -0.0200 0.0095  3  DA  A "C2'" 
56  C  "C1'" . DA  A 3  ? 0.2655 0.4353 0.2849 0.0068  -0.0214 0.0279  3  DA  A "C1'" 
57  N  N9    . DA  A 3  ? 0.2628 0.4369 0.2684 -0.0168 -0.0191 0.0422  3  DA  A N9    
58  C  C8    . DA  A 3  ? 0.2550 0.4509 0.2787 -0.0169 -0.0280 0.0413  3  DA  A C8    
59  N  N7    . DA  A 3  ? 0.2546 0.4283 0.2564 -0.0151 -0.0259 0.0594  3  DA  A N7    
60  C  C5    . DA  A 3  ? 0.2432 0.4306 0.2639 -0.0292 -0.0186 0.0480  3  DA  A C5    
61  C  C6    . DA  A 3  ? 0.2691 0.4174 0.2539 -0.0294 -0.0077 0.0538  3  DA  A C6    
62  N  N6    . DA  A 3  ? 0.2470 0.4124 0.2499 0.0000  -0.0204 0.0466  3  DA  A N6    
63  N  N1    . DA  A 3  ? 0.2654 0.4098 0.2587 -0.0408 -0.0216 0.0538  3  DA  A N1    
64  C  C2    . DA  A 3  ? 0.2731 0.4541 0.2511 -0.0330 -0.0105 0.0310  3  DA  A C2    
65  N  N3    . DA  A 3  ? 0.2729 0.4430 0.2424 -0.0246 -0.0093 0.0331  3  DA  A N3    
66  C  C4    . DA  A 3  ? 0.2522 0.4548 0.2261 -0.0216 -0.0167 0.0469  3  DA  A C4    
78  P  P     . DC  A 4  ? 0.3147 0.5187 0.3118 -0.0203 -0.0189 -0.0489 4  DC  A P     
79  O  OP1   . DC  A 4  ? 0.3257 0.5637 0.3656 0.0199  0.0090  -0.0798 4  DC  A OP1   
80  O  OP2   . DC  A 4  ? 0.3680 0.5283 0.3367 -0.0425 0.0222  -0.0693 4  DC  A OP2   
81  O  "O5'" . DC  A 4  ? 0.3166 0.4418 0.3328 0.0098  -0.0386 -0.0080 4  DC  A "O5'" 
82  C  "C5'" . DC  A 4  ? 0.3007 0.4328 0.3411 0.0400  -0.0536 -0.0151 4  DC  A "C5'" 
83  C  "C4'" . DC  A 4  ? 0.2956 0.4394 0.3548 0.0405  -0.0778 -0.0189 4  DC  A "C4'" 
84  O  "O4'" . DC  A 4  ? 0.2992 0.4016 0.3407 0.0366  -0.0810 0.0188  4  DC  A "O4'" 
85  C  "C3'" . DC  A 4  ? 0.3216 0.4921 0.3600 0.0409  -0.0951 -0.0324 4  DC  A "C3'" 
86  O  "O3'" . DC  A 4  ? 0.3600 0.5779 0.3891 0.0454  -0.0902 -0.0714 4  DC  A "O3'" 
87  C  "C2'" . DC  A 4  ? 0.3094 0.4485 0.3536 0.0142  -0.1033 -0.0125 4  DC  A "C2'" 
88  C  "C1'" . DC  A 4  ? 0.3022 0.3771 0.3380 0.0309  -0.0946 0.0212  4  DC  A "C1'" 
89  N  N1    . DC  A 4  ? 0.2622 0.3666 0.3048 0.0091  -0.0592 0.0117  4  DC  A N1    
90  C  C2    . DC  A 4  ? 0.2465 0.3759 0.2948 0.0245  -0.0448 0.0114  4  DC  A C2    
91  O  O2    . DC  A 4  ? 0.2452 0.3929 0.3463 0.0158  -0.0319 0.0107  4  DC  A O2    
92  N  N3    . DC  A 4  ? 0.2583 0.3541 0.2435 0.0103  -0.0362 0.0235  4  DC  A N3    
93  C  C4    . DC  A 4  ? 0.2668 0.3823 0.2333 -0.0022 -0.0301 0.0139  4  DC  A C4    
94  N  N4    . DC  A 4  ? 0.2508 0.3933 0.2347 0.0035  -0.0311 0.0193  4  DC  A N4    
95  C  C5    . DC  A 4  ? 0.2482 0.3967 0.2519 -0.0185 -0.0151 -0.0106 4  DC  A C5    
96  C  C6    . DC  A 4  ? 0.2769 0.3864 0.2495 -0.0138 -0.0430 0.0094  4  DC  A C6    
108 P  P     . DG  A 5  ? 0.4045 0.6341 0.3964 0.0285  -0.0838 -0.0907 5  DG  A P     
109 O  OP1   . DG  A 5  ? 0.4374 0.6639 0.4591 0.0380  -0.0685 -0.1264 5  DG  A OP1   
110 O  OP2   . DG  A 5  ? 0.4341 0.6760 0.3910 0.0176  -0.0610 -0.0814 5  DG  A OP2   
111 O  "O5'" . DG  A 5  ? 0.4283 0.5043 0.3738 0.0140  -0.1023 -0.0380 5  DG  A "O5'" 
112 C  "C5'" . DG  A 5  ? 0.4185 0.3918 0.3844 0.0055  -0.1108 -0.0154 5  DG  A "C5'" 
113 C  "C4'" . DG  A 5  ? 0.4270 0.3274 0.3849 0.0076  -0.1146 0.0154  5  DG  A "C4'" 
114 O  "O4'" . DG  A 5  ? 0.4182 0.2778 0.3957 0.0041  -0.1133 0.0447  5  DG  A "O4'" 
115 C  "C3'" . DG  A 5  ? 0.4238 0.3722 0.3802 0.0275  -0.1179 -0.0081 5  DG  A "C3'" 
116 O  "O3'" . DG  A 5  ? 0.4497 0.4595 0.4065 0.0429  -0.1157 -0.0593 5  DG  A "O3'" 
117 C  "C2'" . DG  A 5  ? 0.4089 0.3615 0.3761 0.0071  -0.1044 0.0012  5  DG  A "C2'" 
118 C  "C1'" . DG  A 5  ? 0.3598 0.3067 0.3658 0.0046  -0.0969 0.0268  5  DG  A "C1'" 
119 N  N9    . DG  A 5  ? 0.2947 0.3019 0.3424 -0.0028 -0.0531 0.0098  5  DG  A N9    
120 C  C8    . DG  A 5  ? 0.2887 0.3496 0.2874 -0.0102 -0.0373 0.0067  5  DG  A C8    
121 N  N7    . DG  A 5  ? 0.2425 0.3200 0.2779 -0.0006 -0.0269 0.0113  5  DG  A N7    
122 C  C5    . DG  A 5  ? 0.2326 0.3384 0.2748 0.0189  -0.0243 -0.0014 5  DG  A C5    
123 C  C6    . DG  A 5  ? 0.2429 0.3189 0.2393 0.0147  -0.0294 0.0098  5  DG  A C6    
124 O  O6    . DG  A 5  ? 0.2664 0.3305 0.2549 0.0162  -0.0106 -0.0318 5  DG  A O6    
125 N  N1    . DG  A 5  ? 0.2450 0.3659 0.2184 -0.0116 -0.0267 -0.0065 5  DG  A N1    
126 C  C2    . DG  A 5  ? 0.2664 0.3282 0.2421 0.0095  -0.0360 0.0269  5  DG  A C2    
127 N  N2    . DG  A 5  ? 0.2402 0.3874 0.2714 -0.0083 -0.0374 0.0059  5  DG  A N2    
128 N  N3    . DG  A 5  ? 0.2643 0.3695 0.2695 0.0191  -0.0470 0.0042  5  DG  A N3    
129 C  C4    . DG  A 5  ? 0.2723 0.3184 0.2814 0.0144  -0.0349 0.0117  5  DG  A C4    
130 P  P     . DC  A 6  ? 0.4444 0.5046 0.4328 0.0532  -0.1041 -0.0871 6  DC  A P     
131 O  OP1   . DC  A 6  ? 0.4499 0.5740 0.4995 0.0511  -0.0878 -0.1426 6  DC  A OP1   
132 O  OP2   . DC  A 6  ? 0.4255 0.5662 0.4511 0.0411  -0.0768 -0.1114 6  DC  A OP2   
133 O  "O5'" . DC  A 6  ? 0.3859 0.4417 0.4292 0.0149  -0.0818 -0.0861 6  DC  A "O5'" 
134 C  "C5'" . DC  A 6  ? 0.3482 0.3746 0.4116 -0.0031 -0.0780 -0.0619 6  DC  A "C5'" 
135 C  "C4'" . DC  A 6  ? 0.3254 0.3005 0.4017 -0.0222 -0.0922 -0.0289 6  DC  A "C4'" 
136 O  "O4'" . DC  A 6  ? 0.3214 0.2916 0.3814 -0.0320 -0.0794 -0.0113 6  DC  A "O4'" 
137 C  "C3'" . DC  A 6  ? 0.3335 0.3093 0.3832 -0.0359 -0.0724 -0.0424 6  DC  A "C3'" 
138 O  "O3'" . DC  A 6  ? 0.3435 0.3409 0.3540 -0.0307 -0.0775 -0.0580 6  DC  A "O3'" 
139 C  "C2'" . DC  A 6  ? 0.3142 0.3208 0.3457 -0.0361 -0.0889 -0.0218 6  DC  A "C2'" 
140 C  "C1'" . DC  A 6  ? 0.3156 0.2602 0.3350 -0.0275 -0.0742 0.0085  6  DC  A "C1'" 
141 N  N1    . DC  A 6  ? 0.2569 0.3142 0.3175 -0.0302 -0.0411 -0.0205 6  DC  A N1    
142 C  C2    . DC  A 6  ? 0.2662 0.2971 0.2845 -0.0222 -0.0116 -0.0073 6  DC  A C2    
143 O  O2    . DC  A 6  ? 0.2528 0.3344 0.2719 -0.0325 -0.0091 0.0077  6  DC  A O2    
144 N  N3    . DC  A 6  ? 0.2576 0.2953 0.2678 -0.0114 -0.0207 -0.0173 6  DC  A N3    
145 C  C4    . DC  A 6  ? 0.2917 0.2897 0.2496 -0.0182 -0.0155 -0.0003 6  DC  A C4    
146 N  N4    . DC  A 6  ? 0.2751 0.2903 0.2559 0.0194  -0.0099 -0.0150 6  DC  A N4    
147 C  C5    . DC  A 6  ? 0.2778 0.3134 0.2738 -0.0136 -0.0449 -0.0019 6  DC  A C5    
148 C  C6    . DC  A 6  ? 0.2513 0.3000 0.3340 -0.0180 -0.0292 -0.0173 6  DC  A C6    
160 P  P     . DG  A 7  ? 0.3454 0.3766 0.3768 -0.0345 -0.0434 -0.0799 7  DG  A P     
161 O  OP1   . DG  A 7  ? 0.3552 0.4411 0.3757 -0.0227 -0.0486 -0.1079 7  DG  A OP1   
162 O  OP2   . DG  A 7  ? 0.3084 0.4096 0.4154 0.0066  -0.0289 -0.0822 7  DG  A OP2   
163 O  "O5'" . DG  A 7  ? 0.3297 0.3553 0.3327 -0.0652 -0.0227 -0.0444 7  DG  A "O5'" 
164 C  "C5'" . DG  A 7  ? 0.3449 0.3734 0.2829 -0.0654 -0.0156 -0.0395 7  DG  A "C5'" 
165 C  "C4'" . DG  A 7  ? 0.3491 0.3454 0.2697 -0.0678 -0.0246 0.0053  7  DG  A "C4'" 
166 O  "O4'" . DG  A 7  ? 0.3101 0.3279 0.2875 -0.0771 -0.0130 -0.0097 7  DG  A "O4'" 
167 C  "C3'" . DG  A 7  ? 0.3533 0.3916 0.2692 -0.0754 -0.0349 0.0067  7  DG  A "C3'" 
168 O  "O3'" . DG  A 7  ? 0.3570 0.4101 0.2869 -0.0839 -0.0528 0.0069  7  DG  A "O3'" 
169 C  "C2'" . DG  A 7  ? 0.3262 0.3817 0.2861 -0.0756 -0.0155 -0.0031 7  DG  A "C2'" 
170 C  "C1'" . DG  A 7  ? 0.2920 0.3438 0.2767 -0.0596 -0.0209 -0.0013 7  DG  A "C1'" 
171 N  N9    . DG  A 7  ? 0.2671 0.2890 0.2611 -0.0486 -0.0065 0.0105  7  DG  A N9    
172 C  C8    . DG  A 7  ? 0.2833 0.3059 0.2645 -0.0542 0.0048  -0.0078 7  DG  A C8    
173 N  N7    . DG  A 7  ? 0.2637 0.2747 0.2423 -0.0295 -0.0105 -0.0064 7  DG  A N7    
174 C  C5    . DG  A 7  ? 0.2595 0.2622 0.2587 -0.0285 -0.0010 0.0031  7  DG  A C5    
175 C  C6    . DG  A 7  ? 0.2599 0.2880 0.2742 -0.0116 0.0207  -0.0046 7  DG  A C6    
176 O  O6    . DG  A 7  ? 0.2625 0.2707 0.2627 -0.0142 0.0367  -0.0062 7  DG  A O6    
177 N  N1    . DG  A 7  ? 0.2272 0.3092 0.2637 0.0026  0.0080  0.0107  7  DG  A N1    
178 C  C2    . DG  A 7  ? 0.2276 0.2928 0.2609 0.0013  0.0068  0.0066  7  DG  A C2    
179 N  N2    . DG  A 7  ? 0.2572 0.3106 0.2729 0.0004  -0.0215 -0.0002 7  DG  A N2    
180 N  N3    . DG  A 7  ? 0.2538 0.2910 0.2828 -0.0187 0.0112  -0.0046 7  DG  A N3    
181 C  C4    . DG  A 7  ? 0.2588 0.2868 0.2604 -0.0268 0.0095  -0.0038 7  DG  A C4    
182 P  P     . DC  A 8  ? 0.3968 0.4244 0.2953 -0.0629 -0.0263 0.0001  8  DC  A P     
183 O  OP1   . DC  A 8  ? 0.4683 0.4577 0.3104 -0.0543 -0.0189 -0.0073 8  DC  A OP1   
184 O  OP2   . DC  A 8  ? 0.4129 0.4427 0.3080 -0.0851 -0.0024 0.0128  8  DC  A OP2   
185 O  "O5'" . DC  A 8  ? 0.3668 0.4179 0.3139 -0.0433 -0.0267 0.0072  8  DC  A "O5'" 
186 C  "C5'" . DC  A 8  ? 0.3523 0.3985 0.3013 -0.0349 -0.0279 0.0391  8  DC  A "C5'" 
187 C  "C4'" . DC  A 8  ? 0.3398 0.3851 0.3246 -0.0349 -0.0327 0.0314  8  DC  A "C4'" 
188 O  "O4'" . DC  A 8  ? 0.3316 0.3340 0.3398 -0.0556 -0.0264 0.0233  8  DC  A "O4'" 
189 C  "C3'" . DC  A 8  ? 0.3386 0.3945 0.3224 -0.0226 -0.0379 0.0352  8  DC  A "C3'" 
190 O  "O3'" . DC  A 8  ? 0.3574 0.4413 0.3186 -0.0194 -0.0597 0.0359  8  DC  A "O3'" 
191 C  "C2'" . DC  A 8  ? 0.3199 0.3714 0.3223 -0.0258 -0.0232 0.0278  8  DC  A "C2'" 
192 C  "C1'" . DC  A 8  ? 0.3020 0.3331 0.3325 -0.0359 -0.0084 0.0167  8  DC  A "C1'" 
193 N  N1    . DC  A 8  ? 0.3011 0.2836 0.3163 -0.0251 0.0086  0.0111  8  DC  A N1    
194 C  C2    . DC  A 8  ? 0.2838 0.2641 0.3181 -0.0325 0.0132  0.0046  8  DC  A C2    
195 O  O2    . DC  A 8  ? 0.2899 0.2704 0.3612 -0.0294 0.0035  0.0003  8  DC  A O2    
196 N  N3    . DC  A 8  ? 0.3014 0.2608 0.2821 -0.0024 0.0265  0.0193  8  DC  A N3    
197 C  C4    . DC  A 8  ? 0.2701 0.2736 0.2794 -0.0061 0.0385  -0.0051 8  DC  A C4    
198 N  N4    . DC  A 8  ? 0.2856 0.2549 0.2945 0.0231  0.0352  -0.0024 8  DC  A N4    
199 C  C5    . DC  A 8  ? 0.2812 0.2908 0.3005 -0.0308 0.0497  -0.0128 8  DC  A C5    
200 C  C6    . DC  A 8  ? 0.2665 0.3001 0.2712 -0.0109 0.0002  0.0092  8  DC  A C6    
212 P  P     . DG  A 9  ? 0.4033 0.4608 0.3037 -0.0390 -0.0651 0.0178  9  DG  A P     
213 O  OP1   . DG  A 9  ? 0.4421 0.5121 0.3341 -0.0390 -0.0994 0.0241  9  DG  A OP1   
214 O  OP2   . DG  A 9  ? 0.4413 0.4878 0.3095 -0.0246 -0.0274 -0.0003 9  DG  A OP2   
215 O  "O5'" . DG  A 9  ? 0.3235 0.4081 0.3568 0.0001  -0.0394 0.0003  9  DG  A "O5'" 
216 C  "C5'" . DG  A 9  ? 0.3380 0.3462 0.3490 0.0289  -0.0180 0.0228  9  DG  A "C5'" 
217 C  "C4'" . DG  A 9  ? 0.2858 0.3087 0.3079 0.0282  -0.0098 0.0478  9  DG  A "C4'" 
218 O  "O4'" . DG  A 9  ? 0.2444 0.3138 0.3230 0.0311  -0.0221 0.0357  9  DG  A "O4'" 
219 C  "C3'" . DG  A 9  ? 0.3038 0.3233 0.3038 0.0270  -0.0127 0.0439  9  DG  A "C3'" 
220 O  "O3'" . DG  A 9  ? 0.3526 0.3312 0.2937 0.0240  0.0074  0.0621  9  DG  A "O3'" 
221 C  "C2'" . DG  A 9  ? 0.2741 0.3382 0.3241 0.0156  -0.0057 0.0260  9  DG  A "C2'" 
222 C  "C1'" . DG  A 9  ? 0.2338 0.2902 0.3093 0.0225  0.0016  0.0326  9  DG  A "C1'" 
223 N  N9    . DG  A 9  ? 0.2416 0.2643 0.2792 0.0096  0.0168  0.0262  9  DG  A N9    
224 C  C8    . DG  A 9  ? 0.2892 0.2615 0.2519 0.0221  0.0140  0.0461  9  DG  A C8    
225 N  N7    . DG  A 9  ? 0.2511 0.2822 0.2607 0.0114  0.0258  0.0232  9  DG  A N7    
226 C  C5    . DG  A 9  ? 0.2236 0.2757 0.2776 0.0161  0.0118  -0.0027 9  DG  A C5    
227 C  C6    . DG  A 9  ? 0.2389 0.2597 0.2840 0.0308  0.0206  -0.0075 9  DG  A C6    
228 O  O6    . DG  A 9  ? 0.2608 0.2693 0.2791 0.0271  0.0096  -0.0008 9  DG  A O6    
229 N  N1    . DG  A 9  ? 0.2350 0.2509 0.2526 0.0332  0.0083  0.0059  9  DG  A N1    
230 C  C2    . DG  A 9  ? 0.2369 0.2465 0.2410 0.0331  0.0079  -0.0027 9  DG  A C2    
231 N  N2    . DG  A 9  ? 0.2581 0.2600 0.2496 0.0086  0.0240  -0.0013 9  DG  A N2    
232 N  N3    . DG  A 9  ? 0.2343 0.2512 0.2681 0.0071  0.0109  -0.0105 9  DG  A N3    
233 C  C4    . DG  A 9  ? 0.2433 0.2418 0.2765 0.0124  -0.0057 0.0165  9  DG  A C4    
234 P  P     . DT  A 10 ? 0.3805 0.3686 0.2942 0.0361  -0.0009 0.0650  10 DT  A P     
235 O  OP1   . DT  A 10 ? 0.3893 0.3860 0.3372 0.0256  -0.0177 0.0689  10 DT  A OP1   
236 O  OP2   . DT  A 10 ? 0.3667 0.3925 0.3276 0.0335  -0.0045 0.0239  10 DT  A OP2   
237 O  "O5'" . DT  A 10 ? 0.3410 0.3541 0.3120 0.0348  0.0202  0.0631  10 DT  A "O5'" 
238 C  "C5'" . DT  A 10 ? 0.3227 0.3508 0.3014 0.0557  0.0104  0.0799  10 DT  A "C5'" 
239 C  "C4'" . DT  A 10 ? 0.2812 0.3843 0.3050 0.0368  0.0546  0.0435  10 DT  A "C4'" 
240 O  "O4'" . DT  A 10 ? 0.2967 0.3004 0.3105 0.0384  0.0482  0.0443  10 DT  A "O4'" 
241 C  "C3'" . DT  A 10 ? 0.3120 0.4169 0.3154 0.0157  0.0800  0.0499  10 DT  A "C3'" 
242 O  "O3'" . DT  A 10 ? 0.3616 0.5520 0.3335 -0.0174 0.0878  0.0612  10 DT  A "O3'" 
243 C  "C2'" . DT  A 10 ? 0.2992 0.3129 0.2958 0.0264  0.0554  0.0612  10 DT  A "C2'" 
244 C  "C1'" . DT  A 10 ? 0.2866 0.2722 0.3237 0.0253  0.0458  0.0310  10 DT  A "C1'" 
245 N  N1    . DT  A 10 ? 0.2611 0.2709 0.3080 0.0226  0.0306  0.0179  10 DT  A N1    
246 C  C2    . DT  A 10 ? 0.2609 0.2861 0.2831 0.0170  0.0095  0.0062  10 DT  A C2    
247 O  O2    . DT  A 10 ? 0.2751 0.2968 0.2996 0.0112  0.0119  -0.0121 10 DT  A O2    
248 N  N3    . DT  A 10 ? 0.2556 0.2501 0.3062 0.0095  0.0431  -0.0027 10 DT  A N3    
249 C  C4    . DT  A 10 ? 0.2470 0.2696 0.2907 0.0345  0.0505  -0.0059 10 DT  A C4    
250 O  O4    . DT  A 10 ? 0.2546 0.2673 0.2932 0.0295  0.0311  0.0227  10 DT  A O4    
251 C  C5    . DT  A 10 ? 0.2410 0.3198 0.2936 0.0153  0.0483  -0.0202 10 DT  A C5    
252 C  C7    . DT  A 10 ? 0.2500 0.3092 0.2954 0.0283  0.0228  -0.0180 10 DT  A C7    
253 C  C6    . DT  A 10 ? 0.2549 0.3342 0.2877 0.0085  0.0423  -0.0037 10 DT  A C6    
254 P  P     . DA  A 11 ? 0.4017 0.7071 0.3554 -0.0291 0.0979  0.0550  11 DA  A P     
255 O  OP1   . DA  A 11 ? 0.4406 0.7294 0.4351 -0.0555 0.0969  0.0454  11 DA  A OP1   
256 O  OP2   . DA  A 11 ? 0.3968 0.7637 0.3764 -0.0609 0.1110  0.0056  11 DA  A OP2   
257 O  "O5'" . DA  A 11 ? 0.4202 0.6230 0.4006 -0.0152 0.1006  0.0665  11 DA  A "O5'" 
258 C  "C5'" . DA  A 11 ? 0.4129 0.4952 0.4673 -0.0136 0.1257  0.0600  11 DA  A "C5'" 
259 C  "C4'" . DA  A 11 ? 0.4100 0.3095 0.4668 0.0369  0.1537  0.0861  11 DA  A "C4'" 
260 O  "O4'" . DA  A 11 ? 0.4052 0.2891 0.4690 0.0398  0.1659  0.0649  11 DA  A "O4'" 
261 C  "C3'" . DA  A 11 ? 0.4219 0.3021 0.4537 0.0365  0.1697  0.0827  11 DA  A "C3'" 
262 O  "O3'" . DA  A 11 ? 0.4346 0.3080 0.4789 0.0323  0.1815  0.0731  11 DA  A "O3'" 
263 C  "C2'" . DA  A 11 ? 0.3764 0.3320 0.4616 0.0362  0.1766  0.0403  11 DA  A "C2'" 
264 C  "C1'" . DA  A 11 ? 0.3709 0.2964 0.4380 0.0355  0.1537  0.0572  11 DA  A "C1'" 
265 N  N9    . DA  A 11 ? 0.3636 0.2916 0.3672 0.0523  0.1348  0.0497  11 DA  A N9    
266 C  C8    . DA  A 11 ? 0.3450 0.3206 0.3703 0.0376  0.1598  0.0160  11 DA  A C8    
267 N  N7    . DA  A 11 ? 0.3446 0.2785 0.3388 0.0545  0.1371  0.0376  11 DA  A N7    
268 C  C5    . DA  A 11 ? 0.3164 0.2571 0.3099 0.0710  0.1066  0.0573  11 DA  A C5    
269 C  C6    . DA  A 11 ? 0.3059 0.2824 0.3037 0.0719  0.0805  0.0444  11 DA  A C6    
270 N  N6    . DA  A 11 ? 0.3005 0.3173 0.3409 0.0482  0.0743  0.0032  11 DA  A N6    
271 N  N1    . DA  A 11 ? 0.2787 0.3325 0.3180 0.0530  0.0804  0.0259  11 DA  A N1    
272 C  C2    . DA  A 11 ? 0.2987 0.3017 0.3434 0.0629  0.0931  0.0383  11 DA  A C2    
273 N  N3    . DA  A 11 ? 0.3121 0.2783 0.3558 0.0470  0.1071  0.0622  11 DA  A N3    
274 C  C4    . DA  A 11 ? 0.3316 0.2769 0.3610 0.0691  0.1232  0.0385  11 DA  A C4    
275 P  P     . DG  A 12 ? 0.4207 0.3452 0.4912 0.0301  0.1867  0.0453  12 DG  A P     
276 O  OP1   . DG  A 12 ? 0.4691 0.3913 0.5038 0.0073  0.2041  0.0449  12 DG  A OP1   
277 O  OP2   . DG  A 12 ? 0.4174 0.4238 0.4225 0.0537  0.1539  0.0413  12 DG  A OP2   
278 O  "O5'" . DG  A 12 ? 0.3751 0.3292 0.4667 0.0367  0.1743  0.0214  12 DG  A "O5'" 
279 C  "C5'" . DG  A 12 ? 0.3290 0.3130 0.4855 0.0238  0.1429  -0.0245 12 DG  A "C5'" 
280 C  "C4'" . DG  A 12 ? 0.2900 0.2677 0.4708 0.0141  0.0938  -0.0305 12 DG  A "C4'" 
281 O  "O4'" . DG  A 12 ? 0.2899 0.2754 0.4277 0.0026  0.0672  -0.0302 12 DG  A "O4'" 
282 C  "C3'" . DG  A 12 ? 0.2945 0.3201 0.4791 0.0055  0.0975  -0.0676 12 DG  A "C3'" 
283 O  "O3'" . DG  A 12 ? 0.2491 0.3630 0.5285 -0.0128 0.1186  -0.1222 12 DG  A "O3'" 
284 C  "C2'" . DG  A 12 ? 0.2951 0.3113 0.4187 0.0041  0.0801  -0.0407 12 DG  A "C2'" 
285 C  "C1'" . DG  A 12 ? 0.2945 0.2774 0.3853 0.0095  0.0792  -0.0319 12 DG  A "C1'" 
286 N  N9    . DG  A 12 ? 0.2801 0.2787 0.3531 0.0176  0.0542  -0.0225 12 DG  A N9    
287 C  C8    . DG  A 12 ? 0.2686 0.2826 0.3773 0.0134  0.0516  -0.0307 12 DG  A C8    
288 N  N7    . DG  A 12 ? 0.2613 0.2802 0.3538 0.0234  0.0561  -0.0267 12 DG  A N7    
289 C  C5    . DG  A 12 ? 0.2628 0.2932 0.3530 0.0108  0.0542  -0.0341 12 DG  A C5    
290 C  C6    . DG  A 12 ? 0.2587 0.2820 0.3269 0.0350  0.0286  -0.0186 12 DG  A C6    
291 O  O6    . DG  A 12 ? 0.2539 0.3313 0.3289 0.0108  0.0147  -0.0319 12 DG  A O6    
292 N  N1    . DG  A 12 ? 0.2469 0.2968 0.3101 0.0393  0.0229  -0.0146 12 DG  A N1    
293 C  C2    . DG  A 12 ? 0.2524 0.3108 0.2915 0.0310  0.0366  -0.0225 12 DG  A C2    
294 N  N2    . DG  A 12 ? 0.2441 0.3291 0.2957 0.0498  0.0498  -0.0367 12 DG  A N2    
295 N  N3    . DG  A 12 ? 0.2809 0.2701 0.3307 0.0312  0.0456  -0.0187 12 DG  A N3    
296 C  C4    . DG  A 12 ? 0.2601 0.2696 0.3525 0.0288  0.0552  -0.0331 12 DG  A C4    
297 O  "O5'" . DC  B 1  ? 0.3375 0.5199 0.7009 -0.0305 0.0959  0.0069  1  DC  B "O5'" 
298 C  "C5'" . DC  B 1  ? 0.3530 0.4336 0.6175 -0.0023 0.0945  0.0244  1  DC  B "C5'" 
299 C  "C4'" . DC  B 1  ? 0.3878 0.3487 0.5316 0.0010  0.0836  0.0349  1  DC  B "C4'" 
300 O  "O4'" . DC  B 1  ? 0.3634 0.3322 0.5018 0.0078  0.0736  0.0191  1  DC  B "O4'" 
301 C  "C3'" . DC  B 1  ? 0.3865 0.3476 0.4748 0.0115  0.0921  0.0463  1  DC  B "C3'" 
302 O  "O3'" . DC  B 1  ? 0.4475 0.3412 0.4681 0.0408  0.1164  0.0679  1  DC  B "O3'" 
303 C  "C2'" . DC  B 1  ? 0.3824 0.3118 0.4039 0.0108  0.0589  0.0825  1  DC  B "C2'" 
304 C  "C1'" . DC  B 1  ? 0.3416 0.3174 0.4219 0.0131  0.0530  0.0550  1  DC  B "C1'" 
305 N  N1    . DC  B 1  ? 0.2964 0.3174 0.4316 -0.0005 0.0293  0.0218  1  DC  B N1    
306 C  C2    . DC  B 1  ? 0.2847 0.3016 0.3838 0.0196  0.0261  0.0154  1  DC  B C2    
307 O  O2    . DC  B 1  ? 0.2751 0.3087 0.3426 0.0210  0.0246  0.0281  1  DC  B O2    
308 N  N3    . DC  B 1  ? 0.2615 0.3161 0.3970 -0.0065 0.0366  -0.0142 1  DC  B N3    
309 C  C4    . DC  B 1  ? 0.2833 0.3207 0.4080 -0.0058 0.0356  0.0089  1  DC  B C4    
310 N  N4    . DC  B 1  ? 0.2757 0.3312 0.3921 0.0028  0.0274  0.0206  1  DC  B N4    
311 C  C5    . DC  B 1  ? 0.2857 0.3476 0.4488 -0.0123 0.0362  0.0009  1  DC  B C5    
312 C  C6    . DC  B 1  ? 0.2894 0.3489 0.4320 -0.0130 0.0216  0.0196  1  DC  B C6    
313 N  N1    . BRU B 2  ? 0.2949 0.3100 0.3171 0.0327  0.0672  0.0263  2  BRU B N1    
314 C  C2    . BRU B 2  ? 0.3172 0.2782 0.2970 0.0534  0.0834  0.0259  2  BRU B C2    
315 N  N3    . BRU B 2  ? 0.3088 0.2992 0.3383 0.0166  0.0681  0.0150  2  BRU B N3    
316 C  C4    . BRU B 2  ? 0.3033 0.2662 0.3626 0.0532  0.0517  0.0221  2  BRU B C4    
317 C  C5    . BRU B 2  ? 0.3109 0.2603 0.3512 0.0350  0.0818  0.0340  2  BRU B C5    
318 C  C6    . BRU B 2  ? 0.2991 0.3098 0.3331 0.0523  0.0791  0.0213  2  BRU B C6    
319 O  O2    . BRU B 2  ? 0.3253 0.3007 0.3592 0.0050  0.0882  -0.0066 2  BRU B O2    
320 O  O4    . BRU B 2  ? 0.3104 0.2972 0.3763 0.0524  -0.0013 0.0288  2  BRU B O4    
321 BR BR    . BRU B 2  ? 0.2736 0.2602 0.3820 0.0320  0.0796  0.0450  2  BRU B BR    
322 C  "C1'" . BRU B 2  ? 0.2498 0.3632 0.3318 0.0566  0.0582  0.0095  2  BRU B "C1'" 
323 C  "C2'" . BRU B 2  ? 0.3044 0.4037 0.3137 0.0511  0.0572  -0.0126 2  BRU B "C2'" 
324 C  "C3'" . BRU B 2  ? 0.3740 0.3709 0.3206 0.0565  0.0435  0.0132  2  BRU B "C3'" 
325 C  "C4'" . BRU B 2  ? 0.3885 0.3355 0.3374 0.0664  0.0675  0.0314  2  BRU B "C4'" 
326 O  "O3'" . BRU B 2  ? 0.4428 0.3543 0.3481 0.0857  0.0231  0.0206  2  BRU B "O3'" 
327 O  "O4'" . BRU B 2  ? 0.3286 0.3831 0.3088 0.0564  0.0668  0.0093  2  BRU B "O4'" 
328 C  "C5'" . BRU B 2  ? 0.3897 0.3425 0.3998 0.0669  0.1130  0.0316  2  BRU B "C5'" 
329 O  "O5'" . BRU B 2  ? 0.4278 0.2922 0.4218 0.0646  0.1499  0.0702  2  BRU B "O5'" 
330 P  P     . BRU B 2  ? 0.5015 0.3409 0.4529 0.0546  0.1380  0.0883  2  BRU B P     
331 O  OP1   . BRU B 2  ? 0.5395 0.4043 0.4631 0.0356  0.1264  0.0720  2  BRU B OP1   
332 O  OP2   . BRU B 2  ? 0.4635 0.4042 0.4766 0.0407  0.1584  0.0714  2  BRU B OP2   
342 P  P     . DA  B 3  ? 0.4981 0.4084 0.3589 0.0507  0.0274  -0.0062 3  DA  B P     
343 O  OP1   . DA  B 3  ? 0.5498 0.4225 0.3955 0.0336  -0.0070 0.0083  3  DA  B OP1   
344 O  OP2   . DA  B 3  ? 0.5285 0.5206 0.3792 0.0056  0.0601  -0.0456 3  DA  B OP2   
345 O  "O5'" . DA  B 3  ? 0.3768 0.4069 0.3297 0.0984  0.0203  -0.0058 3  DA  B "O5'" 
346 C  "C5'" . DA  B 3  ? 0.3516 0.3699 0.3485 0.0829  0.0038  0.0014  3  DA  B "C5'" 
347 C  "C4'" . DA  B 3  ? 0.3119 0.3622 0.3743 0.0612  -0.0199 -0.0131 3  DA  B "C4'" 
348 O  "O4'" . DA  B 3  ? 0.2739 0.3805 0.3620 0.0459  0.0013  -0.0184 3  DA  B "O4'" 
349 C  "C3'" . DA  B 3  ? 0.3095 0.3539 0.4322 0.0824  -0.0430 -0.0387 3  DA  B "C3'" 
350 O  "O3'" . DA  B 3  ? 0.3345 0.4078 0.4606 0.1005  -0.0894 -0.0528 3  DA  B "O3'" 
351 C  "C2'" . DA  B 3  ? 0.3096 0.3335 0.4047 0.0439  -0.0244 -0.0248 3  DA  B "C2'" 
352 C  "C1'" . DA  B 3  ? 0.2788 0.3483 0.3515 0.0404  -0.0023 -0.0045 3  DA  B "C1'" 
353 N  N9    . DA  B 3  ? 0.2934 0.2838 0.3187 0.0303  -0.0035 0.0268  3  DA  B N9    
354 C  C8    . DA  B 3  ? 0.3018 0.2785 0.2854 0.0539  0.0069  0.0222  3  DA  B C8    
355 N  N7    . DA  B 3  ? 0.2916 0.2647 0.2769 0.0562  0.0155  0.0109  3  DA  B N7    
356 C  C5    . DA  B 3  ? 0.2729 0.2697 0.2754 0.0333  0.0351  -0.0005 3  DA  B C5    
357 C  C6    . DA  B 3  ? 0.2707 0.2705 0.2608 0.0426  0.0360  0.0020  3  DA  B C6    
358 N  N6    . DA  B 3  ? 0.2687 0.2624 0.2695 0.0343  0.0220  0.0107  3  DA  B N6    
359 N  N1    . DA  B 3  ? 0.2370 0.2745 0.2819 0.0411  0.0127  0.0019  3  DA  B N1    
360 C  C2    . DA  B 3  ? 0.2405 0.3305 0.3198 0.0175  -0.0059 -0.0172 3  DA  B C2    
361 N  N3    . DA  B 3  ? 0.2571 0.3082 0.3330 0.0242  0.0054  -0.0008 3  DA  B N3    
362 C  C4    . DA  B 3  ? 0.2651 0.3018 0.3230 0.0274  0.0074  0.0052  3  DA  B C4    
374 P  P     . DC  B 4  ? 0.4026 0.4344 0.4873 0.0776  -0.0962 -0.0707 4  DC  B P     
375 O  OP1   . DC  B 4  ? 0.3612 0.5308 0.5530 0.0766  -0.0874 -0.1349 4  DC  B OP1   
376 O  OP2   . DC  B 4  ? 0.4883 0.5022 0.4633 0.0625  -0.0828 -0.0613 4  DC  B OP2   
377 O  "O5'" . DC  B 4  ? 0.3574 0.3863 0.4335 0.0850  -0.0702 -0.0594 4  DC  B "O5'" 
378 C  "C5'" . DC  B 4  ? 0.3372 0.3555 0.4432 0.0672  -0.0462 -0.0655 4  DC  B "C5'" 
379 C  "C4'" . DC  B 4  ? 0.3345 0.3123 0.4242 0.0447  -0.0283 -0.0437 4  DC  B "C4'" 
380 O  "O4'" . DC  B 4  ? 0.2865 0.3050 0.3956 0.0362  0.0071  -0.0365 4  DC  B "O4'" 
381 C  "C3'" . DC  B 4  ? 0.3170 0.3576 0.4318 0.0403  -0.0482 -0.0663 4  DC  B "C3'" 
382 O  "O3'" . DC  B 4  ? 0.3326 0.4010 0.4685 0.0649  -0.0527 -0.1039 4  DC  B "O3'" 
383 C  "C2'" . DC  B 4  ? 0.3329 0.3532 0.3594 0.0232  -0.0338 -0.0217 4  DC  B "C2'" 
384 C  "C1'" . DC  B 4  ? 0.3155 0.3173 0.3419 0.0271  -0.0317 -0.0075 4  DC  B "C1'" 
385 N  N1    . DC  B 4  ? 0.2947 0.2591 0.3163 0.0364  -0.0175 0.0196  4  DC  B N1    
386 C  C2    . DC  B 4  ? 0.2436 0.2717 0.2724 0.0335  -0.0064 0.0150  4  DC  B C2    
387 O  O2    . DC  B 4  ? 0.2713 0.2389 0.3043 0.0204  -0.0068 0.0162  4  DC  B O2    
388 N  N3    . DC  B 4  ? 0.2577 0.2808 0.2525 0.0253  0.0256  -0.0029 4  DC  B N3    
389 C  C4    . DC  B 4  ? 0.2846 0.3082 0.2419 0.0217  0.0202  -0.0076 4  DC  B C4    
390 N  N4    . DC  B 4  ? 0.3234 0.2713 0.2708 0.0173  0.0102  0.0019  4  DC  B N4    
391 C  C5    . DC  B 4  ? 0.3187 0.2905 0.2841 0.0464  -0.0004 0.0032  4  DC  B C5    
392 C  C6    . DC  B 4  ? 0.2920 0.3078 0.3285 0.0337  -0.0084 -0.0059 4  DC  B C6    
404 P  P     . DG  B 5  ? 0.3472 0.4083 0.4899 0.0619  -0.0795 -0.1115 5  DG  B P     
405 O  OP1   . DG  B 5  ? 0.3948 0.4388 0.5561 0.0217  -0.0524 -0.1419 5  DG  B OP1   
406 O  OP2   . DG  B 5  ? 0.4310 0.3989 0.4508 0.0795  -0.0804 -0.0619 5  DG  B OP2   
407 O  "O5'" . DG  B 5  ? 0.3415 0.3756 0.4754 0.0463  -0.0687 -0.0939 5  DG  B "O5'" 
408 C  "C5'" . DG  B 5  ? 0.2997 0.3801 0.4360 0.0198  -0.0436 -0.0812 5  DG  B "C5'" 
409 C  "C4'" . DG  B 5  ? 0.2656 0.3300 0.4168 -0.0208 0.0071  -0.0590 5  DG  B "C4'" 
410 O  "O4'" . DG  B 5  ? 0.2417 0.3294 0.4182 -0.0285 0.0260  -0.0572 5  DG  B "O4'" 
411 C  "C3'" . DG  B 5  ? 0.2644 0.2965 0.3845 -0.0059 0.0051  -0.0501 5  DG  B "C3'" 
412 O  "O3'" . DG  B 5  ? 0.3020 0.2831 0.3496 -0.0347 0.0229  -0.0484 5  DG  B "O3'" 
413 C  "C2'" . DG  B 5  ? 0.2564 0.2791 0.3491 -0.0006 0.0128  -0.0373 5  DG  B "C2'" 
414 C  "C1'" . DG  B 5  ? 0.2442 0.2573 0.3742 0.0018  0.0239  -0.0265 5  DG  B "C1'" 
415 N  N9    . DG  B 5  ? 0.2650 0.2146 0.3329 0.0157  0.0123  -0.0035 5  DG  B N9    
416 C  C8    . DG  B 5  ? 0.2603 0.2647 0.3244 0.0207  0.0340  -0.0280 5  DG  B C8    
417 N  N7    . DG  B 5  ? 0.2643 0.2705 0.3227 0.0273  0.0254  -0.0264 5  DG  B N7    
418 C  C5    . DG  B 5  ? 0.2244 0.2642 0.2796 0.0258  0.0176  -0.0198 5  DG  B C5    
419 C  C6    . DG  B 5  ? 0.2568 0.2409 0.2626 0.0310  0.0123  0.0032  5  DG  B C6    
420 O  O6    . DG  B 5  ? 0.2765 0.2800 0.2905 0.0382  0.0197  0.0014  5  DG  B O6    
421 N  N1    . DG  B 5  ? 0.2509 0.2386 0.2815 0.0265  0.0161  -0.0118 5  DG  B N1    
422 C  C2    . DG  B 5  ? 0.2064 0.2677 0.2790 0.0213  -0.0058 -0.0032 5  DG  B C2    
423 N  N2    . DG  B 5  ? 0.2310 0.2554 0.3215 -0.0118 0.0017  0.0218  5  DG  B N2    
424 N  N3    . DG  B 5  ? 0.2551 0.2365 0.3001 0.0207  0.0092  0.0081  5  DG  B N3    
425 C  C4    . DG  B 5  ? 0.2494 0.2470 0.2949 0.0071  0.0246  -0.0074 5  DG  B C4    
426 P  P     . DC  B 6  ? 0.3275 0.2968 0.3464 -0.0087 0.0082  -0.0599 6  DC  B P     
427 O  OP1   . DC  B 6  ? 0.3791 0.3145 0.3790 0.0195  -0.0042 -0.0683 6  DC  B OP1   
428 O  OP2   . DC  B 6  ? 0.3458 0.3372 0.3718 -0.0060 0.0037  -0.0436 6  DC  B OP2   
429 O  "O5'" . DC  B 6  ? 0.3324 0.2738 0.3462 -0.0459 0.0280  -0.0506 6  DC  B "O5'" 
430 C  "C5'" . DC  B 6  ? 0.3228 0.2914 0.3504 -0.0285 0.0218  -0.0488 6  DC  B "C5'" 
431 C  "C4'" . DC  B 6  ? 0.3083 0.2789 0.3750 -0.0371 0.0282  -0.0480 6  DC  B "C4'" 
432 O  "O4'" . DC  B 6  ? 0.3099 0.2562 0.3495 -0.0388 0.0003  -0.0182 6  DC  B "O4'" 
433 C  "C3'" . DC  B 6  ? 0.2965 0.2626 0.3426 -0.0271 0.0299  -0.0336 6  DC  B "C3'" 
434 O  "O3'" . DC  B 6  ? 0.3329 0.3258 0.3702 -0.0521 0.0682  -0.0764 6  DC  B "O3'" 
435 C  "C2'" . DC  B 6  ? 0.2922 0.2500 0.3356 -0.0154 0.0101  -0.0293 6  DC  B "C2'" 
436 C  "C1'" . DC  B 6  ? 0.2510 0.2639 0.3483 -0.0204 0.0025  -0.0437 6  DC  B "C1'" 
437 N  N1    . DC  B 6  ? 0.2740 0.2237 0.3160 -0.0197 0.0194  -0.0151 6  DC  B N1    
438 C  C2    . DC  B 6  ? 0.2807 0.2802 0.2821 -0.0191 0.0079  -0.0140 6  DC  B C2    
439 O  O2    . DC  B 6  ? 0.2957 0.3041 0.3289 -0.0241 -0.0001 -0.0458 6  DC  B O2    
440 N  N3    . DC  B 6  ? 0.2527 0.2705 0.2779 0.0004  0.0125  -0.0069 6  DC  B N3    
441 C  C4    . DC  B 6  ? 0.2459 0.2776 0.2813 0.0138  0.0025  -0.0079 6  DC  B C4    
442 N  N4    . DC  B 6  ? 0.2950 0.2772 0.2968 0.0139  -0.0028 0.0036  6  DC  B N4    
443 C  C5    . DC  B 6  ? 0.2338 0.3060 0.3038 0.0034  -0.0082 -0.0270 6  DC  B C5    
444 C  C6    . DC  B 6  ? 0.2630 0.2937 0.2999 -0.0131 0.0022  -0.0186 6  DC  B C6    
456 P  P     . DG  B 7  ? 0.3430 0.3912 0.3972 -0.0486 0.0824  -0.0860 7  DG  B P     
457 O  OP1   . DG  B 7  ? 0.3809 0.4336 0.4555 -0.0512 0.0992  -0.1257 7  DG  B OP1   
458 O  OP2   . DG  B 7  ? 0.3456 0.4674 0.3990 -0.0443 0.0809  -0.0824 7  DG  B OP2   
459 O  "O5'" . DG  B 7  ? 0.3158 0.3373 0.4161 -0.0160 0.0557  -0.0578 7  DG  B "O5'" 
460 C  "C5'" . DG  B 7  ? 0.3057 0.3054 0.4277 0.0074  0.0359  -0.0440 7  DG  B "C5'" 
461 C  "C4'" . DG  B 7  ? 0.3183 0.2643 0.4396 0.0176  0.0352  -0.0337 7  DG  B "C4'" 
462 O  "O4'" . DG  B 7  ? 0.3122 0.2484 0.4359 0.0222  0.0166  -0.0447 7  DG  B "O4'" 
463 C  "C3'" . DG  B 7  ? 0.3203 0.2895 0.4524 0.0087  0.0557  -0.0454 7  DG  B "C3'" 
464 O  "O3'" . DG  B 7  ? 0.3302 0.3424 0.4593 -0.0040 0.0903  -0.0581 7  DG  B "O3'" 
465 C  "C2'" . DG  B 7  ? 0.3187 0.2948 0.4286 0.0262  0.0389  -0.0389 7  DG  B "C2'" 
466 C  "C1'" . DG  B 7  ? 0.2952 0.2866 0.4020 0.0429  0.0335  -0.0458 7  DG  B "C1'" 
467 N  N9    . DG  B 7  ? 0.2548 0.2901 0.3295 0.0301  0.0173  -0.0085 7  DG  B N9    
468 C  C8    . DG  B 7  ? 0.2466 0.2980 0.2999 0.0216  0.0202  0.0075  7  DG  B C8    
469 N  N7    . DG  B 7  ? 0.2720 0.2986 0.2994 -0.0040 0.0276  -0.0032 7  DG  B N7    
470 C  C5    . DG  B 7  ? 0.2299 0.3004 0.2847 0.0062  0.0137  -0.0113 7  DG  B C5    
471 C  C6    . DG  B 7  ? 0.2382 0.3104 0.2547 0.0172  0.0078  -0.0176 7  DG  B C6    
472 O  O6    . DG  B 7  ? 0.2587 0.2980 0.2805 0.0330  0.0115  -0.0238 7  DG  B O6    
473 N  N1    . DG  B 7  ? 0.2361 0.3081 0.2498 -0.0012 0.0128  -0.0009 7  DG  B N1    
474 C  C2    . DG  B 7  ? 0.2305 0.3229 0.2527 0.0052  -0.0013 -0.0037 7  DG  B C2    
475 N  N2    . DG  B 7  ? 0.2055 0.3246 0.2854 0.0003  -0.0224 0.0010  7  DG  B N2    
476 N  N3    . DG  B 7  ? 0.2342 0.3262 0.2935 0.0019  0.0055  -0.0085 7  DG  B N3    
477 C  C4    . DG  B 7  ? 0.2478 0.3106 0.3011 0.0088  0.0177  -0.0129 7  DG  B C4    
478 P  P     . DC  B 8  ? 0.3495 0.4104 0.4613 -0.0129 0.1114  -0.0943 8  DC  B P     
479 O  OP1   . DC  B 8  ? 0.3722 0.4449 0.4904 -0.0097 0.1202  -0.1135 8  DC  B OP1   
480 O  OP2   . DC  B 8  ? 0.3510 0.4858 0.4577 -0.0226 0.1031  -0.1197 8  DC  B OP2   
481 O  "O5'" . DC  B 8  ? 0.2984 0.4163 0.4321 -0.0072 0.0796  -0.0831 8  DC  B "O5'" 
482 C  "C5'" . DC  B 8  ? 0.3008 0.4043 0.4012 0.0156  0.0683  -0.0583 8  DC  B "C5'" 
483 C  "C4'" . DC  B 8  ? 0.3130 0.3905 0.3327 0.0363  0.0380  -0.0197 8  DC  B "C4'" 
484 O  "O4'" . DC  B 8  ? 0.2997 0.3733 0.3202 0.0580  0.0198  -0.0012 8  DC  B "O4'" 
485 C  "C3'" . DC  B 8  ? 0.3100 0.4166 0.3123 0.0418  0.0255  -0.0235 8  DC  B "C3'" 
486 O  "O3'" . DC  B 8  ? 0.3377 0.4119 0.3587 0.0263  0.0552  -0.0277 8  DC  B "O3'" 
487 C  "C2'" . DC  B 8  ? 0.2728 0.4009 0.2932 0.0423  -0.0070 -0.0166 8  DC  B "C2'" 
488 C  "C1'" . DC  B 8  ? 0.2724 0.3488 0.3033 0.0602  -0.0033 -0.0030 8  DC  B "C1'" 
489 N  N1    . DC  B 8  ? 0.2559 0.3368 0.2779 0.0311  -0.0097 -0.0112 8  DC  B N1    
490 C  C2    . DC  B 8  ? 0.2528 0.3606 0.2927 0.0307  -0.0077 -0.0418 8  DC  B C2    
491 O  O2    . DC  B 8  ? 0.2574 0.3949 0.3208 0.0289  -0.0311 -0.0565 8  DC  B O2    
492 N  N3    . DC  B 8  ? 0.2608 0.3431 0.2623 0.0135  0.0104  -0.0125 8  DC  B N3    
493 C  C4    . DC  B 8  ? 0.2640 0.3416 0.2620 0.0168  0.0190  -0.0079 8  DC  B C4    
494 N  N4    . DC  B 8  ? 0.2693 0.3436 0.2721 0.0057  0.0275  -0.0114 8  DC  B N4    
495 C  C5    . DC  B 8  ? 0.2820 0.3326 0.2866 0.0223  0.0150  -0.0100 8  DC  B C5    
496 C  C6    . DC  B 8  ? 0.2695 0.3525 0.3025 0.0190  0.0356  -0.0303 8  DC  B C6    
508 P  P     . DG  B 9  ? 0.3631 0.3969 0.3647 0.0197  0.0549  -0.0453 9  DG  B P     
509 O  OP1   . DG  B 9  ? 0.3823 0.4154 0.4342 0.0255  0.0802  -0.0580 9  DG  B OP1   
510 O  OP2   . DG  B 9  ? 0.3978 0.4071 0.3948 -0.0121 0.0559  -0.0751 9  DG  B OP2   
511 O  "O5'" . DG  B 9  ? 0.2912 0.4064 0.3239 0.0066  0.0221  -0.0380 9  DG  B "O5'" 
512 C  "C5'" . DG  B 9  ? 0.2445 0.3887 0.3502 -0.0016 0.0095  -0.0333 9  DG  B "C5'" 
513 C  "C4'" . DG  B 9  ? 0.2429 0.3770 0.3157 0.0223  -0.0151 -0.0057 9  DG  B "C4'" 
514 O  "O4'" . DG  B 9  ? 0.2285 0.3730 0.3001 0.0206  -0.0288 -0.0178 9  DG  B "O4'" 
515 C  "C3'" . DG  B 9  ? 0.2429 0.3992 0.3439 -0.0061 -0.0220 -0.0206 9  DG  B "C3'" 
516 O  "O3'" . DG  B 9  ? 0.2359 0.4322 0.3581 -0.0173 -0.0025 0.0033  9  DG  B "O3'" 
517 C  "C2'" . DG  B 9  ? 0.2226 0.3410 0.3370 -0.0262 -0.0343 -0.0080 9  DG  B "C2'" 
518 C  "C1'" . DG  B 9  ? 0.2157 0.3428 0.3196 0.0001  -0.0413 -0.0190 9  DG  B "C1'" 
519 N  N9    . DG  B 9  ? 0.2308 0.3439 0.2979 0.0092  -0.0274 -0.0199 9  DG  B N9    
520 C  C8    . DG  B 9  ? 0.2232 0.3447 0.2672 0.0388  -0.0264 -0.0107 9  DG  B C8    
521 N  N7    . DG  B 9  ? 0.2556 0.3398 0.2733 0.0184  -0.0308 -0.0079 9  DG  B N7    
522 C  C5    . DG  B 9  ? 0.2574 0.3112 0.2611 0.0063  -0.0445 0.0145  9  DG  B C5    
523 C  C6    . DG  B 9  ? 0.2787 0.3071 0.2336 -0.0124 -0.0297 0.0240  9  DG  B C6    
524 O  O6    . DG  B 9  ? 0.2847 0.3551 0.2345 -0.0125 -0.0182 0.0033  9  DG  B O6    
525 N  N1    . DG  B 9  ? 0.2624 0.3346 0.2544 -0.0223 -0.0337 -0.0005 9  DG  B N1    
526 C  C2    . DG  B 9  ? 0.2415 0.3490 0.2539 -0.0043 -0.0418 -0.0041 9  DG  B C2    
527 N  N2    . DG  B 9  ? 0.2559 0.3333 0.2756 0.0069  -0.0449 0.0072  9  DG  B N2    
528 N  N3    . DG  B 9  ? 0.2576 0.3345 0.3000 -0.0125 -0.0372 -0.0105 9  DG  B N3    
529 C  C4    . DG  B 9  ? 0.2260 0.3331 0.2975 -0.0010 -0.0310 -0.0156 9  DG  B C4    
530 P  P     . DT  B 10 ? 0.2685 0.4412 0.3772 -0.0023 0.0069  0.0196  10 DT  B P     
531 O  OP1   . DT  B 10 ? 0.2994 0.4690 0.4291 0.0061  0.0284  0.0175  10 DT  B OP1   
532 O  OP2   . DT  B 10 ? 0.3042 0.4944 0.3644 -0.0055 0.0295  0.0062  10 DT  B OP2   
533 O  "O5'" . DT  B 10 ? 0.2753 0.4659 0.3946 -0.0129 -0.0009 0.0008  10 DT  B "O5'" 
534 C  "C5'" . DT  B 10 ? 0.2743 0.4333 0.3837 -0.0198 -0.0356 0.0303  10 DT  B "C5'" 
535 C  "C4'" . DT  B 10 ? 0.2961 0.4075 0.3547 -0.0085 -0.0419 0.0649  10 DT  B "C4'" 
536 O  "O4'" . DT  B 10 ? 0.2724 0.4834 0.3385 -0.0187 -0.0529 0.0401  10 DT  B "O4'" 
537 C  "C3'" . DT  B 10 ? 0.3214 0.4303 0.3969 -0.0019 -0.0139 0.0529  10 DT  B "C3'" 
538 O  "O3'" . DT  B 10 ? 0.3652 0.4472 0.4553 -0.0146 0.0168  0.0637  10 DT  B "O3'" 
539 C  "C2'" . DT  B 10 ? 0.3007 0.4379 0.3653 0.0211  -0.0461 0.0546  10 DT  B "C2'" 
540 C  "C1'" . DT  B 10 ? 0.2586 0.4645 0.3015 -0.0004 -0.0694 0.0588  10 DT  B "C1'" 
541 N  N1    . DT  B 10 ? 0.2402 0.4274 0.3097 0.0081  -0.0480 0.0437  10 DT  B N1    
542 C  C2    . DT  B 10 ? 0.2462 0.4118 0.3113 0.0005  -0.0344 0.0340  10 DT  B C2    
543 O  O2    . DT  B 10 ? 0.2758 0.4276 0.3357 0.0040  -0.0347 0.0266  10 DT  B O2    
544 N  N3    . DT  B 10 ? 0.2676 0.3957 0.2661 -0.0116 -0.0321 0.0516  10 DT  B N3    
545 C  C4    . DT  B 10 ? 0.2418 0.4300 0.2501 -0.0133 -0.0398 0.0377  10 DT  B C4    
546 O  O4    . DT  B 10 ? 0.2843 0.4443 0.2593 -0.0362 -0.0143 0.0402  10 DT  B O4    
547 C  C5    . DT  B 10 ? 0.2502 0.3888 0.2634 0.0073  -0.0301 0.0497  10 DT  B C5    
548 C  C7    . DT  B 10 ? 0.2640 0.3904 0.3008 0.0174  -0.0168 0.0186  10 DT  B C7    
549 C  C6    . DT  B 10 ? 0.2604 0.4254 0.2708 0.0034  -0.0154 0.0457  10 DT  B C6    
550 P  P     . DA  B 11 ? 0.4487 0.4880 0.4744 -0.0183 0.0495  0.0947  11 DA  B P     
551 O  OP1   . DA  B 11 ? 0.4962 0.4841 0.4868 -0.0201 0.0660  0.1083  11 DA  B OP1   
552 O  OP2   . DA  B 11 ? 0.4597 0.5182 0.5314 -0.0030 0.0877  0.0334  11 DA  B OP2   
553 O  "O5'" . DA  B 11 ? 0.4353 0.5504 0.4683 -0.0316 0.0379  0.0958  11 DA  B "O5'" 
554 C  "C5'" . DA  B 11 ? 0.3986 0.6029 0.4656 -0.0814 0.0167  0.0750  11 DA  B "C5'" 
555 C  "C4'" . DA  B 11 ? 0.3882 0.5497 0.3785 -0.1161 -0.0401 0.1325  11 DA  B "C4'" 
556 O  "O4'" . DA  B 11 ? 0.3380 0.5314 0.3518 -0.1262 -0.0817 0.1226  11 DA  B "O4'" 
557 C  "C3'" . DA  B 11 ? 0.3767 0.6139 0.3610 -0.1352 -0.0333 0.1299  11 DA  B "C3'" 
558 O  "O3'" . DA  B 11 ? 0.3797 0.7120 0.4023 -0.1461 -0.0171 0.1316  11 DA  B "O3'" 
559 C  "C2'" . DA  B 11 ? 0.3726 0.5606 0.3260 -0.1190 -0.0387 0.1276  11 DA  B "C2'" 
560 C  "C1'" . DA  B 11 ? 0.3248 0.5229 0.3451 -0.1180 -0.0363 0.0979  11 DA  B "C1'" 
561 N  N9    . DA  B 11 ? 0.2835 0.5367 0.2684 -0.0865 -0.0097 0.0702  11 DA  B N9    
562 C  C8    . DA  B 11 ? 0.2833 0.5342 0.2810 -0.0720 -0.0082 0.0475  11 DA  B C8    
563 N  N7    . DA  B 11 ? 0.2452 0.5519 0.2620 -0.0645 0.0007  0.0173  11 DA  B N7    
564 C  C5    . DA  B 11 ? 0.2560 0.4911 0.2430 -0.0498 -0.0048 0.0494  11 DA  B C5    
565 C  C6    . DA  B 11 ? 0.2510 0.4183 0.2706 -0.0245 -0.0091 0.0394  11 DA  B C6    
566 N  N6    . DA  B 11 ? 0.2935 0.4080 0.2731 -0.0160 -0.0101 0.0335  11 DA  B N6    
567 N  N1    . DA  B 11 ? 0.2433 0.3641 0.2533 -0.0090 -0.0156 0.0649  11 DA  B N1    
568 C  C2    . DA  B 11 ? 0.2513 0.3698 0.2278 -0.0403 -0.0043 0.0805  11 DA  B C2    
569 N  N3    . DA  B 11 ? 0.2508 0.4246 0.2342 -0.0734 0.0036  0.0597  11 DA  B N3    
570 C  C4    . DA  B 11 ? 0.2348 0.4875 0.2457 -0.0857 0.0129  0.0479  11 DA  B C4    
571 P  P     . DG  B 12 ? 0.3602 0.8112 0.3897 -0.1436 -0.0275 0.1455  12 DG  B P     
572 O  OP1   . DG  B 12 ? 0.3930 0.9070 0.4787 -0.1379 0.0078  0.0761  12 DG  B OP1   
573 O  OP2   . DG  B 12 ? 0.3928 0.8853 0.4033 -0.1070 -0.0054 0.0962  12 DG  B OP2   
574 O  "O5'" . DG  B 12 ? 0.3556 0.6774 0.3849 -0.1167 -0.0126 0.1468  12 DG  B "O5'" 
575 C  "C5'" . DG  B 12 ? 0.3525 0.5940 0.3845 -0.0777 -0.0007 0.0988  12 DG  B "C5'" 
576 C  "C4'" . DG  B 12 ? 0.3300 0.4729 0.2749 -0.0559 -0.0394 0.1071  12 DG  B "C4'" 
577 O  "O4'" . DG  B 12 ? 0.3130 0.4124 0.2847 -0.0458 -0.0351 0.0602  12 DG  B "O4'" 
578 C  "C3'" . DG  B 12 ? 0.3588 0.4364 0.2497 -0.0471 -0.0308 0.0990  12 DG  B "C3'" 
579 O  "O3'" . DG  B 12 ? 0.3771 0.4113 0.3047 -0.0208 -0.0535 0.0858  12 DG  B "O3'" 
580 C  "C2'" . DG  B 12 ? 0.3198 0.4146 0.2738 -0.0267 -0.0472 0.0716  12 DG  B "C2'" 
581 C  "C1'" . DG  B 12 ? 0.2946 0.3677 0.2690 -0.0381 -0.0095 0.0614  12 DG  B "C1'" 
582 N  N9    . DG  B 12 ? 0.2501 0.3702 0.2390 -0.0296 -0.0099 0.0446  12 DG  B N9    
583 C  C8    . DG  B 12 ? 0.2691 0.3395 0.2559 -0.0394 -0.0069 0.0406  12 DG  B C8    
584 N  N7    . DG  B 12 ? 0.2810 0.3497 0.2911 -0.0278 -0.0008 0.0135  12 DG  B N7    
585 C  C5    . DG  B 12 ? 0.2596 0.3182 0.2716 -0.0173 0.0052  0.0450  12 DG  B C5    
586 C  C6    . DG  B 12 ? 0.2395 0.3374 0.2850 0.0034  0.0088  0.0466  12 DG  B C6    
587 O  O6    . DG  B 12 ? 0.3000 0.3403 0.3133 0.0153  -0.0036 0.0573  12 DG  B O6    
588 N  N1    . DG  B 12 ? 0.2471 0.3481 0.2384 -0.0132 -0.0100 0.0551  12 DG  B N1    
589 C  C2    . DG  B 12 ? 0.2270 0.3432 0.2501 -0.0119 -0.0050 0.0219  12 DG  B C2    
590 N  N2    . DG  B 12 ? 0.2496 0.3554 0.2389 -0.0289 -0.0078 0.0195  12 DG  B N2    
591 N  N3    . DG  B 12 ? 0.2247 0.3384 0.2784 -0.0119 -0.0163 0.0225  12 DG  B N3    
592 C  C4    . DG  B 12 ? 0.2626 0.3202 0.2481 -0.0133 -0.0088 0.0576  12 DG  B C4    
# 
